data_8FTM
#
_entry.id   8FTM
#
_cell.length_a   56.705
_cell.length_b   107.323
_cell.length_c   162.029
_cell.angle_alpha   90.000
_cell.angle_beta   99.640
_cell.angle_gamma   90.000
#
_symmetry.space_group_name_H-M   'P 1 21 1'
#
loop_
_entity.id
_entity.type
_entity.pdbx_description
1 polymer "5'-3' RNA helicase-like protein"
2 polymer "RNA (5'-R(*UP*UP*UP*UP*UP*UP*UP*UP*UP*UP*UP*U)-3')"
3 non-polymer "ADENOSINE-5'-DIPHOSPHATE"
4 non-polymer 'SULFATE ION'
5 water water
#
loop_
_entity_poly.entity_id
_entity_poly.type
_entity_poly.pdbx_seq_one_letter_code
_entity_poly.pdbx_strand_id
1 'polypeptide(L)'
;SVKKMKILRSAKDMRARLIPPMDVLHQAILEWDIFHEGNDPPNGYRCGNVSDTYPDPYSYKQTFFPLLINEAWRSFVTAK
DETTSKPFGIKVLSRMTVDKFMEVTAAVPAQISKDRGLTEGDIVIISKGEDPLNQPQELHCLSRIWKTTYKKDTVEVVYR
LNAKGNQILPALTPGSEFQVVKITNMTTIEREYAALESLQYYDLMDEILKAQPSPMLTFGDEAIKAVMDNYQLNPGQARA
ILNAKENDGFTLIQGPPGTGKTKTIVAMVGCLLTGVLKSSNTGAVQISRPGAGPTNGTAPSKKLLVCAPSNAAVDELVLR
LKAGVKTMNGTFHKIEVLRLGRSDVINAAVKDVTLDELVKARMDAELSKNSSPSERDQLHKEAGEIKAKLAEIRPQLDAA
RLSDDRASAMKLQREFDELKRRQAHIGAKIDADKASGNTYARETEIKRRQIQQEILDKAQVLCATLSGSGHEMFKNLNVE
FETVIIDEAAQCVELSALIPLKYGCNKCILVGDPKQLPPTVLSQSAAKYGYDQSLFVRMQKNHPKDVHLLDMQYRMHPEI
SRFPSKEFYEGLLQDGADMARLRLQPWHQSVLLGPYRFFDVKGSQERGPKNQSLVNEEEVKVAMQLYMRFRSDYRDIDLT
GKIGIITPYKAQLQRLRQKFVERYGESITEQIEFNTTDAFQGRECEIIIFSCVRASPTGGIGFMTDIRRMNVGLTRARSS
LWILGDSRALVQGEFWAKLIEDAKQRDRYTNGNIMALLSQPGPRVSLESLAKQYSVPVAPVARSKEDVEMHDT
;
A,B
2 'polyribonucleotide' UUUUUUUUUUUUUUU C,D
#
loop_
_chem_comp.id
_chem_comp.type
_chem_comp.name
_chem_comp.formula
ADP non-polymer ADENOSINE-5'-DIPHOSPHATE 'C10 H15 N5 O10 P2'
SO4 non-polymer 'SULFATE ION' 'O4 S -2'
U RNA linking URIDINE-5'-MONOPHOSPHATE 'C9 H13 N2 O9 P'
#
# COMPACT_ATOMS: atom_id res chain seq x y z
N ARG A 17 42.28 35.04 22.25
CA ARG A 17 41.72 36.40 22.28
C ARG A 17 41.15 36.78 20.92
N LEU A 18 39.84 37.06 20.88
CA LEU A 18 39.15 37.36 19.63
C LEU A 18 38.33 38.65 19.81
N ILE A 19 39.04 39.73 20.07
CA ILE A 19 38.50 41.07 20.25
C ILE A 19 39.40 42.01 19.45
N PRO A 20 39.17 42.18 18.15
CA PRO A 20 40.03 43.06 17.36
C PRO A 20 39.74 44.52 17.65
N PRO A 21 40.67 45.41 17.34
CA PRO A 21 40.44 46.85 17.56
C PRO A 21 39.46 47.43 16.55
N MET A 22 38.44 48.10 17.07
CA MET A 22 37.41 48.72 16.25
C MET A 22 37.73 50.17 15.90
N ASP A 23 38.97 50.61 16.13
CA ASP A 23 39.34 52.00 15.90
C ASP A 23 39.23 52.36 14.41
N VAL A 24 39.73 51.50 13.53
CA VAL A 24 39.75 51.82 12.11
C VAL A 24 38.33 51.97 11.57
N LEU A 25 37.45 51.03 11.92
CA LEU A 25 36.07 51.07 11.42
C LEU A 25 35.34 52.30 11.96
N HIS A 26 35.46 52.54 13.27
CA HIS A 26 34.79 53.69 13.86
C HIS A 26 35.29 55.00 13.27
N GLN A 27 36.59 55.09 12.99
CA GLN A 27 37.12 56.32 12.39
C GLN A 27 36.64 56.48 10.96
N ALA A 28 36.62 55.40 10.19
CA ALA A 28 36.10 55.46 8.82
C ALA A 28 34.64 55.91 8.81
N ILE A 29 33.85 55.43 9.77
CA ILE A 29 32.42 55.78 9.78
C ILE A 29 32.24 57.21 10.26
N LEU A 30 32.95 57.61 11.32
CA LEU A 30 32.81 58.96 11.84
C LEU A 30 33.42 60.00 10.91
N GLU A 31 34.20 59.59 9.92
CA GLU A 31 34.73 60.52 8.93
C GLU A 31 33.87 60.50 7.67
N TRP A 32 32.61 60.89 7.86
CA TRP A 32 31.61 60.92 6.80
C TRP A 32 30.81 62.20 6.89
N ASP A 33 30.52 62.79 5.73
CA ASP A 33 29.56 63.89 5.65
C ASP A 33 28.19 63.32 5.31
N ILE A 34 27.20 63.62 6.15
CA ILE A 34 25.89 62.99 6.05
C ILE A 34 25.13 63.42 4.78
N PHE A 35 25.57 64.49 4.12
CA PHE A 35 24.82 65.08 3.02
C PHE A 35 25.52 64.76 1.70
N HIS A 36 25.32 63.52 1.24
CA HIS A 36 25.79 63.03 -0.04
C HIS A 36 25.07 61.72 -0.36
N GLU A 37 24.90 61.44 -1.63
CA GLU A 37 24.18 60.24 -2.07
C GLU A 37 25.02 59.39 -3.02
N GLY A 38 26.22 59.03 -2.59
CA GLY A 38 27.11 58.21 -3.40
CA GLY A 44 35.50 56.05 -1.16
C GLY A 44 36.65 55.11 -0.82
N TYR A 45 36.60 53.91 -1.37
CA TYR A 45 37.63 52.90 -1.13
C TYR A 45 37.89 52.16 -2.44
N ARG A 46 38.50 50.99 -2.34
CA ARG A 46 38.91 50.20 -3.51
C ARG A 46 38.07 48.93 -3.56
N CYS A 47 36.90 49.03 -4.15
CA CYS A 47 35.96 47.91 -4.23
C CYS A 47 36.24 47.11 -5.50
N GLY A 48 36.58 45.83 -5.34
CA GLY A 48 36.90 44.94 -6.44
C GLY A 48 35.95 43.76 -6.49
N ASN A 49 36.19 42.89 -7.46
CA ASN A 49 35.37 41.70 -7.59
C ASN A 49 35.81 40.64 -6.58
N VAL A 50 34.88 39.73 -6.30
CA VAL A 50 35.13 38.63 -5.38
C VAL A 50 35.67 37.43 -6.14
N SER A 51 36.79 36.88 -5.68
CA SER A 51 37.36 35.70 -6.29
C SER A 51 36.76 34.44 -5.66
N ASP A 52 37.04 33.30 -6.30
CA ASP A 52 36.55 32.03 -5.76
C ASP A 52 37.34 31.60 -4.55
N THR A 53 38.67 31.76 -4.60
CA THR A 53 39.55 31.36 -3.50
C THR A 53 40.47 32.53 -3.15
N TYR A 54 41.21 32.35 -2.06
CA TYR A 54 42.14 33.35 -1.56
C TYR A 54 43.36 32.65 -0.99
N PRO A 55 44.54 33.27 -1.10
CA PRO A 55 45.75 32.62 -0.57
C PRO A 55 45.98 32.89 0.91
N ASP A 56 45.53 34.04 1.40
CA ASP A 56 45.87 34.51 2.73
C ASP A 56 44.74 35.39 3.25
N PRO A 57 44.56 35.47 4.57
CA PRO A 57 43.57 36.40 5.14
C PRO A 57 43.77 37.84 4.69
N TYR A 58 45.00 38.18 4.27
CA TYR A 58 45.27 39.53 3.80
C TYR A 58 44.47 39.83 2.52
N SER A 59 44.51 38.92 1.56
CA SER A 59 43.75 39.11 0.32
C SER A 59 42.24 39.13 0.62
N TYR A 60 41.80 38.27 1.53
CA TYR A 60 40.39 38.25 1.91
C TYR A 60 39.96 39.59 2.49
N LYS A 61 40.78 40.17 3.37
CA LYS A 61 40.47 41.48 3.92
C LYS A 61 40.49 42.55 2.85
N GLN A 62 41.51 42.55 1.98
CA GLN A 62 41.60 43.56 0.93
C GLN A 62 40.40 43.49 0.00
N THR A 63 39.80 42.30 -0.15
CA THR A 63 38.61 42.18 -0.98
C THR A 63 37.35 42.62 -0.25
N PHE A 64 37.18 42.21 1.01
CA PHE A 64 35.88 42.34 1.67
C PHE A 64 35.72 43.58 2.53
N PHE A 65 36.81 44.17 3.04
CA PHE A 65 36.68 45.40 3.83
C PHE A 65 36.08 46.55 3.03
N PRO A 66 36.55 46.86 1.82
CA PRO A 66 35.90 47.97 1.07
C PRO A 66 34.45 47.68 0.73
N LEU A 67 34.11 46.43 0.41
CA LEU A 67 32.71 46.10 0.15
C LEU A 67 31.87 46.27 1.41
N LEU A 68 32.42 45.91 2.57
CA LEU A 68 31.72 46.13 3.83
C LEU A 68 31.51 47.63 4.07
N ILE A 69 32.52 48.44 3.78
CA ILE A 69 32.37 49.89 3.96
C ILE A 69 31.31 50.43 3.02
N ASN A 70 31.26 49.92 1.78
CA ASN A 70 30.27 50.38 0.81
C ASN A 70 28.85 50.01 1.25
N GLU A 71 28.66 48.75 1.66
CA GLU A 71 27.36 48.35 2.19
C GLU A 71 26.95 49.20 3.39
N ALA A 72 27.89 49.44 4.31
CA ALA A 72 27.59 50.27 5.48
C ALA A 72 27.20 51.69 5.07
N TRP A 73 27.90 52.24 4.08
CA TRP A 73 27.61 53.60 3.61
C TRP A 73 26.21 53.68 3.02
N ARG A 74 25.86 52.71 2.16
CA ARG A 74 24.54 52.76 1.55
C ARG A 74 23.44 52.52 2.59
N SER A 75 23.70 51.64 3.55
CA SER A 75 22.75 51.45 4.65
C SER A 75 22.58 52.72 5.46
N PHE A 76 23.67 53.46 5.67
CA PHE A 76 23.58 54.71 6.42
C PHE A 76 22.79 55.76 5.65
N VAL A 77 22.99 55.84 4.34
CA VAL A 77 22.23 56.79 3.53
C VAL A 77 20.75 56.45 3.56
N THR A 78 20.43 55.16 3.37
CA THR A 78 19.04 54.71 3.42
C THR A 78 18.41 55.01 4.79
N ALA A 79 19.14 54.75 5.87
CA ALA A 79 18.60 54.99 7.20
C ALA A 79 18.41 56.48 7.45
N LYS A 80 19.34 57.31 6.97
CA LYS A 80 19.18 58.75 7.08
C LYS A 80 17.91 59.22 6.39
N ASP A 81 17.70 58.77 5.15
CA ASP A 81 16.52 59.19 4.40
C ASP A 81 15.24 58.61 4.98
N GLU A 82 15.33 57.48 5.68
CA GLU A 82 14.15 56.78 6.18
C GLU A 82 13.85 57.04 7.65
N THR A 83 14.83 57.46 8.45
CA THR A 83 14.61 57.60 9.88
C THR A 83 13.57 58.67 10.18
N THR A 84 12.90 58.52 11.33
CA THR A 84 11.90 59.48 11.78
C THR A 84 11.96 59.68 13.29
N SER A 85 13.14 59.47 13.89
CA SER A 85 13.31 59.75 15.31
C SER A 85 13.25 61.25 15.55
N LYS A 86 12.34 61.67 16.43
CA LYS A 86 12.21 63.10 16.72
C LYS A 86 13.42 63.58 17.51
N PRO A 87 14.03 64.69 17.12
CA PRO A 87 15.26 65.16 17.79
C PRO A 87 15.01 65.50 19.26
N PHE A 88 16.11 65.72 19.97
CA PHE A 88 16.04 66.02 21.39
C PHE A 88 17.28 66.80 21.80
N GLY A 89 17.13 67.60 22.86
CA GLY A 89 18.22 68.43 23.34
C GLY A 89 19.11 67.68 24.32
N ILE A 90 20.41 67.95 24.23
CA ILE A 90 21.41 67.40 25.13
C ILE A 90 22.23 68.55 25.71
N LYS A 91 22.69 68.36 26.94
CA LYS A 91 23.54 69.35 27.61
C LYS A 91 24.97 68.81 27.74
N VAL A 92 25.91 69.49 27.08
CA VAL A 92 27.32 69.08 27.12
C VAL A 92 27.86 69.26 28.53
N LEU A 93 28.24 68.15 29.18
CA LEU A 93 28.82 68.19 30.51
C LEU A 93 30.35 68.22 30.49
N SER A 94 30.97 67.48 29.58
CA SER A 94 32.43 67.42 29.53
C SER A 94 32.89 67.07 28.12
N ARG A 95 34.12 67.47 27.80
CA ARG A 95 34.75 67.18 26.53
C ARG A 95 36.17 66.66 26.78
N MET A 96 36.54 65.57 26.10
CA MET A 96 37.84 64.95 26.29
C MET A 96 38.35 64.43 24.95
N THR A 97 39.65 64.13 24.93
CA THR A 97 40.30 63.51 23.78
C THR A 97 40.71 62.09 24.16
N VAL A 98 40.13 61.11 23.47
CA VAL A 98 40.45 59.70 23.70
C VAL A 98 40.87 59.09 22.37
N ASP A 99 42.06 58.47 22.36
CA ASP A 99 42.65 57.95 21.14
C ASP A 99 42.76 59.06 20.10
N LYS A 100 42.12 58.87 18.93
CA LYS A 100 42.01 59.89 17.91
C LYS A 100 40.58 60.40 17.81
N PHE A 101 39.89 60.47 18.94
CA PHE A 101 38.48 60.85 18.97
C PHE A 101 38.24 61.93 20.02
N MET A 102 37.18 62.70 19.81
CA MET A 102 36.68 63.67 20.78
C MET A 102 35.53 63.01 21.53
N GLU A 103 35.73 62.81 22.84
CA GLU A 103 34.69 62.25 23.70
C GLU A 103 33.92 63.39 24.37
N VAL A 104 32.60 63.35 24.25
CA VAL A 104 31.72 64.34 24.85
C VAL A 104 30.70 63.63 25.71
N THR A 105 30.73 63.89 27.01
CA THR A 105 29.70 63.42 27.91
C THR A 105 28.56 64.43 27.90
N ALA A 106 27.32 63.94 27.82
CA ALA A 106 26.19 64.84 27.73
C ALA A 106 25.01 64.28 28.50
N ALA A 107 24.23 65.19 29.09
CA ALA A 107 23.04 64.82 29.83
C ALA A 107 21.83 64.85 28.90
N VAL A 108 20.99 63.82 29.03
CA VAL A 108 19.78 63.63 28.25
C VAL A 108 18.64 63.28 29.21
N PRO A 109 17.43 63.78 29.01
CA PRO A 109 16.32 63.34 29.87
C PRO A 109 16.12 61.83 29.77
N ALA A 110 15.86 61.21 30.92
CA ALA A 110 15.76 59.74 30.97
C ALA A 110 14.58 59.23 30.15
N GLN A 111 13.43 59.90 30.26
CA GLN A 111 12.27 59.46 29.48
C GLN A 111 12.51 59.60 27.99
N ILE A 112 13.16 60.68 27.57
CA ILE A 112 13.51 60.85 26.16
C ILE A 112 14.44 59.74 25.70
N SER A 113 15.43 59.41 26.54
CA SER A 113 16.37 58.35 26.20
C SER A 113 15.66 57.01 26.04
N LYS A 114 14.75 56.69 26.96
CA LYS A 114 14.01 55.44 26.85
C LYS A 114 13.06 55.44 25.66
N ASP A 115 12.48 56.60 25.32
CA ASP A 115 11.60 56.68 24.16
C ASP A 115 12.35 56.45 22.86
N ARG A 116 13.54 57.05 22.73
CA ARG A 116 14.31 56.88 21.50
C ARG A 116 15.27 55.71 21.55
N GLY A 117 15.41 55.04 22.69
CA GLY A 117 16.25 53.87 22.80
C GLY A 117 17.71 54.11 22.51
N LEU A 118 18.38 54.86 23.37
CA LEU A 118 19.79 55.16 23.20
C LEU A 118 20.61 54.07 23.88
N THR A 119 21.41 53.35 23.09
CA THR A 119 22.28 52.29 23.58
C THR A 119 23.66 52.45 22.95
N GLU A 120 24.59 51.64 23.44
CA GLU A 120 25.98 51.74 23.00
C GLU A 120 26.12 51.23 21.57
N GLY A 121 26.61 52.11 20.69
CA GLY A 121 26.84 51.77 19.30
C GLY A 121 25.94 52.46 18.31
N ASP A 122 25.03 53.31 18.75
CA ASP A 122 24.14 54.02 17.83
C ASP A 122 24.88 55.13 17.11
N ILE A 123 24.51 55.36 15.85
CA ILE A 123 25.04 56.44 15.05
C ILE A 123 24.00 57.55 15.03
N VAL A 124 24.41 58.75 15.45
CA VAL A 124 23.53 59.90 15.63
C VAL A 124 24.15 61.13 15.00
N ILE A 125 23.29 62.12 14.73
CA ILE A 125 23.72 63.45 14.29
C ILE A 125 23.51 64.42 15.44
N ILE A 126 24.59 65.08 15.85
CA ILE A 126 24.53 66.13 16.86
C ILE A 126 24.61 67.47 16.14
N SER A 127 23.59 68.31 16.30
CA SER A 127 23.55 69.59 15.60
C SER A 127 23.25 70.71 16.59
N LYS A 128 23.53 71.95 16.13
CA LYS A 128 23.21 73.13 16.89
C LYS A 128 21.83 73.67 16.55
N GLY A 129 21.38 73.50 15.31
CA GLY A 129 20.06 73.91 14.92
C GLY A 129 19.00 72.98 15.48
N GLU A 130 17.74 73.38 15.29
CA GLU A 130 16.63 72.65 15.89
C GLU A 130 16.16 71.47 15.05
N ASP A 131 16.22 71.56 13.73
CA ASP A 131 15.91 70.45 12.84
C ASP A 131 17.20 69.94 12.20
N PRO A 132 17.89 68.98 12.83
CA PRO A 132 19.23 68.61 12.34
C PRO A 132 19.25 67.92 10.99
N LEU A 133 18.25 67.09 10.69
CA LEU A 133 18.30 66.27 9.48
C LEU A 133 18.23 67.09 8.20
N ASN A 134 17.67 68.30 8.25
CA ASN A 134 17.43 69.10 7.06
C ASN A 134 18.13 70.46 7.14
N GLN A 135 19.27 70.51 7.84
CA GLN A 135 20.04 71.75 8.01
C GLN A 135 21.52 71.45 7.82
N PRO A 136 21.95 71.22 6.57
CA PRO A 136 23.39 70.97 6.34
C PRO A 136 24.27 72.16 6.67
N GLN A 137 23.81 73.38 6.41
CA GLN A 137 24.60 74.57 6.69
C GLN A 137 24.71 74.90 8.17
N GLU A 138 24.08 74.11 9.05
CA GLU A 138 24.16 74.30 10.48
C GLU A 138 25.26 73.43 11.09
N LEU A 139 25.67 73.80 12.31
CA LEU A 139 26.70 73.07 13.02
C LEU A 139 26.27 71.64 13.29
N HIS A 140 26.73 70.70 12.46
CA HIS A 140 26.36 69.30 12.60
C HIS A 140 27.61 68.44 12.75
N CYS A 141 27.41 67.24 13.26
CA CYS A 141 28.51 66.28 13.38
C CYS A 141 27.92 64.88 13.51
N LEU A 142 28.72 63.90 13.10
CA LEU A 142 28.35 62.50 13.20
C LEU A 142 29.00 61.92 14.45
N SER A 143 28.21 61.24 15.28
CA SER A 143 28.71 60.75 16.56
C SER A 143 28.25 59.32 16.78
N ARG A 144 29.04 58.58 17.56
CA ARG A 144 28.73 57.21 17.93
C ARG A 144 28.56 57.14 19.44
N ILE A 145 27.43 56.57 19.87
CA ILE A 145 27.18 56.39 21.29
C ILE A 145 28.14 55.34 21.85
N TRP A 146 28.80 55.67 22.95
CA TRP A 146 29.75 54.74 23.56
C TRP A 146 29.25 54.14 24.86
N LYS A 147 28.50 54.89 25.66
CA LYS A 147 27.99 54.38 26.92
C LYS A 147 26.72 55.15 27.29
N THR A 148 25.77 54.44 27.88
CA THR A 148 24.55 55.05 28.40
C THR A 148 24.42 54.67 29.87
N THR A 149 24.41 55.67 30.74
CA THR A 149 24.38 55.46 32.18
C THR A 149 23.11 56.07 32.75
N TYR A 150 22.26 55.22 33.33
CA TYR A 150 21.01 55.64 33.94
C TYR A 150 21.28 56.09 35.36
N LYS A 151 21.12 57.39 35.62
CA LYS A 151 21.29 57.92 36.97
C LYS A 151 19.96 57.80 37.71
N LYS A 152 19.21 58.90 37.81
CA LYS A 152 17.89 58.85 38.41
C LYS A 152 16.82 59.23 37.40
N ASP A 153 16.70 60.52 37.10
CA ASP A 153 15.80 61.02 36.07
C ASP A 153 16.55 61.54 34.84
N THR A 154 17.87 61.37 34.82
CA THR A 154 18.70 61.78 33.71
C THR A 154 19.49 60.58 33.18
N VAL A 155 20.14 60.78 32.04
CA VAL A 155 20.96 59.75 31.40
C VAL A 155 22.26 60.42 30.95
N GLU A 156 23.39 59.90 31.42
CA GLU A 156 24.69 60.35 30.96
C GLU A 156 25.08 59.53 29.74
N VAL A 157 25.17 60.18 28.58
CA VAL A 157 25.52 59.52 27.33
C VAL A 157 26.92 59.94 26.96
N VAL A 158 27.76 58.98 26.60
CA VAL A 158 29.13 59.22 26.19
C VAL A 158 29.17 59.16 24.67
N TYR A 159 29.10 60.32 24.03
CA TYR A 159 29.25 60.41 22.58
C TYR A 159 30.73 60.43 22.22
N ARG A 160 31.04 59.83 21.08
CA ARG A 160 32.39 59.82 20.55
C ARG A 160 32.33 60.26 19.10
N LEU A 161 33.11 61.29 18.75
CA LEU A 161 33.12 61.82 17.41
C LEU A 161 34.57 61.89 16.93
N ASN A 162 34.75 62.18 15.65
CA ASN A 162 36.09 62.28 15.08
C ASN A 162 36.69 63.64 15.43
N ALA A 163 37.92 63.62 15.93
CA ALA A 163 38.57 64.83 16.42
C ALA A 163 39.29 65.59 15.33
N LYS A 164 39.32 65.07 14.11
CA LYS A 164 39.98 65.71 12.98
C LYS A 164 38.91 66.29 12.06
N GLY A 165 38.81 67.61 12.02
CA GLY A 165 37.88 68.28 11.14
C GLY A 165 36.42 68.16 11.52
N ASN A 166 36.03 68.78 12.62
CA ASN A 166 34.64 68.82 13.05
C ASN A 166 34.29 70.26 13.39
N GLN A 167 33.19 70.74 12.81
CA GLN A 167 32.80 72.14 13.00
C GLN A 167 32.43 72.44 14.45
N ILE A 168 31.72 71.52 15.11
CA ILE A 168 31.19 71.79 16.45
C ILE A 168 32.26 71.68 17.54
N LEU A 169 33.49 71.31 17.19
CA LEU A 169 34.52 71.10 18.20
C LEU A 169 34.74 72.31 19.10
N PRO A 170 34.91 73.55 18.58
CA PRO A 170 35.01 74.69 19.50
C PRO A 170 33.70 75.05 20.19
N ALA A 171 32.57 74.55 19.68
CA ALA A 171 31.27 74.93 20.22
C ALA A 171 30.73 73.96 21.27
N LEU A 172 31.40 72.83 21.49
CA LEU A 172 30.93 71.85 22.48
C LEU A 172 31.53 72.11 23.85
N THR A 173 31.63 73.38 24.23
CA THR A 173 32.12 73.75 25.55
C THR A 173 31.14 73.28 26.62
N PRO A 174 31.63 73.02 27.84
CA PRO A 174 30.73 72.54 28.90
C PRO A 174 29.61 73.53 29.17
N GLY A 175 28.37 73.01 29.15
CA GLY A 175 27.18 73.79 29.34
C GLY A 175 26.44 74.10 28.04
N SER A 176 27.14 74.10 26.91
CA SER A 176 26.50 74.34 25.63
C SER A 176 25.47 73.25 25.35
N GLU A 177 24.37 73.64 24.71
CA GLU A 177 23.28 72.73 24.43
C GLU A 177 23.25 72.42 22.93
N PHE A 178 22.89 71.18 22.60
CA PHE A 178 22.85 70.75 21.20
C PHE A 178 21.59 69.94 20.95
N GLN A 179 21.29 69.72 19.67
CA GLN A 179 20.17 68.90 19.25
C GLN A 179 20.69 67.65 18.56
N VAL A 180 20.20 66.49 19.00
CA VAL A 180 20.64 65.20 18.53
C VAL A 180 19.46 64.44 17.96
N VAL A 181 19.72 63.66 16.92
CA VAL A 181 18.75 62.76 16.32
C VAL A 181 19.44 61.43 16.03
N LYS A 182 18.78 60.33 16.38
CA LYS A 182 19.36 59.00 16.21
C LYS A 182 19.08 58.52 14.79
N ILE A 183 20.16 58.23 14.05
CA ILE A 183 20.03 57.74 12.68
C ILE A 183 19.93 56.22 12.66
N THR A 184 20.97 55.53 13.12
CA THR A 184 20.98 54.08 12.96
C THR A 184 21.85 53.44 14.03
N ASN A 185 22.31 52.22 13.78
CA ASN A 185 23.19 51.48 14.68
C ASN A 185 24.21 50.73 13.84
N MET A 186 25.38 50.50 14.42
CA MET A 186 26.47 49.82 13.70
C MET A 186 27.01 48.63 14.47
N THR A 187 26.17 47.99 15.29
CA THR A 187 26.62 46.81 16.01
C THR A 187 26.86 45.64 15.06
N THR A 188 25.96 45.41 14.10
CA THR A 188 26.13 44.34 13.13
C THR A 188 27.39 44.54 12.30
N ILE A 189 27.61 45.77 11.82
CA ILE A 189 28.82 46.08 11.07
C ILE A 189 30.05 45.81 11.91
N GLU A 190 30.00 46.16 13.20
CA GLU A 190 31.15 45.94 14.08
C GLU A 190 31.43 44.46 14.26
N ARG A 191 30.38 43.64 14.40
CA ARG A 191 30.60 42.21 14.59
C ARG A 191 31.10 41.55 13.31
N GLU A 192 30.61 41.99 12.15
CA GLU A 192 31.11 41.45 10.89
C GLU A 192 32.57 41.84 10.67
N TYR A 193 32.93 43.08 11.01
CA TYR A 193 34.33 43.49 10.93
C TYR A 193 35.20 42.73 11.90
N ALA A 194 34.67 42.44 13.10
CA ALA A 194 35.40 41.64 14.08
C ALA A 194 35.69 40.25 13.54
N ALA A 195 34.66 39.60 12.96
CA ALA A 195 34.87 38.28 12.38
C ALA A 195 35.87 38.34 11.23
N LEU A 196 35.79 39.39 10.42
CA LEU A 196 36.74 39.56 9.31
C LEU A 196 38.17 39.64 9.83
N GLU A 197 38.41 40.51 10.81
CA GLU A 197 39.77 40.71 11.31
C GLU A 197 40.28 39.55 12.14
N SER A 198 39.39 38.74 12.72
CA SER A 198 39.81 37.58 13.51
C SER A 198 39.76 36.28 12.72
N LEU A 199 39.42 36.35 11.43
CA LEU A 199 39.42 35.15 10.59
C LEU A 199 40.78 34.45 10.58
N GLN A 200 41.88 35.21 10.66
CA GLN A 200 43.22 34.63 10.57
C GLN A 200 43.47 33.56 11.63
N TYR A 201 42.69 33.55 12.71
CA TYR A 201 42.84 32.55 13.77
C TYR A 201 41.76 31.48 13.73
N TYR A 202 40.95 31.44 12.67
CA TYR A 202 39.84 30.50 12.62
C TYR A 202 40.36 29.09 12.37
N ASP A 203 39.78 28.11 13.09
CA ASP A 203 40.12 26.71 12.84
C ASP A 203 39.81 26.31 11.40
N LEU A 204 38.76 26.88 10.81
CA LEU A 204 38.35 26.58 9.45
C LEU A 204 38.79 27.63 8.44
N MET A 205 39.86 28.36 8.75
CA MET A 205 40.33 29.43 7.86
C MET A 205 40.68 28.87 6.48
N ASP A 206 41.34 27.72 6.44
CA ASP A 206 41.73 27.11 5.17
C ASP A 206 40.51 26.85 4.29
N GLU A 207 39.49 26.19 4.86
CA GLU A 207 38.30 25.85 4.08
C GLU A 207 37.54 27.11 3.66
N ILE A 208 37.52 28.13 4.52
CA ILE A 208 36.81 29.36 4.18
C ILE A 208 37.52 30.09 3.04
N LEU A 209 38.85 30.13 3.08
CA LEU A 209 39.60 30.79 2.00
C LEU A 209 39.48 30.00 0.70
N LYS A 210 39.62 28.68 0.75
CA LYS A 210 39.55 27.87 -0.46
C LYS A 210 38.13 27.53 -0.88
N ALA A 211 37.13 27.86 -0.04
CA ALA A 211 35.73 27.51 -0.30
C ALA A 211 35.57 26.04 -0.65
N GLN A 212 36.23 25.18 0.14
CA GLN A 212 36.27 23.75 -0.12
C GLN A 212 35.50 22.99 0.93
N PRO A 213 34.37 22.37 0.59
CA PRO A 213 33.66 21.52 1.54
C PRO A 213 34.22 20.11 1.56
N SER A 214 33.86 19.38 2.61
CA SER A 214 34.30 18.00 2.78
C SER A 214 33.72 17.13 1.67
N PRO A 215 34.42 16.06 1.28
CA PRO A 215 33.98 15.29 0.11
C PRO A 215 32.71 14.51 0.36
N MET A 216 31.96 14.27 -0.72
CA MET A 216 30.73 13.52 -0.64
C MET A 216 31.01 12.08 -0.24
N LEU A 217 30.34 11.61 0.81
CA LEU A 217 30.46 10.23 1.25
C LEU A 217 29.31 9.38 0.74
N THR A 218 29.64 8.20 0.23
CA THR A 218 28.64 7.22 -0.18
C THR A 218 28.49 6.17 0.90
N PHE A 219 27.26 5.98 1.38
CA PHE A 219 26.97 5.04 2.44
C PHE A 219 26.23 3.84 1.87
N GLY A 220 26.33 2.72 2.57
CA GLY A 220 25.57 1.55 2.18
C GLY A 220 24.08 1.78 2.32
N ASP A 221 23.31 1.14 1.43
CA ASP A 221 21.87 1.27 1.48
C ASP A 221 21.29 0.77 2.81
N GLU A 222 21.99 -0.13 3.48
CA GLU A 222 21.48 -0.65 4.75
C GLU A 222 21.53 0.40 5.85
N ALA A 223 22.65 1.12 5.95
CA ALA A 223 22.75 2.19 6.95
C ALA A 223 21.83 3.34 6.60
N ILE A 224 21.70 3.66 5.31
CA ILE A 224 20.77 4.68 4.86
C ILE A 224 19.35 4.33 5.29
N LYS A 225 18.94 3.08 5.03
CA LYS A 225 17.61 2.63 5.42
C LYS A 225 17.44 2.63 6.93
N ALA A 226 18.50 2.30 7.67
CA ALA A 226 18.43 2.34 9.12
C ALA A 226 18.15 3.75 9.62
N VAL A 227 18.88 4.73 9.06
CA VAL A 227 18.66 6.13 9.44
C VAL A 227 17.24 6.56 9.06
N MET A 228 16.80 6.18 7.85
CA MET A 228 15.45 6.51 7.41
C MET A 228 14.41 5.95 8.38
N ASP A 229 14.57 4.71 8.80
CA ASP A 229 13.60 4.09 9.70
C ASP A 229 13.64 4.73 11.09
N ASN A 230 14.83 5.09 11.56
CA ASN A 230 14.95 5.67 12.89
C ASN A 230 14.37 7.06 12.95
N TYR A 231 14.64 7.90 11.94
CA TYR A 231 14.23 9.30 11.95
C TYR A 231 13.07 9.61 11.03
N GLN A 232 12.53 8.62 10.31
CA GLN A 232 11.43 8.82 9.36
C GLN A 232 11.81 9.86 8.31
N LEU A 233 12.86 9.53 7.54
CA LEU A 233 13.38 10.40 6.51
C LEU A 233 13.38 9.69 5.16
N ASN A 234 13.57 10.48 4.11
CA ASN A 234 13.72 9.95 2.76
C ASN A 234 15.20 9.78 2.44
N PRO A 235 15.54 9.06 1.35
CA PRO A 235 16.95 8.79 1.08
C PRO A 235 17.86 10.01 1.09
N GLY A 236 17.44 11.12 0.47
CA GLY A 236 18.29 12.30 0.44
C GLY A 236 18.54 12.88 1.82
N GLN A 237 17.50 12.94 2.66
CA GLN A 237 17.67 13.47 4.00
C GLN A 237 18.58 12.57 4.83
N ALA A 238 18.43 11.25 4.71
CA ALA A 238 19.29 10.33 5.44
C ALA A 238 20.74 10.45 4.98
N ARG A 239 20.96 10.61 3.67
CA ARG A 239 22.32 10.78 3.16
C ARG A 239 22.94 12.07 3.70
N ALA A 240 22.18 13.16 3.68
CA ALA A 240 22.68 14.42 4.22
C ALA A 240 23.01 14.30 5.71
N ILE A 241 22.15 13.62 6.47
CA ILE A 241 22.40 13.46 7.91
C ILE A 241 23.65 12.61 8.15
N LEU A 242 23.81 11.53 7.39
CA LEU A 242 24.99 10.68 7.56
C LEU A 242 26.26 11.45 7.23
N ASN A 243 26.24 12.23 6.15
CA ASN A 243 27.42 13.02 5.82
C ASN A 243 27.68 14.12 6.83
N ALA A 244 26.63 14.66 7.45
CA ALA A 244 26.84 15.65 8.50
C ALA A 244 27.40 15.03 9.77
N LYS A 245 27.06 13.77 10.06
CA LYS A 245 27.61 13.13 11.23
C LYS A 245 29.06 12.71 11.02
N GLU A 246 29.37 12.15 9.85
CA GLU A 246 30.72 11.64 9.61
C GLU A 246 31.70 12.76 9.29
N ASN A 247 31.45 13.50 8.21
CA ASN A 247 32.42 14.46 7.71
C ASN A 247 32.74 15.54 8.74
N ASP A 248 33.98 16.02 8.70
CA ASP A 248 34.40 17.21 9.41
C ASP A 248 34.64 18.33 8.41
N GLY A 249 34.59 19.56 8.91
CA GLY A 249 34.67 20.72 8.03
C GLY A 249 33.30 21.16 7.58
N PHE A 250 33.20 21.66 6.34
CA PHE A 250 31.95 22.19 5.82
C PHE A 250 31.16 21.11 5.08
N THR A 251 29.90 20.97 5.45
CA THR A 251 28.95 20.11 4.74
C THR A 251 27.79 20.96 4.25
N LEU A 252 27.60 21.03 2.94
CA LEU A 252 26.55 21.84 2.34
C LEU A 252 25.33 20.99 2.04
N ILE A 253 24.16 21.47 2.44
CA ILE A 253 22.88 20.82 2.17
C ILE A 253 21.98 21.86 1.51
N GLN A 254 21.63 21.61 0.24
CA GLN A 254 20.71 22.47 -0.48
C GLN A 254 19.30 21.92 -0.35
N GLY A 255 18.41 22.74 0.19
CA GLY A 255 17.04 22.36 0.40
C GLY A 255 16.06 23.25 -0.33
N PRO A 256 15.57 22.78 -1.47
CA PRO A 256 14.52 23.49 -2.21
C PRO A 256 13.26 23.62 -1.37
N PRO A 257 12.29 24.42 -1.81
CA PRO A 257 11.06 24.60 -1.03
C PRO A 257 10.37 23.28 -0.73
N GLY A 258 9.97 23.10 0.53
CA GLY A 258 9.20 21.94 0.94
C GLY A 258 9.97 20.65 1.04
N THR A 259 11.30 20.70 1.01
CA THR A 259 12.11 19.48 1.04
C THR A 259 12.41 18.97 2.44
N GLY A 260 12.08 19.72 3.48
CA GLY A 260 12.23 19.21 4.84
C GLY A 260 13.50 19.64 5.53
N LYS A 261 13.87 20.92 5.39
CA LYS A 261 15.13 21.40 5.95
C LYS A 261 15.11 21.38 7.47
N THR A 262 14.04 21.89 8.09
CA THR A 262 14.00 21.97 9.55
C THR A 262 13.92 20.58 10.17
N LYS A 263 13.13 19.68 9.57
CA LYS A 263 13.05 18.30 10.05
C LYS A 263 14.42 17.62 9.94
N THR A 264 15.10 17.80 8.80
CA THR A 264 16.45 17.30 8.64
C THR A 264 17.38 17.84 9.72
N ILE A 265 17.26 19.12 10.04
CA ILE A 265 18.17 19.73 11.02
C ILE A 265 17.89 19.19 12.41
N VAL A 266 16.62 18.98 12.76
CA VAL A 266 16.29 18.45 14.08
C VAL A 266 16.82 17.02 14.23
N ALA A 267 16.53 16.17 13.23
CA ALA A 267 17.04 14.81 13.27
C ALA A 267 18.57 14.80 13.28
N MET A 268 19.19 15.75 12.58
CA MET A 268 20.65 15.84 12.54
C MET A 268 21.22 16.25 13.89
N VAL A 269 20.53 17.15 14.60
CA VAL A 269 20.96 17.53 15.94
C VAL A 269 20.89 16.35 16.88
N GLY A 270 19.79 15.60 16.82
CA GLY A 270 19.70 14.37 17.60
C GLY A 270 20.80 13.38 17.25
N CYS A 271 21.11 13.26 15.96
CA CYS A 271 22.13 12.32 15.50
C CYS A 271 23.50 12.72 16.01
N LEU A 272 23.83 14.02 15.98
CA LEU A 272 25.11 14.48 16.49
C LEU A 272 25.18 14.37 18.01
N LEU A 273 24.06 14.55 18.71
CA LEU A 273 24.03 14.42 20.15
C LEU A 273 23.88 12.99 20.63
N THR A 274 23.77 12.02 19.71
CA THR A 274 23.75 10.60 20.09
C THR A 274 24.85 10.28 21.09
N GLY A 275 26.08 10.75 20.84
CA GLY A 275 27.16 10.46 21.74
C GLY A 275 27.04 11.18 23.08
N VAL A 276 26.69 12.46 23.05
CA VAL A 276 26.65 13.26 24.28
C VAL A 276 25.54 12.77 25.20
N LEU A 277 24.44 12.25 24.64
CA LEU A 277 23.32 11.82 25.46
C LEU A 277 23.49 10.39 25.93
N LYS A 303 29.79 21.69 22.26
CA LYS A 303 28.37 22.01 22.17
C LYS A 303 27.97 22.38 20.75
N LEU A 304 26.65 22.47 20.54
CA LEU A 304 26.06 22.53 19.21
C LEU A 304 25.39 23.90 19.05
N LEU A 305 25.92 24.70 18.12
CA LEU A 305 25.43 26.05 17.87
C LEU A 305 24.64 26.08 16.57
N VAL A 306 23.33 26.27 16.69
CA VAL A 306 22.45 26.47 15.53
C VAL A 306 22.24 27.96 15.35
N CYS A 307 22.48 28.44 14.12
CA CYS A 307 22.41 29.86 13.82
C CYS A 307 21.55 30.08 12.59
N ALA A 308 20.97 31.28 12.51
CA ALA A 308 20.21 31.67 11.33
C ALA A 308 20.28 33.18 11.17
N PRO A 309 20.18 33.69 9.95
CA PRO A 309 20.33 35.14 9.77
C PRO A 309 19.19 35.95 10.36
N SER A 310 17.98 35.41 10.38
CA SER A 310 16.82 36.12 10.88
C SER A 310 16.34 35.50 12.20
N ASN A 311 15.62 36.30 12.97
CA ASN A 311 15.05 35.82 14.23
C ASN A 311 13.92 34.82 13.98
N ALA A 312 13.21 34.93 12.87
CA ALA A 312 12.10 34.01 12.59
C ALA A 312 12.60 32.58 12.40
N ALA A 313 13.64 32.41 11.61
CA ALA A 313 14.21 31.07 11.40
C ALA A 313 14.75 30.50 12.71
N VAL A 314 15.43 31.34 13.51
CA VAL A 314 15.92 30.90 14.80
C VAL A 314 14.76 30.44 15.68
N ASP A 315 13.65 31.21 15.68
CA ASP A 315 12.51 30.86 16.51
C ASP A 315 11.89 29.53 16.07
N GLU A 316 11.78 29.32 14.76
CA GLU A 316 11.25 28.05 14.27
C GLU A 316 12.16 26.89 14.67
N LEU A 317 13.47 27.07 14.56
CA LEU A 317 14.41 26.03 14.95
C LEU A 317 14.33 25.74 16.44
N VAL A 318 14.20 26.79 17.26
CA VAL A 318 14.07 26.60 18.71
C VAL A 318 12.79 25.84 19.02
N LEU A 319 11.69 26.23 18.40
CA LEU A 319 10.41 25.56 18.64
C LEU A 319 10.48 24.09 18.22
N ARG A 320 11.16 23.79 17.11
CA ARG A 320 11.24 22.40 16.66
C ARG A 320 12.14 21.58 17.57
N LEU A 321 13.25 22.17 18.03
CA LEU A 321 14.13 21.45 18.95
C LEU A 321 13.51 21.30 20.34
N LYS A 322 12.57 22.17 20.71
CA LYS A 322 11.89 22.04 21.98
C LYS A 322 11.00 20.81 22.04
N ALA A 323 10.50 20.36 20.88
CA ALA A 323 9.70 19.14 20.86
C ALA A 323 10.52 17.93 21.29
N GLY A 324 11.82 17.94 21.02
CA GLY A 324 12.69 16.87 21.44
C GLY A 324 13.38 16.18 20.29
N VAL A 325 14.59 15.67 20.52
CA VAL A 325 15.30 14.90 19.51
C VAL A 325 15.40 13.46 19.98
N LYS A 326 15.99 12.61 19.14
CA LYS A 326 16.21 11.21 19.49
C LYS A 326 17.57 10.78 18.94
N THR A 327 18.35 10.09 19.77
CA THR A 327 19.66 9.62 19.34
C THR A 327 19.52 8.48 18.33
N MET A 328 20.65 8.09 17.74
CA MET A 328 20.66 6.97 16.82
C MET A 328 20.36 5.65 17.52
N ASN A 329 20.52 5.61 18.85
CA ASN A 329 20.11 4.43 19.60
C ASN A 329 18.61 4.17 19.48
N GLY A 330 17.84 5.22 19.21
CA GLY A 330 16.40 5.13 19.18
C GLY A 330 15.70 5.65 20.42
N THR A 331 16.44 6.26 21.35
CA THR A 331 15.87 6.77 22.58
C THR A 331 15.45 8.22 22.40
N PHE A 332 14.29 8.57 22.95
CA PHE A 332 13.77 9.93 22.86
C PHE A 332 14.29 10.75 24.03
N HIS A 333 14.96 11.87 23.74
CA HIS A 333 15.52 12.76 24.74
C HIS A 333 14.96 14.16 24.54
N LYS A 334 14.47 14.76 25.63
CA LYS A 334 14.05 16.16 25.63
C LYS A 334 15.26 17.00 25.99
N ILE A 335 16.05 17.37 24.98
CA ILE A 335 17.33 18.04 25.19
C ILE A 335 17.13 19.47 25.67
N GLU A 336 18.22 20.11 26.09
CA GLU A 336 18.21 21.47 26.62
C GLU A 336 18.46 22.44 25.46
N VAL A 337 17.41 23.12 25.02
CA VAL A 337 17.51 24.12 23.96
C VAL A 337 17.57 25.50 24.59
N LEU A 338 18.56 26.30 24.19
CA LEU A 338 18.78 27.62 24.80
C LEU A 338 18.80 28.68 23.71
N ARG A 339 17.87 29.63 23.79
CA ARG A 339 17.81 30.75 22.85
C ARG A 339 18.59 31.95 23.38
N LEU A 340 19.33 32.59 22.47
CA LEU A 340 20.14 33.77 22.80
C LEU A 340 19.59 34.96 22.04
N GLY A 341 19.14 35.97 22.77
CA GLY A 341 18.64 37.19 22.17
C GLY A 341 17.72 37.92 23.11
N ARG A 342 17.42 39.17 22.74
CA ARG A 342 16.54 39.99 23.54
C ARG A 342 15.09 39.51 23.42
N SER A 343 14.33 39.73 24.50
CA SER A 343 12.95 39.28 24.60
C SER A 343 11.97 40.09 23.73
N ASP A 344 12.45 41.11 23.02
CA ASP A 344 11.55 41.91 22.19
C ASP A 344 11.43 41.38 20.76
N VAL A 345 12.50 40.79 20.24
CA VAL A 345 12.48 40.21 18.89
C VAL A 345 12.36 38.69 18.95
N ILE A 346 11.84 38.15 20.06
CA ILE A 346 11.82 36.71 20.30
C ILE A 346 10.38 36.26 20.47
N ASN A 347 10.06 35.13 19.85
CA ASN A 347 8.70 34.60 19.86
C ASN A 347 8.21 34.39 21.30
N ALA A 348 6.92 34.60 21.51
CA ALA A 348 6.32 34.39 22.82
C ALA A 348 6.39 32.92 23.26
N ALA A 349 6.53 32.01 22.31
CA ALA A 349 6.59 30.58 22.64
C ALA A 349 7.98 30.13 23.09
N VAL A 350 9.02 30.88 22.72
CA VAL A 350 10.40 30.51 23.05
C VAL A 350 10.99 31.38 24.14
N LYS A 351 10.21 32.31 24.70
CA LYS A 351 10.71 33.09 25.83
C LYS A 351 10.91 32.24 27.08
N ASP A 352 10.29 31.06 27.15
CA ASP A 352 10.52 30.15 28.26
C ASP A 352 11.93 29.55 28.24
N VAL A 353 12.63 29.61 27.11
CA VAL A 353 13.97 29.05 26.98
C VAL A 353 14.99 30.08 26.55
N THR A 354 14.64 31.37 26.64
CA THR A 354 15.58 32.43 26.33
C THR A 354 16.52 32.64 27.52
N LEU A 355 17.82 32.74 27.23
CA LEU A 355 18.81 32.85 28.30
C LEU A 355 18.55 34.05 29.19
N ASP A 356 18.20 35.19 28.59
CA ASP A 356 17.90 36.39 29.36
C ASP A 356 16.77 36.14 30.34
N GLU A 357 15.69 35.50 29.87
CA GLU A 357 14.54 35.26 30.73
C GLU A 357 14.89 34.29 31.85
N LEU A 358 15.70 33.28 31.56
CA LEU A 358 16.11 32.33 32.61
C LEU A 358 16.95 33.01 33.67
N VAL A 359 17.91 33.84 33.26
CA VAL A 359 18.76 34.54 34.22
C VAL A 359 17.93 35.53 35.03
N LYS A 360 16.97 36.21 34.39
CA LYS A 360 16.10 37.11 35.12
C LYS A 360 15.26 36.37 36.14
N ALA A 361 14.70 35.22 35.76
CA ALA A 361 13.90 34.44 36.70
C ALA A 361 14.74 33.97 37.88
N ARG A 362 15.99 33.54 37.62
CA ARG A 362 16.83 33.07 38.71
C ARG A 362 17.21 34.22 39.64
N MET A 363 17.50 35.40 39.08
CA MET A 363 17.88 36.54 39.92
C MET A 363 16.69 37.12 40.68
N ASP A 364 15.47 36.96 40.16
CA ASP A 364 14.29 37.46 40.86
C ASP A 364 14.03 36.74 42.17
N ALA A 365 14.57 35.53 42.35
CA ALA A 365 14.38 34.83 43.62
C ALA A 365 15.30 35.35 44.71
N GLU A 366 16.54 35.70 44.37
CA GLU A 366 17.46 36.22 45.38
C GLU A 366 17.05 37.61 45.86
N LEU A 367 16.45 38.42 45.00
CA LEU A 367 16.00 39.75 45.38
C LEU A 367 14.92 39.68 46.46
N ARG A 376 15.01 49.74 51.04
CA ARG A 376 15.21 51.18 51.06
C ARG A 376 13.88 51.92 50.93
N ASP A 377 12.95 51.34 50.16
CA ASP A 377 11.65 51.98 49.95
C ASP A 377 10.77 51.89 51.19
N GLN A 378 10.85 50.79 51.94
CA GLN A 378 10.11 50.71 53.19
C GLN A 378 10.59 51.73 54.19
N LEU A 379 11.90 52.02 54.19
CA LEU A 379 12.42 53.09 55.02
C LEU A 379 11.79 54.42 54.64
N HIS A 380 11.62 54.67 53.35
CA HIS A 380 10.95 55.89 52.90
C HIS A 380 9.49 55.92 53.35
N LYS A 381 8.82 54.77 53.30
CA LYS A 381 7.43 54.71 53.74
C LYS A 381 7.32 55.04 55.23
N GLU A 382 8.18 54.44 56.05
CA GLU A 382 8.18 54.72 57.47
C GLU A 382 8.55 56.17 57.75
N ALA A 383 9.47 56.73 56.96
CA ALA A 383 9.81 58.14 57.11
C ALA A 383 8.62 59.03 56.83
N GLY A 384 7.88 58.75 55.76
CA GLY A 384 6.67 59.50 55.48
C GLY A 384 5.65 59.39 56.59
N GLU A 385 5.51 58.20 57.17
CA GLU A 385 4.51 58.01 58.23
C GLU A 385 4.94 58.72 59.51
N ILE A 386 6.22 58.68 59.85
CA ILE A 386 6.72 59.39 61.02
C ILE A 386 6.62 60.90 60.82
N LYS A 387 6.81 61.37 59.59
CA LYS A 387 6.64 62.79 59.33
C LYS A 387 5.18 63.21 59.44
N ALA A 388 4.26 62.34 59.02
CA ALA A 388 2.85 62.60 59.22
C ALA A 388 2.51 62.65 60.70
N LYS A 389 3.09 61.75 61.50
CA LYS A 389 2.88 61.78 62.94
C LYS A 389 3.41 63.07 63.54
N LEU A 390 4.58 63.53 63.09
CA LEU A 390 5.11 64.81 63.54
C LEU A 390 4.18 65.96 63.17
N ALA A 391 3.67 65.94 61.94
CA ALA A 391 2.73 66.98 61.49
C ALA A 391 1.46 66.97 62.31
N GLU A 392 1.03 65.80 62.79
CA GLU A 392 -0.12 65.75 63.69
C GLU A 392 0.23 66.33 65.06
N ILE A 393 1.38 65.94 65.61
CA ILE A 393 1.72 66.31 66.98
C ILE A 393 2.01 67.80 67.11
N ARG A 394 2.60 68.42 66.08
CA ARG A 394 3.08 69.80 66.21
C ARG A 394 1.97 70.79 66.55
N PRO A 395 0.85 70.85 65.81
CA PRO A 395 -0.21 71.81 66.20
C PRO A 395 -0.83 71.49 67.56
N GLN A 396 -1.01 70.21 67.89
CA GLN A 396 -1.50 69.85 69.20
C GLN A 396 -0.60 70.38 70.31
N LEU A 397 0.72 70.24 70.12
CA LEU A 397 1.67 70.77 71.09
C LEU A 397 1.59 72.29 71.17
N ASP A 398 1.51 72.96 70.01
CA ASP A 398 1.40 74.41 70.01
C ASP A 398 0.17 74.88 70.76
N ALA A 399 -0.95 74.18 70.58
CA ALA A 399 -2.19 74.56 71.26
C ALA A 399 -2.09 74.28 72.76
N ALA A 400 -1.52 73.14 73.14
CA ALA A 400 -1.38 72.82 74.56
C ALA A 400 -0.42 73.77 75.27
N ARG A 401 0.54 74.33 74.52
CA ARG A 401 1.49 75.28 75.11
C ARG A 401 0.89 76.68 75.21
N LEU A 402 0.07 77.06 74.23
CA LEU A 402 -0.59 78.36 74.25
C LEU A 402 -1.75 78.46 75.24
N SER A 403 -2.04 77.39 75.98
CA SER A 403 -3.14 77.39 76.93
C SER A 403 -2.73 76.95 78.34
N ASP A 404 -1.43 76.91 78.63
CA ASP A 404 -0.90 76.56 79.95
C ASP A 404 -1.42 75.18 80.41
N ASP A 405 -1.13 74.17 79.59
CA ASP A 405 -1.50 72.79 79.86
C ASP A 405 -0.20 72.01 80.10
N ARG A 406 0.17 71.85 81.36
CA ARG A 406 1.47 71.26 81.70
C ARG A 406 1.54 69.81 81.24
N ALA A 407 0.64 68.96 81.74
CA ALA A 407 0.73 67.52 81.47
C ALA A 407 0.57 67.22 79.98
N SER A 408 -0.38 67.88 79.32
CA SER A 408 -0.64 67.58 77.91
C SER A 408 0.54 68.01 77.04
N ALA A 409 1.07 69.21 77.28
CA ALA A 409 2.24 69.67 76.54
C ALA A 409 3.43 68.74 76.80
N MET A 410 3.58 68.27 78.04
CA MET A 410 4.68 67.38 78.38
C MET A 410 4.58 66.07 77.59
N LYS A 411 3.39 65.47 77.59
CA LYS A 411 3.17 64.22 76.86
C LYS A 411 3.40 64.41 75.36
N LEU A 412 2.88 65.50 74.79
CA LEU A 412 3.04 65.72 73.35
C LEU A 412 4.48 66.01 72.98
N GLN A 413 5.23 66.69 73.86
CA GLN A 413 6.66 66.92 73.60
C GLN A 413 7.43 65.60 73.66
N ARG A 414 7.05 64.72 74.58
CA ARG A 414 7.66 63.39 74.66
C ARG A 414 7.43 62.62 73.37
N GLU A 415 6.19 62.60 72.88
CA GLU A 415 5.88 61.93 71.63
C GLU A 415 6.64 62.55 70.46
N PHE A 416 6.73 63.88 70.44
CA PHE A 416 7.47 64.57 69.40
C PHE A 416 8.94 64.15 69.39
N ASP A 417 9.55 64.02 70.57
CA ASP A 417 10.95 63.64 70.65
C ASP A 417 11.16 62.20 70.20
N GLU A 418 10.25 61.29 70.59
CA GLU A 418 10.36 59.91 70.11
C GLU A 418 10.25 59.84 68.59
N LEU A 419 9.32 60.60 68.01
CA LEU A 419 9.18 60.60 66.56
C LEU A 419 10.42 61.16 65.89
N LYS A 420 11.04 62.18 66.49
CA LYS A 420 12.27 62.73 65.92
C LYS A 420 13.40 61.71 65.99
N ARG A 421 13.45 60.91 67.07
CA ARG A 421 14.46 59.86 67.15
C ARG A 421 14.28 58.83 66.04
N ARG A 422 13.03 58.38 65.83
CA ARG A 422 12.79 57.43 64.75
C ARG A 422 13.12 58.02 63.39
N GLN A 423 12.82 59.31 63.20
CA GLN A 423 13.15 59.97 61.94
C GLN A 423 14.65 60.00 61.71
N ALA A 424 15.41 60.31 62.77
CA ALA A 424 16.87 60.34 62.63
C ALA A 424 17.42 58.95 62.32
N HIS A 425 16.87 57.92 62.94
CA HIS A 425 17.31 56.56 62.64
C HIS A 425 17.05 56.20 61.19
N ILE A 426 15.84 56.49 60.70
CA ILE A 426 15.51 56.13 59.32
C ILE A 426 16.35 56.93 58.34
N GLY A 427 16.62 58.21 58.64
CA GLY A 427 17.47 59.00 57.78
C GLY A 427 18.91 58.52 57.76
N ALA A 428 19.41 58.02 58.90
CA ALA A 428 20.75 57.44 58.92
C ALA A 428 20.80 56.14 58.11
N LYS A 429 19.76 55.31 58.21
CA LYS A 429 19.76 54.07 57.43
C LYS A 429 19.63 54.34 55.93
N ILE A 430 18.87 55.36 55.55
CA ILE A 430 18.72 55.69 54.12
C ILE A 430 20.06 56.05 53.51
N ASP A 431 20.94 56.70 54.27
CA ASP A 431 22.26 57.05 53.74
C ASP A 431 23.15 55.84 53.52
N ALA A 432 22.84 54.71 54.16
CA ALA A 432 23.58 53.48 53.92
C ALA A 432 23.08 52.78 52.66
CA GLY A 437 25.48 50.21 48.50
C GLY A 437 25.82 49.70 47.12
N ASN A 438 26.75 50.39 46.45
CA ASN A 438 27.17 50.00 45.11
C ASN A 438 27.81 48.62 45.10
N THR A 439 28.45 48.23 46.20
CA THR A 439 29.02 46.89 46.30
C THR A 439 27.95 45.83 46.08
N TYR A 440 26.74 46.07 46.59
CA TYR A 440 25.64 45.13 46.34
C TYR A 440 25.32 45.05 44.85
N ALA A 441 25.36 46.18 44.15
CA ALA A 441 25.14 46.16 42.70
C ALA A 441 26.22 45.34 41.98
N ARG A 442 27.48 45.53 42.38
CA ARG A 442 28.56 44.75 41.78
C ARG A 442 28.38 43.26 42.06
N GLU A 443 28.00 42.92 43.29
CA GLU A 443 27.76 41.51 43.62
C GLU A 443 26.58 40.96 42.82
N THR A 444 25.58 41.80 42.52
CA THR A 444 24.48 41.36 41.68
C THR A 444 24.95 41.10 40.26
N GLU A 445 25.84 41.95 39.74
CA GLU A 445 26.36 41.74 38.40
C GLU A 445 27.20 40.45 38.34
N ILE A 446 28.00 40.21 39.38
CA ILE A 446 28.79 38.98 39.46
C ILE A 446 27.87 37.76 39.51
N LYS A 447 26.77 37.86 40.27
CA LYS A 447 25.81 36.76 40.32
C LYS A 447 25.13 36.55 38.98
N ARG A 448 24.83 37.64 38.28
CA ARG A 448 24.31 37.53 36.91
C ARG A 448 25.26 36.76 36.02
N ARG A 449 26.55 37.11 36.05
CA ARG A 449 27.53 36.41 35.22
C ARG A 449 27.61 34.93 35.60
N GLN A 450 27.65 34.64 36.90
CA GLN A 450 27.67 33.25 37.35
C GLN A 450 26.45 32.47 36.85
N ILE A 451 25.26 33.05 37.00
CA ILE A 451 24.04 32.39 36.55
C ILE A 451 24.08 32.16 35.04
N GLN A 452 24.54 33.16 34.28
CA GLN A 452 24.68 32.99 32.84
C GLN A 452 25.55 31.78 32.51
N GLN A 453 26.73 31.72 33.12
CA GLN A 453 27.63 30.60 32.87
C GLN A 453 26.98 29.27 33.25
N GLU A 454 26.36 29.22 34.43
CA GLU A 454 25.77 27.97 34.91
C GLU A 454 24.64 27.50 34.01
N ILE A 455 23.88 28.43 33.44
CA ILE A 455 22.79 28.04 32.53
C ILE A 455 23.35 27.60 31.20
N LEU A 456 24.37 28.30 30.70
CA LEU A 456 24.99 27.92 29.44
C LEU A 456 25.61 26.53 29.52
N ASP A 457 26.18 26.18 30.69
CA ASP A 457 26.88 24.91 30.82
C ASP A 457 25.94 23.72 30.80
N LYS A 458 24.69 23.89 31.22
CA LYS A 458 23.74 22.78 31.19
C LYS A 458 23.02 22.64 29.86
N ALA A 459 23.06 23.66 29.01
CA ALA A 459 22.39 23.61 27.73
C ALA A 459 23.21 22.82 26.71
N GLN A 460 22.54 21.97 25.95
CA GLN A 460 23.20 21.15 24.94
C GLN A 460 23.18 21.76 23.55
N VAL A 461 22.18 22.57 23.22
CA VAL A 461 22.07 23.22 21.92
C VAL A 461 21.74 24.69 22.15
N LEU A 462 22.52 25.57 21.52
CA LEU A 462 22.32 27.01 21.61
C LEU A 462 21.92 27.55 20.24
N CYS A 463 20.80 28.25 20.17
CA CYS A 463 20.30 28.82 18.93
C CYS A 463 20.44 30.33 18.95
N ALA A 464 20.84 30.91 17.82
CA ALA A 464 21.09 32.34 17.78
C ALA A 464 21.03 32.85 16.34
N THR A 465 20.95 34.18 16.22
CA THR A 465 21.22 34.86 14.97
C THR A 465 22.71 34.91 14.73
N LEU A 466 23.09 35.23 13.48
CA LEU A 466 24.50 35.27 13.14
C LEU A 466 25.23 36.36 13.91
N SER A 467 24.68 37.59 13.91
CA SER A 467 25.32 38.66 14.66
C SER A 467 25.19 38.44 16.16
N GLY A 468 24.06 37.90 16.60
CA GLY A 468 23.88 37.64 18.02
C GLY A 468 24.91 36.69 18.58
N SER A 469 25.41 35.77 17.77
CA SER A 469 26.44 34.83 18.20
C SER A 469 27.82 35.46 18.28
N GLY A 470 27.95 36.75 17.98
CA GLY A 470 29.20 37.45 18.12
C GLY A 470 29.12 38.53 19.18
N HIS A 471 28.24 38.33 20.15
CA HIS A 471 27.97 39.34 21.17
C HIS A 471 29.18 39.53 22.08
N GLU A 472 29.22 40.68 22.74
CA GLU A 472 30.30 40.96 23.70
C GLU A 472 30.24 40.04 24.90
N MET A 473 29.06 39.50 25.20
CA MET A 473 28.87 38.62 26.36
C MET A 473 29.90 37.51 26.39
N PHE A 474 30.05 36.79 25.27
CA PHE A 474 30.95 35.64 25.19
C PHE A 474 32.41 36.03 25.38
N LYS A 475 32.73 37.33 25.46
CA LYS A 475 34.08 37.75 25.76
C LYS A 475 34.42 37.56 27.24
N ASN A 476 33.42 37.39 28.10
CA ASN A 476 33.64 37.08 29.51
C ASN A 476 32.98 35.76 29.90
N LEU A 477 32.85 34.84 28.94
CA LEU A 477 32.28 33.53 29.20
C LEU A 477 33.10 32.49 28.45
N ASN A 478 33.58 31.48 29.17
CA ASN A 478 34.41 30.43 28.59
C ASN A 478 33.50 29.43 27.88
N VAL A 479 33.51 29.46 26.54
CA VAL A 479 32.62 28.62 25.75
C VAL A 479 33.31 28.30 24.43
N GLU A 480 33.03 27.11 23.91
CA GLU A 480 33.45 26.72 22.57
C GLU A 480 32.30 26.01 21.88
N PHE A 481 32.14 26.27 20.59
CA PHE A 481 31.10 25.66 19.77
C PHE A 481 31.79 24.83 18.70
N GLU A 482 31.94 23.53 18.99
CA GLU A 482 32.65 22.64 18.09
C GLU A 482 31.94 22.53 16.74
N THR A 483 30.61 22.47 16.76
CA THR A 483 29.83 22.29 15.55
C THR A 483 28.80 23.41 15.43
N VAL A 484 28.76 24.05 14.27
CA VAL A 484 27.83 25.13 13.97
C VAL A 484 26.99 24.72 12.75
N ILE A 485 25.68 24.87 12.87
CA ILE A 485 24.75 24.64 11.78
C ILE A 485 24.14 25.98 11.41
N ILE A 486 24.43 26.46 10.20
CA ILE A 486 23.88 27.72 9.70
C ILE A 486 22.71 27.39 8.79
N ASP A 487 21.51 27.80 9.21
CA ASP A 487 20.31 27.69 8.40
C ASP A 487 20.14 28.94 7.54
N GLU A 488 19.40 28.80 6.45
CA GLU A 488 19.24 29.87 5.45
C GLU A 488 20.61 30.38 4.99
N ALA A 489 21.49 29.42 4.67
CA ALA A 489 22.89 29.74 4.44
C ALA A 489 23.10 30.63 3.22
N ALA A 490 22.17 30.64 2.28
CA ALA A 490 22.28 31.45 1.07
C ALA A 490 21.66 32.83 1.23
N GLN A 491 21.17 33.17 2.42
CA GLN A 491 20.50 34.45 2.67
C GLN A 491 21.35 35.40 3.49
N CYS A 492 22.65 35.15 3.63
CA CYS A 492 23.52 35.99 4.43
C CYS A 492 24.85 36.18 3.72
N VAL A 493 25.42 37.38 3.89
CA VAL A 493 26.72 37.68 3.31
C VAL A 493 27.78 36.87 4.03
N GLU A 494 28.98 36.82 3.45
CA GLU A 494 30.01 35.91 3.97
C GLU A 494 30.44 36.29 5.38
N LEU A 495 30.65 37.59 5.64
CA LEU A 495 31.12 38.01 6.96
C LEU A 495 30.13 37.65 8.05
N SER A 496 28.83 37.62 7.74
CA SER A 496 27.84 37.20 8.72
C SER A 496 27.98 35.72 9.05
N ALA A 497 28.28 34.89 8.04
CA ALA A 497 28.50 33.47 8.28
C ALA A 497 29.76 33.22 9.11
N LEU A 498 30.76 34.09 8.99
CA LEU A 498 32.01 33.89 9.71
C LEU A 498 31.88 34.17 11.21
N ILE A 499 30.88 34.93 11.62
CA ILE A 499 30.73 35.34 13.02
C ILE A 499 30.68 34.16 13.97
N PRO A 500 29.78 33.18 13.80
CA PRO A 500 29.70 32.08 14.77
C PRO A 500 30.88 31.11 14.72
N LEU A 501 31.84 31.31 13.82
CA LEU A 501 32.93 30.36 13.62
C LEU A 501 34.18 30.73 14.40
N LYS A 502 34.16 31.78 15.20
CA LYS A 502 35.35 32.18 15.94
C LYS A 502 35.50 31.47 17.28
N TYR A 503 34.61 30.54 17.62
CA TYR A 503 34.64 29.85 18.90
C TYR A 503 35.13 28.41 18.74
N GLY A 504 36.15 28.21 17.92
CA GLY A 504 36.75 26.89 17.77
C GLY A 504 35.95 25.92 16.95
N CYS A 505 35.17 26.39 15.97
CA CYS A 505 34.37 25.50 15.15
C CYS A 505 35.23 24.77 14.13
N ASN A 506 35.11 23.45 14.10
CA ASN A 506 35.75 22.64 13.07
C ASN A 506 34.75 21.80 12.28
N LYS A 507 33.46 21.97 12.53
CA LYS A 507 32.42 21.28 11.78
C LYS A 507 31.27 22.27 11.58
N CYS A 508 30.93 22.54 10.33
CA CYS A 508 29.91 23.53 9.98
C CYS A 508 28.99 22.95 8.92
N ILE A 509 27.72 22.79 9.26
CA ILE A 509 26.70 22.31 8.34
C ILE A 509 25.89 23.50 7.84
N LEU A 510 25.95 23.76 6.54
CA LEU A 510 25.30 24.91 5.93
C LEU A 510 24.07 24.41 5.18
N VAL A 511 22.88 24.70 5.71
CA VAL A 511 21.62 24.37 5.05
C VAL A 511 21.09 25.61 4.37
N GLY A 512 20.96 25.57 3.05
CA GLY A 512 20.52 26.74 2.33
C GLY A 512 19.98 26.39 0.97
N ASP A 513 19.72 27.45 0.18
CA ASP A 513 19.22 27.27 -1.17
C ASP A 513 19.56 28.50 -2.00
N PRO A 514 20.65 28.46 -2.79
CA PRO A 514 20.99 29.61 -3.64
C PRO A 514 20.01 29.87 -4.75
N LYS A 515 19.11 28.92 -5.06
CA LYS A 515 18.12 29.16 -6.10
C LYS A 515 17.05 30.15 -5.66
N GLN A 516 16.94 30.43 -4.36
CA GLN A 516 16.01 31.43 -3.87
C GLN A 516 16.71 32.76 -3.62
N LEU A 517 16.18 33.58 -2.72
CA LEU A 517 16.63 34.97 -2.63
C LEU A 517 18.00 35.09 -1.96
N PRO A 518 18.81 36.05 -2.40
CA PRO A 518 20.12 36.28 -1.77
C PRO A 518 19.99 37.21 -0.57
N PRO A 519 21.08 37.48 0.16
CA PRO A 519 21.01 38.46 1.25
C PRO A 519 20.77 39.88 0.75
N THR A 520 20.17 40.68 1.63
CA THR A 520 19.93 42.09 1.36
C THR A 520 21.23 42.88 1.26
N VAL A 521 21.51 43.40 0.07
CA VAL A 521 22.67 44.25 -0.18
C VAL A 521 22.14 45.58 -0.71
N LEU A 522 22.00 46.57 0.18
CA LEU A 522 21.49 47.88 -0.22
C LEU A 522 22.42 48.57 -1.22
N SER A 523 23.71 48.23 -1.19
CA SER A 523 24.67 48.82 -2.11
C SER A 523 24.57 48.12 -3.46
N GLN A 524 24.08 48.85 -4.48
CA GLN A 524 24.01 48.26 -5.81
C GLN A 524 25.41 48.00 -6.37
N SER A 525 26.37 48.85 -6.00
CA SER A 525 27.75 48.64 -6.45
C SER A 525 28.35 47.41 -5.81
N ALA A 526 28.22 47.27 -4.49
CA ALA A 526 28.75 46.09 -3.82
C ALA A 526 28.03 44.83 -4.27
N ALA A 527 26.73 44.92 -4.57
CA ALA A 527 26.02 43.77 -5.11
C ALA A 527 26.53 43.40 -6.49
N LYS A 528 26.89 44.40 -7.30
CA LYS A 528 27.49 44.12 -8.60
C LYS A 528 28.89 43.52 -8.47
N TYR A 529 29.64 43.92 -7.43
CA TYR A 529 30.95 43.35 -7.20
C TYR A 529 30.91 41.93 -6.67
N GLY A 530 29.75 41.47 -6.22
CA GLY A 530 29.60 40.14 -5.69
C GLY A 530 29.45 40.03 -4.19
N TYR A 531 29.12 41.13 -3.50
CA TYR A 531 28.96 41.07 -2.05
C TYR A 531 27.68 40.36 -1.65
N ASP A 532 26.73 40.21 -2.58
CA ASP A 532 25.51 39.46 -2.35
C ASP A 532 25.70 37.95 -2.45
N GLN A 533 26.94 37.47 -2.59
CA GLN A 533 27.21 36.05 -2.69
C GLN A 533 27.52 35.49 -1.30
N SER A 534 26.73 34.51 -0.89
CA SER A 534 26.98 33.86 0.39
C SER A 534 28.17 32.90 0.26
N LEU A 535 28.70 32.50 1.41
CA LEU A 535 29.76 31.50 1.43
C LEU A 535 29.27 30.17 0.84
N PHE A 536 28.02 29.81 1.13
CA PHE A 536 27.39 28.65 0.52
C PHE A 536 27.50 28.69 -0.99
N VAL A 537 27.18 29.84 -1.60
CA VAL A 537 27.19 29.95 -3.05
C VAL A 537 28.60 29.77 -3.60
N ARG A 538 29.60 30.35 -2.93
CA ARG A 538 30.97 30.20 -3.40
C ARG A 538 31.46 28.75 -3.29
N MET A 539 31.15 28.10 -2.16
CA MET A 539 31.57 26.71 -1.98
C MET A 539 30.89 25.79 -3.00
N GLN A 540 29.60 25.99 -3.26
CA GLN A 540 28.95 25.17 -4.29
C GLN A 540 29.44 25.54 -5.69
N LYS A 541 29.86 26.79 -5.89
CA LYS A 541 30.41 27.20 -7.17
C LYS A 541 31.73 26.48 -7.45
N ASN A 542 32.53 26.27 -6.41
CA ASN A 542 33.82 25.59 -6.62
C ASN A 542 33.68 24.08 -6.63
N HIS A 543 32.90 23.51 -5.72
CA HIS A 543 32.73 22.06 -5.58
C HIS A 543 31.25 21.70 -5.58
N PRO A 544 30.61 21.74 -6.75
CA PRO A 544 29.16 21.45 -6.79
C PRO A 544 28.82 20.00 -6.47
N LYS A 545 29.69 19.05 -6.80
CA LYS A 545 29.40 17.64 -6.60
C LYS A 545 29.41 17.25 -5.12
N ASP A 546 29.91 18.09 -4.23
CA ASP A 546 29.97 17.78 -2.80
C ASP A 546 28.75 18.30 -2.04
N VAL A 547 27.78 18.88 -2.73
CA VAL A 547 26.60 19.44 -2.09
C VAL A 547 25.51 18.37 -2.04
N HIS A 548 24.89 18.21 -0.87
CA HIS A 548 23.83 17.24 -0.67
C HIS A 548 22.49 17.92 -0.96
N LEU A 549 21.82 17.49 -2.02
CA LEU A 549 20.56 18.09 -2.43
C LEU A 549 19.39 17.28 -1.89
N LEU A 550 18.47 17.96 -1.21
CA LEU A 550 17.21 17.35 -0.82
C LEU A 550 16.26 17.43 -2.01
N ASP A 551 15.87 16.28 -2.56
CA ASP A 551 15.27 16.23 -3.88
C ASP A 551 13.76 16.02 -3.89
N MET A 552 13.14 15.77 -2.73
CA MET A 552 11.70 15.50 -2.67
C MET A 552 11.01 16.57 -1.86
N GLN A 553 10.08 17.28 -2.50
CA GLN A 553 9.28 18.30 -1.84
C GLN A 553 7.92 17.74 -1.44
N TYR A 554 7.37 18.30 -0.36
CA TYR A 554 6.09 17.84 0.18
C TYR A 554 5.12 18.98 0.43
N ARG A 555 5.30 20.12 -0.26
CA ARG A 555 4.48 21.29 -0.05
C ARG A 555 3.48 21.52 -1.17
N MET A 556 3.95 21.63 -2.42
CA MET A 556 3.13 22.08 -3.52
C MET A 556 2.36 20.92 -4.16
N HIS A 557 1.14 21.22 -4.60
CA HIS A 557 0.45 20.33 -5.52
C HIS A 557 1.31 20.14 -6.77
N PRO A 558 1.34 18.94 -7.36
CA PRO A 558 2.22 18.72 -8.52
C PRO A 558 2.08 19.74 -9.62
N GLU A 559 0.89 20.31 -9.83
CA GLU A 559 0.74 21.35 -10.84
C GLU A 559 1.48 22.62 -10.45
N ILE A 560 1.53 22.94 -9.15
CA ILE A 560 2.21 24.15 -8.71
C ILE A 560 3.73 23.98 -8.83
N SER A 561 4.24 22.79 -8.49
CA SER A 561 5.67 22.54 -8.50
C SER A 561 6.20 22.18 -9.88
N ARG A 562 5.34 21.82 -10.82
CA ARG A 562 5.75 21.37 -12.14
C ARG A 562 6.74 22.36 -12.79
N PHE A 563 6.33 23.62 -12.92
CA PHE A 563 7.19 24.58 -13.62
C PHE A 563 8.47 24.92 -12.85
N PRO A 564 8.43 25.25 -11.55
CA PRO A 564 9.71 25.57 -10.87
C PRO A 564 10.70 24.42 -10.86
N SER A 565 10.22 23.18 -10.66
CA SER A 565 11.12 22.03 -10.64
C SER A 565 11.90 21.94 -11.94
N LYS A 566 11.21 22.01 -13.08
CA LYS A 566 11.90 21.90 -14.36
C LYS A 566 12.80 23.11 -14.62
N GLU A 567 12.26 24.32 -14.43
CA GLU A 567 12.94 25.52 -14.90
C GLU A 567 13.95 26.08 -13.91
N PHE A 568 13.94 25.65 -12.66
CA PHE A 568 14.88 26.16 -11.66
C PHE A 568 15.71 25.09 -10.99
N TYR A 569 15.20 23.86 -10.87
CA TYR A 569 15.93 22.78 -10.22
C TYR A 569 16.25 21.66 -11.19
N GLU A 570 16.40 21.99 -12.47
CA GLU A 570 16.89 21.06 -13.49
C GLU A 570 16.08 19.77 -13.54
N GLY A 571 14.79 19.87 -13.26
CA GLY A 571 13.95 18.67 -13.20
C GLY A 571 14.36 17.68 -12.14
N LEU A 572 15.13 18.12 -11.14
CA LEU A 572 15.59 17.23 -10.07
C LEU A 572 14.66 17.23 -8.86
N LEU A 573 13.82 18.25 -8.71
CA LEU A 573 12.91 18.34 -7.58
C LEU A 573 11.66 17.54 -7.89
N GLN A 574 11.55 16.36 -7.30
CA GLN A 574 10.42 15.47 -7.50
C GLN A 574 9.38 15.67 -6.39
N ASP A 575 8.14 15.32 -6.71
CA ASP A 575 7.06 15.40 -5.75
C ASP A 575 7.04 14.17 -4.85
N GLY A 576 6.60 14.37 -3.61
CA GLY A 576 6.45 13.26 -2.69
C GLY A 576 5.36 12.30 -3.10
N ALA A 577 5.27 11.20 -2.35
CA ALA A 577 4.25 10.20 -2.62
C ALA A 577 2.87 10.72 -2.24
N ASP A 578 1.90 10.51 -3.13
CA ASP A 578 0.50 10.88 -2.87
C ASP A 578 0.35 12.37 -2.61
N MET A 579 1.15 13.18 -3.33
CA MET A 579 1.12 14.62 -3.11
C MET A 579 -0.09 15.28 -3.75
N ALA A 580 -0.47 14.88 -4.96
CA ALA A 580 -1.65 15.46 -5.60
C ALA A 580 -2.92 15.13 -4.82
N ARG A 581 -3.01 13.92 -4.28
CA ARG A 581 -4.16 13.56 -3.47
C ARG A 581 -4.16 14.29 -2.13
N LEU A 582 -2.98 14.63 -1.61
CA LEU A 582 -2.93 15.36 -0.35
C LEU A 582 -3.37 16.81 -0.51
N ARG A 583 -3.09 17.41 -1.67
CA ARG A 583 -3.48 18.78 -1.95
C ARG A 583 -4.84 18.87 -2.64
N LEU A 584 -5.60 17.78 -2.66
CA LEU A 584 -6.92 17.78 -3.28
C LEU A 584 -7.87 18.64 -2.47
N GLN A 585 -8.40 19.69 -3.08
CA GLN A 585 -9.29 20.60 -2.37
C GLN A 585 -10.63 20.68 -3.09
N PRO A 586 -11.72 20.95 -2.36
CA PRO A 586 -13.04 21.02 -3.02
C PRO A 586 -13.10 22.09 -4.10
N TRP A 587 -12.54 23.27 -3.85
CA TRP A 587 -12.64 24.35 -4.82
C TRP A 587 -11.90 24.06 -6.12
N HIS A 588 -11.06 23.03 -6.16
CA HIS A 588 -10.46 22.60 -7.42
C HIS A 588 -11.48 22.07 -8.41
N GLN A 589 -12.71 21.78 -7.98
CA GLN A 589 -13.73 21.36 -8.93
C GLN A 589 -14.10 22.49 -9.89
N SER A 590 -13.93 23.74 -9.48
CA SER A 590 -14.14 24.87 -10.37
C SER A 590 -12.91 25.06 -11.26
N VAL A 591 -13.15 25.21 -12.57
CA VAL A 591 -12.05 25.28 -13.53
C VAL A 591 -11.12 26.43 -13.19
N LEU A 592 -11.68 27.59 -12.86
CA LEU A 592 -10.87 28.77 -12.59
C LEU A 592 -10.33 28.81 -11.17
N LEU A 593 -10.66 27.84 -10.33
CA LEU A 593 -10.17 27.75 -8.96
C LEU A 593 -9.37 26.47 -8.76
N GLY A 594 -8.59 26.07 -9.77
CA GLY A 594 -7.83 24.86 -9.71
C GLY A 594 -6.55 25.00 -8.90
N PRO A 595 -5.64 24.03 -9.05
CA PRO A 595 -4.38 24.11 -8.30
C PRO A 595 -3.43 25.18 -8.79
N TYR A 596 -3.49 25.54 -10.08
CA TYR A 596 -2.55 26.50 -10.65
C TYR A 596 -3.18 27.14 -11.87
N ARG A 597 -3.03 28.46 -12.00
CA ARG A 597 -3.64 29.19 -13.09
C ARG A 597 -3.00 30.57 -13.21
N PHE A 598 -2.94 31.06 -14.45
CA PHE A 598 -2.43 32.39 -14.76
C PHE A 598 -3.56 33.21 -15.37
N PHE A 599 -3.92 34.30 -14.72
CA PHE A 599 -4.94 35.22 -15.21
C PHE A 599 -4.26 36.41 -15.88
N ASP A 600 -4.47 36.56 -17.19
CA ASP A 600 -3.86 37.65 -17.95
C ASP A 600 -4.69 38.91 -17.71
N VAL A 601 -4.41 39.58 -16.59
CA VAL A 601 -5.11 40.80 -16.20
C VAL A 601 -4.44 41.96 -16.93
N LYS A 602 -5.02 42.38 -18.05
CA LYS A 602 -4.50 43.54 -18.78
C LYS A 602 -4.87 44.81 -18.02
N GLY A 603 -3.87 45.43 -17.40
CA GLY A 603 -4.07 46.63 -16.62
C GLY A 603 -3.00 47.66 -16.89
N SER A 604 -2.77 48.56 -15.94
CA SER A 604 -1.76 49.60 -16.08
C SER A 604 -1.06 49.81 -14.75
N GLN A 605 0.25 49.96 -14.81
CA GLN A 605 1.04 50.19 -13.61
C GLN A 605 1.16 51.69 -13.35
N GLU A 606 1.35 52.04 -12.08
CA GLU A 606 1.40 53.44 -11.70
C GLU A 606 2.21 53.57 -10.42
N ARG A 607 2.97 54.67 -10.32
CA ARG A 607 3.79 54.92 -9.15
C ARG A 607 2.92 55.00 -7.90
N GLY A 608 3.42 54.44 -6.79
CA GLY A 608 2.70 54.48 -5.55
C GLY A 608 2.69 55.87 -4.96
N PRO A 609 2.04 56.02 -3.81
CA PRO A 609 2.00 57.33 -3.15
C PRO A 609 3.40 57.81 -2.80
N LYS A 610 3.62 59.11 -2.94
CA LYS A 610 4.92 59.74 -2.68
C LYS A 610 6.01 59.18 -3.59
N ASN A 611 5.63 58.75 -4.79
CA ASN A 611 6.55 58.12 -5.74
C ASN A 611 7.30 56.94 -5.11
N GLN A 612 6.53 56.02 -4.54
CA GLN A 612 7.11 54.90 -3.81
C GLN A 612 7.56 53.81 -4.78
N SER A 613 6.69 52.85 -5.08
CA SER A 613 7.03 51.79 -6.02
C SER A 613 6.03 51.75 -7.18
N LEU A 614 5.22 50.70 -7.24
CA LEU A 614 4.28 50.55 -8.34
C LEU A 614 2.96 50.00 -7.81
N VAL A 615 1.87 50.43 -8.45
CA VAL A 615 0.53 49.94 -8.16
C VAL A 615 -0.15 49.57 -9.48
N ASN A 616 -0.97 48.53 -9.44
CA ASN A 616 -1.81 48.13 -10.57
C ASN A 616 -3.22 47.97 -10.02
N GLU A 617 -4.04 49.01 -10.17
CA GLU A 617 -5.37 49.01 -9.58
C GLU A 617 -6.27 47.94 -10.19
N GLU A 618 -6.09 47.65 -11.48
CA GLU A 618 -6.88 46.59 -12.11
C GLU A 618 -6.55 45.23 -11.51
N GLU A 619 -5.28 44.99 -11.20
CA GLU A 619 -4.92 43.73 -10.55
C GLU A 619 -5.49 43.66 -9.13
N VAL A 620 -5.57 44.78 -8.43
CA VAL A 620 -6.20 44.80 -7.11
C VAL A 620 -7.68 44.44 -7.23
N LYS A 621 -8.36 45.07 -8.19
CA LYS A 621 -9.77 44.76 -8.42
C LYS A 621 -9.98 43.30 -8.76
N VAL A 622 -9.11 42.74 -9.62
CA VAL A 622 -9.24 41.34 -10.00
C VAL A 622 -8.96 40.41 -8.82
N ALA A 623 -8.00 40.78 -7.96
CA ALA A 623 -7.73 39.97 -6.78
C ALA A 623 -8.93 39.97 -5.84
N MET A 624 -9.55 41.13 -5.64
CA MET A 624 -10.74 41.19 -4.81
C MET A 624 -11.88 40.38 -5.43
N GLN A 625 -12.03 40.45 -6.75
CA GLN A 625 -13.08 39.69 -7.43
C GLN A 625 -12.84 38.19 -7.31
N LEU A 626 -11.57 37.76 -7.40
CA LEU A 626 -11.24 36.35 -7.28
C LEU A 626 -11.52 35.85 -5.87
N TYR A 627 -11.09 36.61 -4.85
CA TYR A 627 -11.41 36.23 -3.48
C TYR A 627 -12.91 36.17 -3.26
N MET A 628 -13.66 37.12 -3.84
CA MET A 628 -15.11 37.13 -3.65
C MET A 628 -15.76 35.92 -4.30
N ARG A 629 -15.36 35.60 -5.53
CA ARG A 629 -15.89 34.43 -6.22
C ARG A 629 -15.60 33.15 -5.45
N PHE A 630 -14.35 32.99 -5.01
CA PHE A 630 -13.97 31.78 -4.27
C PHE A 630 -14.74 31.67 -2.96
N ARG A 631 -14.83 32.77 -2.21
CA ARG A 631 -15.53 32.72 -0.93
C ARG A 631 -17.02 32.50 -1.10
N SER A 632 -17.62 33.07 -2.15
CA SER A 632 -19.05 32.95 -2.36
C SER A 632 -19.42 31.55 -2.82
N ASP A 633 -18.63 30.97 -3.72
CA ASP A 633 -18.95 29.65 -4.25
C ASP A 633 -18.62 28.52 -3.27
N TYR A 634 -17.84 28.80 -2.23
CA TYR A 634 -17.46 27.79 -1.23
C TYR A 634 -17.60 28.43 0.15
N ARG A 635 -18.84 28.52 0.62
CA ARG A 635 -19.13 29.21 1.88
C ARG A 635 -18.79 28.36 3.09
N ASP A 636 -18.85 27.03 2.96
CA ASP A 636 -18.72 26.13 4.09
C ASP A 636 -17.29 25.65 4.33
N ILE A 637 -16.29 26.39 3.87
CA ILE A 637 -14.89 26.01 4.06
C ILE A 637 -14.23 27.03 4.98
N ASP A 638 -13.69 26.53 6.10
CA ASP A 638 -12.94 27.38 7.02
C ASP A 638 -11.66 27.85 6.35
N LEU A 639 -11.55 29.16 6.12
CA LEU A 639 -10.43 29.73 5.40
C LEU A 639 -9.50 30.54 6.30
N THR A 640 -9.74 30.55 7.61
CA THR A 640 -8.94 31.36 8.53
C THR A 640 -7.47 30.98 8.49
N GLY A 641 -6.62 31.89 8.00
CA GLY A 641 -5.20 31.63 7.91
C GLY A 641 -4.78 30.72 6.78
N LYS A 642 -5.63 30.57 5.76
CA LYS A 642 -5.33 29.68 4.63
C LYS A 642 -5.04 30.42 3.34
N ILE A 643 -5.24 31.72 3.28
CA ILE A 643 -5.05 32.50 2.06
C ILE A 643 -3.94 33.51 2.28
N GLY A 644 -3.10 33.66 1.26
CA GLY A 644 -2.09 34.71 1.27
C GLY A 644 -2.13 35.45 -0.05
N ILE A 645 -1.91 36.75 0.03
CA ILE A 645 -1.87 37.62 -1.14
C ILE A 645 -0.48 38.27 -1.13
N ILE A 646 0.34 37.91 -2.11
CA ILE A 646 1.71 38.39 -2.17
C ILE A 646 1.92 39.19 -3.45
N THR A 647 2.72 40.24 -3.33
CA THR A 647 3.09 41.06 -4.49
C THR A 647 4.48 41.64 -4.27
N PRO A 648 5.33 41.65 -5.30
CA PRO A 648 6.73 42.05 -5.11
C PRO A 648 6.92 43.54 -4.87
N TYR A 649 5.87 44.35 -4.91
CA TYR A 649 5.98 45.79 -4.73
C TYR A 649 5.17 46.20 -3.50
N LYS A 650 5.78 47.02 -2.64
CA LYS A 650 5.15 47.36 -1.37
C LYS A 650 3.91 48.24 -1.56
N ALA A 651 3.93 49.14 -2.54
CA ALA A 651 2.76 49.97 -2.78
C ALA A 651 1.55 49.15 -3.19
N GLN A 652 1.75 48.15 -4.05
CA GLN A 652 0.66 47.26 -4.41
C GLN A 652 0.15 46.49 -3.19
N LEU A 653 1.07 46.07 -2.31
CA LEU A 653 0.68 45.41 -1.07
C LEU A 653 -0.20 46.31 -0.22
N GLN A 654 0.23 47.55 -0.03
CA GLN A 654 -0.55 48.49 0.77
C GLN A 654 -1.91 48.77 0.15
N ARG A 655 -1.96 48.86 -1.19
CA ARG A 655 -3.24 49.08 -1.86
C ARG A 655 -4.16 47.88 -1.70
N LEU A 656 -3.62 46.67 -1.82
CA LEU A 656 -4.42 45.46 -1.62
C LEU A 656 -4.98 45.41 -0.20
N ARG A 657 -4.13 45.64 0.79
CA ARG A 657 -4.59 45.67 2.18
C ARG A 657 -5.65 46.73 2.38
N GLN A 658 -5.44 47.92 1.81
CA GLN A 658 -6.38 49.03 1.96
C GLN A 658 -7.75 48.65 1.39
N LYS A 659 -7.78 48.16 0.16
CA LYS A 659 -9.06 47.81 -0.47
C LYS A 659 -9.75 46.65 0.25
N PHE A 660 -8.98 45.63 0.64
CA PHE A 660 -9.58 44.50 1.34
C PHE A 660 -10.15 44.91 2.70
N VAL A 661 -9.52 45.88 3.37
CA VAL A 661 -10.08 46.36 4.63
C VAL A 661 -11.28 47.27 4.38
N GLU A 662 -11.24 48.06 3.31
CA GLU A 662 -12.40 48.86 2.93
C GLU A 662 -13.62 48.00 2.70
N ARG A 663 -13.45 46.86 2.03
CA ARG A 663 -14.59 46.02 1.70
C ARG A 663 -14.98 45.05 2.81
N TYR A 664 -14.01 44.43 3.47
CA TYR A 664 -14.27 43.37 4.43
C TYR A 664 -13.95 43.75 5.87
N GLY A 665 -13.44 44.94 6.12
CA GLY A 665 -13.08 45.35 7.46
C GLY A 665 -11.68 44.88 7.86
N GLU A 666 -11.25 45.34 9.03
CA GLU A 666 -9.93 44.97 9.53
C GLU A 666 -9.83 43.49 9.83
N SER A 667 -10.95 42.81 10.07
CA SER A 667 -10.96 41.38 10.34
C SER A 667 -10.43 40.55 9.19
N ILE A 668 -10.30 41.12 7.99
CA ILE A 668 -9.84 40.34 6.83
C ILE A 668 -8.38 39.93 6.98
N THR A 669 -7.57 40.70 7.73
CA THR A 669 -6.17 40.37 7.90
C THR A 669 -5.93 39.14 8.77
N GLU A 670 -6.96 38.64 9.46
CA GLU A 670 -6.81 37.38 10.17
C GLU A 670 -6.95 36.18 9.24
N GLN A 671 -7.68 36.35 8.14
CA GLN A 671 -7.91 35.28 7.19
C GLN A 671 -6.98 35.33 5.99
N ILE A 672 -6.37 36.49 5.72
CA ILE A 672 -5.47 36.65 4.58
C ILE A 672 -4.14 37.21 5.06
N GLU A 673 -3.05 36.56 4.66
CA GLU A 673 -1.70 37.06 4.88
C GLU A 673 -1.31 37.97 3.72
N PHE A 674 -1.29 39.28 3.95
CA PHE A 674 -0.85 40.23 2.94
C PHE A 674 0.66 40.43 3.08
N ASN A 675 1.40 40.24 1.99
CA ASN A 675 2.84 40.46 2.08
C ASN A 675 3.46 40.64 0.70
N THR A 676 4.75 40.99 0.73
CA THR A 676 5.58 41.07 -0.46
C THR A 676 6.29 39.73 -0.68
N THR A 677 6.79 39.55 -1.90
CA THR A 677 7.49 38.31 -2.24
C THR A 677 8.71 38.12 -1.35
N ASP A 678 9.44 39.20 -1.05
CA ASP A 678 10.65 39.09 -0.25
C ASP A 678 10.33 38.81 1.21
N ALA A 679 9.24 39.39 1.73
CA ALA A 679 8.87 39.22 3.12
C ALA A 679 8.11 37.93 3.39
N PHE A 680 8.08 37.01 2.42
CA PHE A 680 7.32 35.78 2.54
C PHE A 680 8.20 34.53 2.50
N GLN A 681 9.49 34.67 2.25
CA GLN A 681 10.35 33.49 2.10
C GLN A 681 10.40 32.72 3.41
N GLY A 682 10.43 31.39 3.29
CA GLY A 682 10.34 30.51 4.44
C GLY A 682 8.92 30.20 4.88
N ARG A 683 7.96 31.05 4.55
CA ARG A 683 6.57 30.85 4.92
C ARG A 683 5.76 30.31 3.75
N GLU A 684 4.50 29.98 4.02
CA GLU A 684 3.67 29.31 3.02
C GLU A 684 2.21 29.45 3.42
N CYS A 685 1.33 29.26 2.42
CA CYS A 685 -0.11 29.28 2.62
C CYS A 685 -0.77 28.22 1.75
N GLU A 686 -2.02 27.88 2.11
CA GLU A 686 -2.80 26.94 1.31
C GLU A 686 -3.10 27.50 -0.07
N ILE A 687 -3.48 28.77 -0.15
CA ILE A 687 -3.84 29.43 -1.40
C ILE A 687 -3.03 30.71 -1.48
N ILE A 688 -2.53 31.02 -2.67
CA ILE A 688 -1.70 32.21 -2.87
C ILE A 688 -2.19 32.95 -4.10
N ILE A 689 -2.64 34.19 -3.90
CA ILE A 689 -2.93 35.12 -4.99
C ILE A 689 -1.70 36.00 -5.17
N PHE A 690 -1.12 35.97 -6.37
CA PHE A 690 0.15 36.60 -6.65
C PHE A 690 -0.07 37.73 -7.66
N SER A 691 0.14 38.96 -7.23
CA SER A 691 -0.05 40.13 -8.08
C SER A 691 1.28 40.55 -8.67
N CYS A 692 1.38 40.55 -10.01
CA CYS A 692 2.63 40.85 -10.70
C CYS A 692 2.86 42.33 -10.93
N VAL A 693 1.80 43.15 -10.89
CA VAL A 693 1.87 44.61 -10.89
C VAL A 693 2.39 45.17 -12.21
N ARG A 694 3.51 44.64 -12.71
CA ARG A 694 4.13 45.19 -13.91
C ARG A 694 3.16 45.16 -15.08
N ALA A 695 3.04 46.31 -15.77
CA ALA A 695 2.09 46.43 -16.88
C ALA A 695 2.60 47.21 -18.07
N SER A 696 3.73 47.91 -17.97
CA SER A 696 4.26 48.66 -19.11
C SER A 696 4.91 47.69 -20.09
N PRO A 697 4.49 47.65 -21.36
CA PRO A 697 5.04 46.67 -22.30
C PRO A 697 6.45 46.99 -22.77
N THR A 698 7.00 48.13 -22.40
CA THR A 698 8.37 48.49 -22.69
C THR A 698 9.13 48.77 -21.39
N GLY A 699 10.45 48.80 -21.48
CA GLY A 699 11.27 49.07 -20.32
C GLY A 699 11.44 47.92 -19.36
N GLY A 700 11.15 46.69 -19.78
CA GLY A 700 11.34 45.55 -18.92
C GLY A 700 10.32 45.47 -17.79
N ILE A 701 10.61 44.56 -16.86
CA ILE A 701 9.74 44.32 -15.71
C ILE A 701 10.45 44.63 -14.40
N GLY A 702 11.58 45.35 -14.46
CA GLY A 702 12.32 45.65 -13.24
C GLY A 702 12.90 44.40 -12.59
N PHE A 703 12.96 44.43 -11.25
CA PHE A 703 13.59 43.29 -10.56
C PHE A 703 12.74 42.02 -10.62
N MET A 704 11.63 42.09 -11.36
CA MET A 704 10.88 40.89 -11.70
C MET A 704 11.70 39.96 -12.59
N THR A 705 12.78 40.48 -13.19
CA THR A 705 13.58 39.66 -14.10
C THR A 705 14.46 38.67 -13.35
N ASP A 706 14.68 38.87 -12.05
CA ASP A 706 15.53 37.98 -11.26
C ASP A 706 14.78 36.69 -10.98
N ILE A 707 15.35 35.57 -11.43
CA ILE A 707 14.63 34.29 -11.36
C ILE A 707 14.49 33.78 -9.93
N ARG A 708 15.35 34.23 -9.02
CA ARG A 708 15.26 33.78 -7.63
C ARG A 708 14.00 34.30 -6.97
N ARG A 709 13.70 35.59 -7.16
CA ARG A 709 12.46 36.17 -6.66
C ARG A 709 11.25 35.48 -7.29
N MET A 710 11.34 35.18 -8.59
CA MET A 710 10.23 34.49 -9.27
C MET A 710 10.01 33.11 -8.68
N ASN A 711 11.08 32.37 -8.41
CA ASN A 711 10.95 31.04 -7.81
C ASN A 711 10.33 31.13 -6.42
N VAL A 712 10.80 32.08 -5.60
CA VAL A 712 10.23 32.27 -4.28
C VAL A 712 8.73 32.56 -4.37
N GLY A 713 8.36 33.46 -5.27
CA GLY A 713 6.95 33.80 -5.42
C GLY A 713 6.10 32.65 -5.92
N LEU A 714 6.66 31.80 -6.78
CA LEU A 714 5.89 30.69 -7.31
C LEU A 714 5.78 29.53 -6.32
N THR A 715 6.74 29.39 -5.40
CA THR A 715 6.81 28.21 -4.55
C THR A 715 6.28 28.46 -3.13
N ARG A 716 5.35 29.40 -2.96
CA ARG A 716 4.76 29.65 -1.65
C ARG A 716 3.47 28.86 -1.40
N ALA A 717 2.75 28.48 -2.45
CA ALA A 717 1.42 27.90 -2.30
C ALA A 717 1.50 26.40 -2.13
N ARG A 718 0.53 25.86 -1.38
CA ARG A 718 0.39 24.42 -1.21
C ARG A 718 -0.63 23.83 -2.17
N SER A 719 -1.87 24.33 -2.13
CA SER A 719 -2.98 23.78 -2.90
C SER A 719 -3.31 24.58 -4.16
N SER A 720 -3.33 25.90 -4.08
CA SER A 720 -3.73 26.73 -5.22
C SER A 720 -2.84 27.94 -5.33
N LEU A 721 -2.33 28.18 -6.53
CA LEU A 721 -1.59 29.39 -6.87
C LEU A 721 -2.29 30.07 -8.03
N TRP A 722 -2.81 31.27 -7.79
CA TRP A 722 -3.51 32.05 -8.80
C TRP A 722 -2.69 33.31 -9.08
N ILE A 723 -2.12 33.39 -10.28
CA ILE A 723 -1.24 34.47 -10.67
C ILE A 723 -2.01 35.47 -11.51
N LEU A 724 -1.90 36.76 -11.17
CA LEU A 724 -2.51 37.84 -11.93
C LEU A 724 -1.38 38.69 -12.50
N GLY A 725 -1.31 38.78 -13.83
CA GLY A 725 -0.25 39.56 -14.45
C GLY A 725 -0.64 40.00 -15.84
N ASP A 726 -0.15 41.17 -16.22
CA ASP A 726 -0.33 41.70 -17.58
C ASP A 726 0.75 41.10 -18.47
N SER A 727 0.36 40.14 -19.31
CA SER A 727 1.33 39.43 -20.13
C SER A 727 2.08 40.37 -21.07
N ARG A 728 1.43 41.44 -21.54
CA ARG A 728 2.07 42.33 -22.49
C ARG A 728 3.37 42.91 -21.94
N ALA A 729 3.45 43.07 -20.62
CA ALA A 729 4.69 43.51 -19.98
C ALA A 729 5.56 42.36 -19.53
N LEU A 730 4.96 41.30 -18.97
CA LEU A 730 5.75 40.22 -18.40
C LEU A 730 6.47 39.39 -19.45
N VAL A 731 6.05 39.45 -20.72
CA VAL A 731 6.77 38.72 -21.76
C VAL A 731 8.18 39.30 -21.96
N GLN A 732 8.42 40.52 -21.50
CA GLN A 732 9.76 41.10 -21.60
C GLN A 732 10.79 40.27 -20.85
N GLY A 733 10.40 39.64 -19.75
CA GLY A 733 11.30 38.73 -19.06
C GLY A 733 11.26 37.36 -19.71
N GLU A 734 12.44 36.72 -19.77
CA GLU A 734 12.54 35.43 -20.46
C GLU A 734 11.73 34.36 -19.74
N PHE A 735 11.90 34.25 -18.42
CA PHE A 735 11.27 33.15 -17.69
C PHE A 735 9.80 33.42 -17.41
N TRP A 736 9.40 34.69 -17.31
CA TRP A 736 7.97 34.99 -17.25
C TRP A 736 7.29 34.64 -18.56
N ALA A 737 7.95 34.93 -19.68
CA ALA A 737 7.44 34.49 -20.98
C ALA A 737 7.33 32.98 -21.04
N LYS A 738 8.35 32.26 -20.55
CA LYS A 738 8.30 30.81 -20.53
C LYS A 738 7.16 30.30 -19.67
N LEU A 739 6.91 30.95 -18.53
CA LEU A 739 5.83 30.54 -17.65
C LEU A 739 4.46 30.78 -18.28
N ILE A 740 4.29 31.93 -18.95
CA ILE A 740 3.02 32.20 -19.63
C ILE A 740 2.79 31.19 -20.75
N GLU A 741 3.83 30.89 -21.52
CA GLU A 741 3.70 29.89 -22.58
C GLU A 741 3.38 28.52 -22.02
N ASP A 742 4.02 28.15 -20.91
CA ASP A 742 3.73 26.88 -20.27
C ASP A 742 2.28 26.81 -19.79
N ALA A 743 1.79 27.91 -19.21
CA ALA A 743 0.39 27.95 -18.78
C ALA A 743 -0.54 27.82 -19.97
N LYS A 744 -0.18 28.40 -21.11
CA LYS A 744 -0.99 28.27 -22.30
C LYS A 744 -1.03 26.83 -22.81
N GLN A 745 0.13 26.21 -22.99
CA GLN A 745 0.18 24.89 -23.60
C GLN A 745 -0.23 23.76 -22.67
N ARG A 746 -0.60 24.05 -21.42
CA ARG A 746 -1.15 23.04 -20.53
C ARG A 746 -2.55 23.39 -20.06
N ASP A 747 -3.18 24.40 -20.68
CA ASP A 747 -4.55 24.82 -20.38
C ASP A 747 -4.68 25.34 -18.95
N ARG A 748 -3.74 26.21 -18.56
CA ARG A 748 -3.78 26.89 -17.28
C ARG A 748 -3.67 28.40 -17.45
N TYR A 749 -4.09 28.89 -18.62
CA TYR A 749 -4.05 30.31 -18.96
C TYR A 749 -5.46 30.80 -19.23
N THR A 750 -5.79 31.97 -18.68
CA THR A 750 -7.11 32.57 -18.84
C THR A 750 -6.95 34.04 -19.20
N ASN A 751 -7.64 34.48 -20.25
CA ASN A 751 -7.61 35.87 -20.66
C ASN A 751 -9.02 36.38 -20.93
N GLY A 752 -9.12 37.59 -21.51
CA GLY A 752 -10.42 38.17 -21.76
C GLY A 752 -10.86 39.10 -20.64
N ASN A 753 -12.16 39.18 -20.42
CA ASN A 753 -12.73 40.02 -19.36
C ASN A 753 -12.77 39.19 -18.08
N ILE A 754 -11.68 39.28 -17.30
CA ILE A 754 -11.57 38.44 -16.10
C ILE A 754 -12.57 38.88 -15.05
N MET A 755 -12.83 40.19 -14.95
CA MET A 755 -13.86 40.66 -14.03
C MET A 755 -15.22 40.06 -14.36
N ALA A 756 -15.49 39.78 -15.63
CA ALA A 756 -16.75 39.16 -16.01
C ALA A 756 -16.71 37.66 -15.81
N LEU A 757 -15.56 37.03 -16.04
CA LEU A 757 -15.45 35.58 -15.85
C LEU A 757 -15.58 35.19 -14.39
N LEU A 758 -15.26 36.10 -13.47
CA LEU A 758 -15.37 35.83 -12.04
C LEU A 758 -16.60 36.46 -11.41
N SER A 759 -17.42 37.18 -12.19
CA SER A 759 -18.61 37.80 -11.64
C SER A 759 -19.71 36.79 -11.38
N GLN A 760 -19.79 35.74 -12.20
CA GLN A 760 -20.70 34.63 -11.99
C GLN A 760 -19.94 33.40 -11.53
N PRO A 761 -20.61 32.45 -10.88
CA PRO A 761 -19.97 31.16 -10.62
C PRO A 761 -19.55 30.50 -11.93
N GLY A 762 -18.28 30.10 -11.98
CA GLY A 762 -17.69 29.64 -13.23
C GLY A 762 -17.93 28.17 -13.48
N PRO A 763 -17.42 27.69 -14.62
CA PRO A 763 -17.62 26.28 -14.98
C PRO A 763 -16.88 25.34 -14.04
N ARG A 764 -17.42 24.13 -13.90
CA ARG A 764 -16.76 23.09 -13.13
C ARG A 764 -15.92 22.20 -14.04
N VAL A 765 -14.96 21.50 -13.43
CA VAL A 765 -14.16 20.54 -14.16
C VAL A 765 -15.04 19.36 -14.58
N SER A 766 -14.57 18.61 -15.58
CA SER A 766 -15.29 17.45 -16.05
C SER A 766 -15.34 16.36 -14.97
N LEU A 767 -16.39 15.53 -15.05
CA LEU A 767 -16.54 14.44 -14.10
C LEU A 767 -15.48 13.36 -14.30
N GLU A 768 -15.06 13.14 -15.55
CA GLU A 768 -14.08 12.11 -15.83
C GLU A 768 -12.70 12.47 -15.29
N SER A 769 -12.34 13.76 -15.31
CA SER A 769 -11.06 14.19 -14.78
C SER A 769 -10.95 13.93 -13.29
N LEU A 770 -12.05 14.11 -12.55
CA LEU A 770 -12.05 13.87 -11.11
C LEU A 770 -11.82 12.39 -10.78
N ALA A 771 -12.21 11.49 -11.68
CA ALA A 771 -11.96 10.07 -11.45
C ALA A 771 -10.46 9.78 -11.31
N LYS A 772 -9.65 10.33 -12.21
CA LYS A 772 -8.21 10.17 -12.12
C LYS A 772 -7.63 11.07 -11.05
CA MET B 14 -44.81 -31.78 -19.52
C MET B 14 -43.49 -31.23 -18.97
N ARG B 15 -43.58 -30.08 -18.29
CA ARG B 15 -42.41 -29.44 -17.69
C ARG B 15 -42.15 -29.89 -16.26
N ALA B 16 -42.98 -30.77 -15.71
CA ALA B 16 -42.71 -31.35 -14.40
C ALA B 16 -41.50 -32.27 -14.51
N ARG B 17 -40.33 -31.76 -14.12
CA ARG B 17 -39.08 -32.49 -14.33
C ARG B 17 -38.11 -32.49 -13.15
N LEU B 18 -38.04 -31.44 -12.33
CA LEU B 18 -37.05 -31.37 -11.27
C LEU B 18 -37.69 -30.96 -9.95
N ILE B 19 -36.93 -31.16 -8.88
CA ILE B 19 -37.27 -30.82 -7.50
C ILE B 19 -38.47 -31.61 -6.99
N PRO B 20 -38.28 -32.89 -6.65
CA PRO B 20 -39.31 -33.62 -5.89
C PRO B 20 -39.20 -33.27 -4.42
N PRO B 21 -40.22 -33.57 -3.61
CA PRO B 21 -40.07 -33.36 -2.16
C PRO B 21 -39.08 -34.37 -1.58
N MET B 22 -38.08 -33.86 -0.87
CA MET B 22 -37.01 -34.68 -0.32
C MET B 22 -37.32 -35.23 1.07
N ASP B 23 -38.58 -35.15 1.51
CA ASP B 23 -38.92 -35.61 2.85
C ASP B 23 -38.64 -37.10 3.01
N VAL B 24 -39.05 -37.91 2.04
CA VAL B 24 -38.88 -39.36 2.16
C VAL B 24 -37.41 -39.73 2.19
N LEU B 25 -36.62 -39.14 1.30
CA LEU B 25 -35.19 -39.46 1.22
C LEU B 25 -34.46 -39.05 2.48
N HIS B 26 -34.67 -37.80 2.92
CA HIS B 26 -34.00 -37.32 4.13
C HIS B 26 -34.43 -38.11 5.35
N GLN B 27 -35.70 -38.50 5.42
CA GLN B 27 -36.18 -39.27 6.57
C GLN B 27 -35.57 -40.67 6.57
N ALA B 28 -35.49 -41.30 5.40
CA ALA B 28 -34.85 -42.62 5.31
C ALA B 28 -33.37 -42.54 5.71
N ILE B 29 -32.67 -41.50 5.27
CA ILE B 29 -31.23 -41.43 5.52
C ILE B 29 -30.92 -41.06 6.97
N LEU B 30 -31.63 -40.07 7.51
CA LEU B 30 -31.34 -39.58 8.86
C LEU B 30 -31.72 -40.56 9.96
N GLU B 31 -32.46 -41.61 9.66
CA GLU B 31 -32.84 -42.62 10.65
C GLU B 31 -31.90 -43.83 10.57
N TRP B 32 -30.62 -43.59 10.87
CA TRP B 32 -29.61 -44.63 10.80
C TRP B 32 -28.69 -44.59 12.01
N ASP B 33 -28.32 -45.78 12.49
CA ASP B 33 -27.28 -45.92 13.49
C ASP B 33 -25.95 -46.13 12.76
N ILE B 34 -24.98 -45.27 13.04
CA ILE B 34 -23.75 -45.21 12.27
C ILE B 34 -22.86 -46.43 12.49
N PHE B 35 -23.07 -47.18 13.57
CA PHE B 35 -22.19 -48.27 13.97
C PHE B 35 -22.94 -49.58 13.77
N HIS B 36 -23.01 -50.03 12.51
CA HIS B 36 -23.62 -51.29 12.16
C HIS B 36 -23.22 -51.64 10.74
N GLU B 37 -23.13 -52.94 10.45
CA GLU B 37 -22.71 -53.40 9.14
C GLU B 37 -23.01 -54.88 9.01
N GLY B 38 -23.36 -55.30 7.81
CA GLY B 38 -23.67 -56.69 7.53
C GLY B 38 -24.36 -56.90 6.20
N CYS B 47 -34.58 -53.79 -0.73
CA CYS B 47 -35.63 -54.71 -0.28
C CYS B 47 -35.78 -55.89 -1.22
N GLY B 48 -35.99 -55.62 -2.52
CA GLY B 48 -36.20 -56.66 -3.51
C GLY B 48 -35.15 -56.64 -4.61
N ASN B 49 -35.31 -57.61 -5.51
CA ASN B 49 -34.44 -57.78 -6.66
C ASN B 49 -34.84 -56.84 -7.79
N VAL B 50 -33.91 -56.61 -8.71
CA VAL B 50 -34.15 -55.78 -9.88
C VAL B 50 -34.69 -56.66 -11.00
N SER B 51 -35.82 -56.26 -11.57
CA SER B 51 -36.42 -57.00 -12.68
C SER B 51 -35.87 -56.51 -14.01
N ASP B 52 -36.19 -57.25 -15.07
CA ASP B 52 -35.75 -56.87 -16.40
C ASP B 52 -36.54 -55.70 -16.96
N THR B 53 -37.86 -55.75 -16.82
CA THR B 53 -38.76 -54.71 -17.30
C THR B 53 -39.72 -54.31 -16.19
N TYR B 54 -40.48 -53.25 -16.43
CA TYR B 54 -41.46 -52.77 -15.47
C TYR B 54 -42.69 -52.25 -16.21
N PRO B 55 -43.88 -52.40 -15.62
CA PRO B 55 -45.10 -51.93 -16.29
C PRO B 55 -45.42 -50.47 -16.02
N ASP B 56 -44.99 -49.94 -14.88
CA ASP B 56 -45.44 -48.62 -14.44
C ASP B 56 -44.33 -47.99 -13.59
N PRO B 57 -44.23 -46.66 -13.59
CA PRO B 57 -43.23 -46.02 -12.71
C PRO B 57 -43.38 -46.39 -11.24
N TYR B 58 -44.55 -46.83 -10.78
CA TYR B 58 -44.69 -47.23 -9.39
C TYR B 58 -43.82 -48.44 -9.08
N SER B 59 -43.89 -49.47 -9.92
CA SER B 59 -43.04 -50.65 -9.71
C SER B 59 -41.57 -50.29 -9.85
N TYR B 60 -41.23 -49.41 -10.79
CA TYR B 60 -39.85 -48.97 -10.96
C TYR B 60 -39.34 -48.30 -9.69
N LYS B 61 -40.13 -47.41 -9.11
CA LYS B 61 -39.72 -46.75 -7.88
C LYS B 61 -39.62 -47.73 -6.73
N GLN B 62 -40.62 -48.61 -6.57
CA GLN B 62 -40.58 -49.59 -5.49
C GLN B 62 -39.38 -50.51 -5.62
N THR B 63 -38.88 -50.72 -6.83
CA THR B 63 -37.69 -51.54 -7.02
C THR B 63 -36.41 -50.77 -6.74
N PHE B 64 -36.33 -49.52 -7.21
CA PHE B 64 -35.06 -48.80 -7.25
C PHE B 64 -34.79 -47.91 -6.05
N PHE B 65 -35.82 -47.45 -5.33
CA PHE B 65 -35.58 -46.61 -4.16
C PHE B 65 -34.80 -47.32 -3.06
N PRO B 66 -35.12 -48.56 -2.66
CA PRO B 66 -34.30 -49.22 -1.64
C PRO B 66 -32.87 -49.44 -2.08
N LEU B 67 -32.64 -49.71 -3.36
CA LEU B 67 -31.28 -49.85 -3.86
C LEU B 67 -30.51 -48.53 -3.73
N LEU B 68 -31.19 -47.41 -3.97
CA LEU B 68 -30.59 -46.11 -3.75
C LEU B 68 -30.25 -45.91 -2.28
N ILE B 69 -31.13 -46.36 -1.39
CA ILE B 69 -30.87 -46.25 0.05
C ILE B 69 -29.65 -47.09 0.43
N ASN B 70 -29.51 -48.27 -0.17
CA ASN B 70 -28.36 -49.13 0.13
C ASN B 70 -27.06 -48.49 -0.36
N GLU B 71 -27.08 -47.95 -1.58
CA GLU B 71 -25.93 -47.22 -2.10
C GLU B 71 -25.54 -46.09 -1.15
N ALA B 72 -26.53 -45.32 -0.69
CA ALA B 72 -26.24 -44.22 0.22
C ALA B 72 -25.63 -44.70 1.51
N TRP B 73 -26.16 -45.79 2.08
CA TRP B 73 -25.64 -46.27 3.36
C TRP B 73 -24.19 -46.74 3.24
N ARG B 74 -23.89 -47.54 2.22
CA ARG B 74 -22.51 -48.04 2.12
C ARG B 74 -21.54 -46.92 1.72
N SER B 75 -21.98 -45.97 0.89
CA SER B 75 -21.13 -44.83 0.61
C SER B 75 -20.86 -44.03 1.88
N PHE B 76 -21.86 -43.92 2.76
CA PHE B 76 -21.65 -43.23 4.03
C PHE B 76 -20.67 -43.98 4.92
N VAL B 77 -20.75 -45.31 4.93
CA VAL B 77 -19.81 -46.10 5.73
C VAL B 77 -18.39 -45.90 5.22
N THR B 78 -18.21 -45.97 3.89
CA THR B 78 -16.89 -45.76 3.31
C THR B 78 -16.36 -44.36 3.64
N ALA B 79 -17.21 -43.34 3.52
CA ALA B 79 -16.78 -41.98 3.80
C ALA B 79 -16.43 -41.80 5.27
N LYS B 80 -17.19 -42.42 6.16
CA LYS B 80 -16.87 -42.36 7.59
C LYS B 80 -15.51 -42.98 7.86
N ASP B 81 -15.25 -44.16 7.29
CA ASP B 81 -13.98 -44.81 7.54
C ASP B 81 -12.81 -44.06 6.90
N GLU B 82 -13.08 -43.31 5.82
CA GLU B 82 -12.01 -42.62 5.11
C GLU B 82 -11.86 -41.14 5.44
N THR B 83 -12.89 -40.50 6.00
CA THR B 83 -12.84 -39.05 6.22
C THR B 83 -11.77 -38.70 7.25
N THR B 84 -11.29 -37.45 7.16
CA THR B 84 -10.30 -36.93 8.09
C THR B 84 -10.58 -35.47 8.45
N SER B 85 -11.85 -35.07 8.39
CA SER B 85 -12.23 -33.73 8.83
C SER B 85 -12.11 -33.61 10.34
N LYS B 86 -11.37 -32.59 10.79
CA LYS B 86 -11.17 -32.41 12.22
C LYS B 86 -12.47 -31.99 12.89
N PRO B 87 -12.87 -32.61 14.00
CA PRO B 87 -14.14 -32.27 14.63
C PRO B 87 -14.14 -30.83 15.13
N PHE B 88 -15.32 -30.37 15.53
CA PHE B 88 -15.44 -28.99 16.01
C PHE B 88 -16.64 -28.89 16.94
N GLY B 89 -16.56 -27.97 17.90
CA GLY B 89 -17.60 -27.81 18.88
C GLY B 89 -18.69 -26.83 18.43
N ILE B 90 -19.92 -27.16 18.76
CA ILE B 90 -21.06 -26.28 18.50
C ILE B 90 -21.85 -26.09 19.79
N LYS B 91 -22.45 -24.92 19.92
CA LYS B 91 -23.33 -24.58 21.03
C LYS B 91 -24.74 -24.49 20.49
N VAL B 92 -25.63 -25.33 21.01
CA VAL B 92 -27.01 -25.35 20.53
C VAL B 92 -27.65 -23.99 20.80
N LEU B 93 -28.00 -23.29 19.73
CA LEU B 93 -28.62 -21.97 19.84
C LEU B 93 -30.14 -22.07 19.88
N SER B 94 -30.73 -22.97 19.09
CA SER B 94 -32.17 -23.12 19.12
C SER B 94 -32.54 -24.53 18.65
N ARG B 95 -33.68 -25.02 19.15
CA ARG B 95 -34.20 -26.34 18.83
C ARG B 95 -35.68 -26.24 18.50
N MET B 96 -36.08 -26.79 17.36
CA MET B 96 -37.46 -26.72 16.90
C MET B 96 -37.80 -28.01 16.16
N THR B 97 -39.09 -28.24 15.93
CA THR B 97 -39.56 -29.37 15.14
C THR B 97 -40.18 -28.83 13.85
N VAL B 98 -39.60 -29.21 12.71
CA VAL B 98 -40.07 -28.81 11.40
C VAL B 98 -40.28 -30.08 10.57
N ASP B 99 -41.46 -30.20 9.95
CA ASP B 99 -41.92 -31.42 9.27
C ASP B 99 -41.95 -32.52 10.32
N LYS B 100 -41.30 -33.66 10.10
CA LYS B 100 -41.07 -34.69 11.11
C LYS B 100 -39.59 -34.77 11.45
N PHE B 101 -38.93 -33.62 11.47
CA PHE B 101 -37.50 -33.51 11.69
C PHE B 101 -37.24 -32.53 12.82
N MET B 102 -36.11 -32.72 13.49
CA MET B 102 -35.64 -31.81 14.53
C MET B 102 -34.59 -30.87 13.93
N GLU B 103 -34.91 -29.59 13.91
CA GLU B 103 -33.98 -28.56 13.45
C GLU B 103 -33.25 -27.97 14.65
N VAL B 104 -31.92 -27.93 14.58
CA VAL B 104 -31.08 -27.34 15.60
C VAL B 104 -30.23 -26.28 14.93
N THR B 105 -30.46 -25.02 15.29
CA THR B 105 -29.59 -23.94 14.84
C THR B 105 -28.46 -23.76 15.84
N ALA B 106 -27.23 -23.68 15.32
CA ALA B 106 -26.04 -23.55 16.15
C ALA B 106 -25.02 -22.66 15.44
N ALA B 107 -24.25 -21.91 16.22
CA ALA B 107 -23.24 -21.02 15.68
C ALA B 107 -21.89 -21.74 15.56
N VAL B 108 -21.21 -21.50 14.45
CA VAL B 108 -19.91 -22.11 14.18
C VAL B 108 -18.97 -20.99 13.72
N PRO B 109 -17.71 -20.99 14.16
CA PRO B 109 -16.76 -19.99 13.66
C PRO B 109 -16.61 -20.08 12.14
N ALA B 110 -16.52 -18.90 11.51
CA ALA B 110 -16.44 -18.85 10.06
C ALA B 110 -15.17 -19.52 9.54
N GLN B 111 -14.06 -19.33 10.25
CA GLN B 111 -12.81 -19.97 9.85
C GLN B 111 -12.93 -21.48 9.90
N ILE B 112 -13.59 -22.00 10.94
CA ILE B 112 -13.82 -23.44 11.03
C ILE B 112 -14.68 -23.92 9.87
N SER B 113 -15.71 -23.15 9.53
CA SER B 113 -16.60 -23.53 8.43
C SER B 113 -15.85 -23.60 7.11
N LYS B 114 -15.03 -22.57 6.82
CA LYS B 114 -14.27 -22.59 5.58
C LYS B 114 -13.19 -23.66 5.58
N ASP B 115 -12.59 -23.96 6.73
CA ASP B 115 -11.59 -25.02 6.80
C ASP B 115 -12.21 -26.38 6.53
N ARG B 116 -13.40 -26.63 7.09
CA ARG B 116 -14.08 -27.91 6.90
C ARG B 116 -15.00 -27.94 5.69
N GLY B 117 -15.22 -26.79 5.04
CA GLY B 117 -16.07 -26.75 3.87
C GLY B 117 -17.50 -27.15 4.17
N LEU B 118 -18.19 -26.33 4.97
CA LEU B 118 -19.56 -26.62 5.37
C LEU B 118 -20.51 -26.00 4.34
N THR B 119 -21.30 -26.85 3.67
CA THR B 119 -22.27 -26.41 2.69
C THR B 119 -23.59 -27.13 2.93
N GLU B 120 -24.62 -26.70 2.20
CA GLU B 120 -25.95 -27.26 2.37
C GLU B 120 -26.01 -28.67 1.77
N GLY B 121 -26.35 -29.65 2.61
CA GLY B 121 -26.46 -31.03 2.17
C GLY B 121 -25.41 -31.96 2.74
N ASP B 122 -24.51 -31.46 3.56
CA ASP B 122 -23.47 -32.30 4.13
C ASP B 122 -24.02 -33.20 5.22
N ILE B 123 -23.41 -34.38 5.33
CA ILE B 123 -23.76 -35.37 6.35
C ILE B 123 -22.77 -35.25 7.49
N VAL B 124 -23.27 -35.09 8.71
CA VAL B 124 -22.43 -34.87 9.88
C VAL B 124 -22.85 -35.79 11.01
N ILE B 125 -21.92 -35.99 11.95
CA ILE B 125 -22.15 -36.71 13.19
C ILE B 125 -22.18 -35.68 14.30
N ILE B 126 -23.28 -35.63 15.03
CA ILE B 126 -23.41 -34.80 16.23
C ILE B 126 -23.28 -35.72 17.43
N SER B 127 -22.26 -35.53 18.26
CA SER B 127 -21.99 -36.41 19.39
C SER B 127 -21.74 -35.59 20.64
N LYS B 128 -21.76 -36.28 21.78
CA LYS B 128 -21.40 -35.67 23.06
C LYS B 128 -19.92 -35.78 23.38
N GLY B 129 -19.27 -36.87 22.95
CA GLY B 129 -17.85 -37.02 23.17
C GLY B 129 -17.01 -36.15 22.24
N GLU B 130 -15.69 -36.17 22.51
CA GLU B 130 -14.76 -35.33 21.77
C GLU B 130 -14.33 -35.95 20.45
N ASP B 131 -14.21 -37.28 20.41
CA ASP B 131 -13.90 -38.03 19.20
C ASP B 131 -15.18 -38.75 18.77
N PRO B 132 -16.03 -38.13 17.95
CA PRO B 132 -17.36 -38.72 17.71
C PRO B 132 -17.31 -40.03 16.95
N LEU B 133 -16.41 -40.17 15.98
CA LEU B 133 -16.40 -41.35 15.13
C LEU B 133 -16.02 -42.62 15.88
N ASN B 134 -15.32 -42.51 17.00
CA ASN B 134 -14.82 -43.68 17.73
C ASN B 134 -15.37 -43.73 19.16
N GLN B 135 -16.58 -43.19 19.37
CA GLN B 135 -17.21 -43.18 20.69
C GLN B 135 -18.70 -43.50 20.55
N PRO B 136 -19.04 -44.76 20.27
CA PRO B 136 -20.46 -45.14 20.21
C PRO B 136 -21.18 -44.97 21.53
N GLN B 137 -20.49 -45.15 22.66
CA GLN B 137 -21.10 -45.03 23.97
C GLN B 137 -21.48 -43.59 24.32
N GLU B 138 -21.13 -42.62 23.46
CA GLU B 138 -21.55 -41.26 23.68
C GLU B 138 -22.84 -40.99 22.91
N LEU B 139 -23.57 -39.97 23.37
CA LEU B 139 -24.82 -39.57 22.73
C LEU B 139 -24.53 -39.07 21.33
N HIS B 140 -24.78 -39.91 20.33
CA HIS B 140 -24.48 -39.57 18.94
C HIS B 140 -25.75 -39.60 18.10
N CYS B 141 -25.69 -38.92 16.95
CA CYS B 141 -26.79 -38.89 16.00
C CYS B 141 -26.27 -38.44 14.64
N LEU B 142 -27.01 -38.82 13.61
CA LEU B 142 -26.72 -38.47 12.23
C LEU B 142 -27.55 -37.26 11.82
N SER B 143 -26.89 -36.26 11.22
CA SER B 143 -27.57 -35.02 10.89
C SER B 143 -27.19 -34.57 9.49
N ARG B 144 -28.09 -33.80 8.88
CA ARG B 144 -27.89 -33.22 7.55
C ARG B 144 -27.92 -31.70 7.66
N ILE B 145 -26.90 -31.04 7.11
CA ILE B 145 -26.90 -29.59 7.06
C ILE B 145 -28.00 -29.11 6.12
N TRP B 146 -28.82 -28.17 6.59
CA TRP B 146 -29.96 -27.66 5.85
C TRP B 146 -29.77 -26.25 5.32
N LYS B 147 -29.03 -25.39 6.04
CA LYS B 147 -28.88 -24.00 5.65
C LYS B 147 -27.55 -23.48 6.17
N THR B 148 -26.92 -22.62 5.39
CA THR B 148 -25.68 -21.94 5.78
C THR B 148 -25.88 -20.44 5.64
N THR B 149 -25.70 -19.71 6.74
CA THR B 149 -25.95 -18.28 6.79
C THR B 149 -24.64 -17.56 7.14
N TYR B 150 -24.15 -16.73 6.23
CA TYR B 150 -22.92 -15.99 6.43
C TYR B 150 -23.24 -14.71 7.19
N LYS B 151 -22.79 -14.63 8.45
CA LYS B 151 -22.99 -13.42 9.25
C LYS B 151 -21.85 -12.44 9.05
N LYS B 152 -20.97 -12.36 10.05
CA LYS B 152 -19.76 -11.54 9.96
C LYS B 152 -18.54 -12.44 10.15
N ASP B 153 -18.27 -12.84 11.39
CA ASP B 153 -17.20 -13.78 11.69
C ASP B 153 -17.72 -15.15 12.11
N THR B 154 -19.04 -15.34 12.12
CA THR B 154 -19.65 -16.62 12.47
C THR B 154 -20.60 -17.06 11.37
N VAL B 155 -21.06 -18.31 11.48
CA VAL B 155 -22.03 -18.89 10.56
C VAL B 155 -23.05 -19.66 11.39
N GLU B 156 -24.33 -19.30 11.26
CA GLU B 156 -25.39 -20.05 11.92
C GLU B 156 -25.82 -21.18 10.99
N VAL B 157 -25.61 -22.42 11.44
CA VAL B 157 -25.90 -23.62 10.67
C VAL B 157 -27.17 -24.26 11.24
N VAL B 158 -28.07 -24.64 10.35
CA VAL B 158 -29.31 -25.31 10.72
C VAL B 158 -29.12 -26.80 10.43
N TYR B 159 -28.79 -27.57 11.45
CA TYR B 159 -28.70 -29.02 11.31
C TYR B 159 -30.10 -29.61 11.42
N ARG B 160 -30.32 -30.70 10.69
CA ARG B 160 -31.61 -31.38 10.70
C ARG B 160 -31.39 -32.86 10.96
N LEU B 161 -32.07 -33.39 11.98
CA LEU B 161 -31.96 -34.78 12.36
C LEU B 161 -33.36 -35.38 12.47
N ASN B 162 -33.45 -36.70 12.62
CA ASN B 162 -34.75 -37.34 12.79
C ASN B 162 -35.18 -37.24 14.24
N ALA B 163 -36.41 -36.79 14.47
CA ALA B 163 -36.92 -36.53 15.80
C ALA B 163 -37.59 -37.74 16.46
N LYS B 164 -37.73 -38.85 15.75
CA LYS B 164 -38.41 -40.03 16.26
C LYS B 164 -37.37 -41.11 16.56
N GLY B 165 -37.14 -41.37 17.85
CA GLY B 165 -36.21 -42.42 18.25
C GLY B 165 -34.77 -42.08 17.97
N ASN B 166 -34.24 -41.08 18.68
CA ASN B 166 -32.87 -40.64 18.53
C ASN B 166 -32.23 -40.49 19.91
N GLN B 167 -31.00 -41.00 20.04
CA GLN B 167 -30.32 -40.97 21.34
C GLN B 167 -30.13 -39.54 21.82
N ILE B 168 -29.83 -38.61 20.91
CA ILE B 168 -29.46 -37.25 21.30
C ILE B 168 -30.64 -36.39 21.71
N LEU B 169 -31.87 -36.90 21.60
CA LEU B 169 -33.06 -36.08 21.86
C LEU B 169 -33.09 -35.45 23.24
N PRO B 170 -32.86 -36.17 24.35
CA PRO B 170 -32.91 -35.51 25.66
C PRO B 170 -31.77 -34.54 25.92
N ALA B 171 -30.70 -34.57 25.13
CA ALA B 171 -29.52 -33.76 25.37
C ALA B 171 -29.53 -32.44 24.60
N LEU B 172 -30.53 -32.19 23.76
CA LEU B 172 -30.55 -31.00 22.91
C LEU B 172 -31.16 -29.78 23.59
N THR B 173 -30.87 -29.55 24.86
CA THR B 173 -31.33 -28.33 25.51
C THR B 173 -30.62 -27.12 24.92
N PRO B 174 -31.28 -25.96 24.88
CA PRO B 174 -30.61 -24.76 24.35
C PRO B 174 -29.40 -24.38 25.18
N GLY B 175 -28.26 -24.20 24.51
CA GLY B 175 -27.01 -23.88 25.16
C GLY B 175 -26.07 -25.04 25.33
N SER B 176 -26.58 -26.27 25.33
CA SER B 176 -25.75 -27.46 25.45
C SER B 176 -24.74 -27.53 24.33
N GLU B 177 -23.57 -28.10 24.63
CA GLU B 177 -22.46 -28.18 23.70
C GLU B 177 -22.35 -29.58 23.11
N PHE B 178 -21.98 -29.65 21.83
CA PHE B 178 -21.82 -30.91 21.13
C PHE B 178 -20.57 -30.83 20.26
N GLN B 179 -20.12 -31.99 19.79
CA GLN B 179 -19.00 -32.09 18.87
C GLN B 179 -19.51 -32.64 17.54
N VAL B 180 -19.17 -31.98 16.45
CA VAL B 180 -19.66 -32.32 15.13
C VAL B 180 -18.48 -32.71 14.26
N VAL B 181 -18.68 -33.69 13.40
CA VAL B 181 -17.67 -34.07 12.42
C VAL B 181 -18.35 -34.35 11.07
N LYS B 182 -17.77 -33.80 10.01
CA LYS B 182 -18.33 -33.93 8.67
C LYS B 182 -17.87 -35.23 8.03
N ILE B 183 -18.82 -36.08 7.65
CA ILE B 183 -18.51 -37.36 7.01
C ILE B 183 -18.42 -37.15 5.50
N THR B 184 -19.53 -36.77 4.88
CA THR B 184 -19.58 -36.68 3.43
C THR B 184 -20.69 -35.71 3.02
N ASN B 185 -21.16 -35.84 1.78
CA ASN B 185 -22.24 -35.05 1.22
C ASN B 185 -23.10 -35.97 0.37
N MET B 186 -24.38 -35.64 0.23
CA MET B 186 -25.30 -36.51 -0.49
C MET B 186 -26.04 -35.75 -1.60
N THR B 187 -25.37 -34.78 -2.22
CA THR B 187 -25.97 -34.08 -3.35
C THR B 187 -26.19 -35.01 -4.54
N THR B 188 -25.21 -35.87 -4.82
CA THR B 188 -25.34 -36.82 -5.91
C THR B 188 -26.52 -37.76 -5.68
N ILE B 189 -26.65 -38.26 -4.45
CA ILE B 189 -27.78 -39.12 -4.10
C ILE B 189 -29.09 -38.36 -4.27
N GLU B 190 -29.10 -37.08 -3.90
CA GLU B 190 -30.32 -36.27 -4.04
C GLU B 190 -30.70 -36.11 -5.50
N ARG B 191 -29.70 -35.92 -6.37
CA ARG B 191 -29.99 -35.77 -7.80
C ARG B 191 -30.47 -37.08 -8.40
N GLU B 192 -29.91 -38.20 -7.95
CA GLU B 192 -30.38 -39.49 -8.43
C GLU B 192 -31.81 -39.77 -7.96
N TYR B 193 -32.14 -39.37 -6.73
CA TYR B 193 -33.51 -39.50 -6.25
C TYR B 193 -34.46 -38.61 -7.03
N ALA B 194 -34.01 -37.40 -7.39
CA ALA B 194 -34.82 -36.51 -8.21
C ALA B 194 -35.10 -37.14 -9.56
N ALA B 195 -34.08 -37.71 -10.21
CA ALA B 195 -34.28 -38.38 -11.48
C ALA B 195 -35.20 -39.58 -11.34
N LEU B 196 -35.06 -40.33 -10.24
CA LEU B 196 -35.91 -41.49 -10.01
C LEU B 196 -37.39 -41.10 -9.90
N GLU B 197 -37.68 -40.10 -9.06
CA GLU B 197 -39.07 -39.72 -8.83
C GLU B 197 -39.68 -38.99 -10.02
N SER B 198 -38.85 -38.41 -10.90
CA SER B 198 -39.33 -37.68 -12.05
C SER B 198 -39.37 -38.52 -13.33
N LEU B 199 -39.08 -39.81 -13.24
CA LEU B 199 -39.13 -40.67 -14.43
C LEU B 199 -40.52 -40.66 -15.07
N GLN B 200 -41.58 -40.55 -14.26
CA GLN B 200 -42.94 -40.62 -14.78
C GLN B 200 -43.23 -39.56 -15.82
N TYR B 201 -42.45 -38.48 -15.87
CA TYR B 201 -42.65 -37.42 -16.87
C TYR B 201 -41.60 -37.45 -17.97
N TYR B 202 -40.77 -38.49 -18.04
CA TYR B 202 -39.70 -38.53 -19.02
C TYR B 202 -40.24 -38.83 -20.42
N ASP B 203 -39.70 -38.13 -21.42
CA ASP B 203 -40.03 -38.41 -22.80
C ASP B 203 -39.70 -39.85 -23.17
N LEU B 204 -38.65 -40.42 -22.57
CA LEU B 204 -38.23 -41.79 -22.83
C LEU B 204 -38.67 -42.74 -21.72
N MET B 205 -39.72 -42.39 -20.98
CA MET B 205 -40.15 -43.22 -19.86
C MET B 205 -40.53 -44.62 -20.32
N ASP B 206 -41.24 -44.73 -21.45
CA ASP B 206 -41.63 -46.04 -21.96
C ASP B 206 -40.41 -46.91 -22.24
N GLU B 207 -39.43 -46.38 -22.98
CA GLU B 207 -38.26 -47.16 -23.33
C GLU B 207 -37.43 -47.52 -22.10
N ILE B 208 -37.35 -46.61 -21.13
CA ILE B 208 -36.58 -46.89 -19.92
C ILE B 208 -37.26 -47.96 -19.07
N LEU B 209 -38.60 -47.90 -18.97
CA LEU B 209 -39.32 -48.92 -18.21
C LEU B 209 -39.21 -50.28 -18.87
N LYS B 210 -39.36 -50.33 -20.20
CA LYS B 210 -39.23 -51.60 -20.91
C LYS B 210 -37.77 -51.96 -21.17
N ALA B 211 -36.83 -51.07 -20.88
CA ALA B 211 -35.41 -51.27 -21.20
C ALA B 211 -35.26 -51.69 -22.65
N GLN B 212 -35.93 -50.96 -23.53
CA GLN B 212 -36.01 -51.31 -24.94
C GLN B 212 -35.27 -50.28 -25.78
N PRO B 213 -34.16 -50.64 -26.41
CA PRO B 213 -33.51 -49.73 -27.36
C PRO B 213 -34.16 -49.88 -28.74
N SER B 214 -33.89 -48.88 -29.57
CA SER B 214 -34.44 -48.89 -30.92
C SER B 214 -33.84 -50.04 -31.73
N PRO B 215 -34.59 -50.59 -32.67
CA PRO B 215 -34.12 -51.79 -33.37
C PRO B 215 -32.96 -51.49 -34.29
N MET B 216 -32.13 -52.51 -34.50
CA MET B 216 -30.96 -52.38 -35.37
C MET B 216 -31.36 -52.15 -36.81
N LEU B 217 -30.80 -51.10 -37.41
CA LEU B 217 -30.97 -50.82 -38.83
C LEU B 217 -29.75 -51.32 -39.59
N THR B 218 -29.98 -52.03 -40.69
CA THR B 218 -28.92 -52.45 -41.58
C THR B 218 -28.91 -51.51 -42.79
N PHE B 219 -27.74 -50.95 -43.07
CA PHE B 219 -27.59 -49.94 -44.11
C PHE B 219 -26.91 -50.50 -45.35
N GLY B 220 -27.16 -49.84 -46.48
CA GLY B 220 -26.48 -50.20 -47.70
C GLY B 220 -25.00 -49.94 -47.62
N ASP B 221 -24.24 -50.76 -48.38
CA ASP B 221 -22.79 -50.62 -48.39
C ASP B 221 -22.34 -49.24 -48.85
N GLU B 222 -23.17 -48.55 -49.64
CA GLU B 222 -22.78 -47.23 -50.15
C GLU B 222 -22.76 -46.18 -49.04
N ALA B 223 -23.80 -46.16 -48.20
CA ALA B 223 -23.82 -45.20 -47.09
C ALA B 223 -22.76 -45.53 -46.06
N ILE B 224 -22.55 -46.82 -45.79
CA ILE B 224 -21.48 -47.24 -44.88
C ILE B 224 -20.14 -46.76 -45.40
N LYS B 225 -19.88 -46.97 -46.70
CA LYS B 225 -18.62 -46.52 -47.29
C LYS B 225 -18.49 -45.01 -47.25
N ALA B 226 -19.61 -44.30 -47.43
CA ALA B 226 -19.57 -42.84 -47.35
C ALA B 226 -19.16 -42.37 -45.97
N VAL B 227 -19.75 -42.96 -44.92
CA VAL B 227 -19.40 -42.59 -43.56
C VAL B 227 -17.94 -42.96 -43.28
N MET B 228 -17.52 -44.16 -43.69
CA MET B 228 -16.14 -44.57 -43.50
C MET B 228 -15.17 -43.60 -44.15
N ASP B 229 -15.43 -43.19 -45.39
CA ASP B 229 -14.51 -42.30 -46.08
C ASP B 229 -14.53 -40.90 -45.49
N ASN B 230 -15.70 -40.43 -45.07
CA ASN B 230 -15.79 -39.07 -44.54
C ASN B 230 -15.12 -38.96 -43.17
N TYR B 231 -15.34 -39.93 -42.29
CA TYR B 231 -14.85 -39.84 -40.93
C TYR B 231 -13.66 -40.75 -40.65
N GLN B 232 -13.19 -41.51 -41.64
CA GLN B 232 -12.08 -42.44 -41.49
C GLN B 232 -12.35 -43.46 -40.37
N LEU B 233 -13.42 -44.23 -40.58
CA LEU B 233 -13.84 -45.24 -39.62
C LEU B 233 -13.91 -46.60 -40.31
N ASN B 234 -13.99 -47.65 -39.49
CA ASN B 234 -14.18 -49.01 -39.97
C ASN B 234 -15.66 -49.36 -39.98
N PRO B 235 -16.04 -50.46 -40.64
CA PRO B 235 -17.48 -50.77 -40.79
C PRO B 235 -18.30 -50.71 -39.52
N GLY B 236 -17.81 -51.25 -38.40
CA GLY B 236 -18.60 -51.24 -37.18
C GLY B 236 -18.87 -49.83 -36.67
N GLN B 237 -17.85 -48.96 -36.73
CA GLN B 237 -18.04 -47.59 -36.28
C GLN B 237 -19.01 -46.85 -37.19
N ALA B 238 -18.93 -47.07 -38.51
CA ALA B 238 -19.86 -46.44 -39.43
C ALA B 238 -21.28 -46.94 -39.20
N ARG B 239 -21.45 -48.23 -38.91
CA ARG B 239 -22.77 -48.77 -38.62
C ARG B 239 -23.35 -48.14 -37.36
N ALA B 240 -22.53 -48.05 -36.31
CA ALA B 240 -22.99 -47.42 -35.08
C ALA B 240 -23.37 -45.96 -35.31
N ILE B 241 -22.57 -45.24 -36.10
CA ILE B 241 -22.85 -43.83 -36.36
C ILE B 241 -24.15 -43.67 -37.14
N LEU B 242 -24.36 -44.52 -38.15
CA LEU B 242 -25.59 -44.43 -38.94
C LEU B 242 -26.81 -44.76 -38.10
N ASN B 243 -26.71 -45.77 -37.24
CA ASN B 243 -27.85 -46.10 -36.38
C ASN B 243 -28.09 -45.01 -35.34
N ALA B 244 -27.04 -44.31 -34.90
CA ALA B 244 -27.24 -43.19 -33.98
C ALA B 244 -27.85 -41.99 -34.69
N LYS B 245 -27.56 -41.83 -35.99
CA LYS B 245 -28.13 -40.73 -36.75
C LYS B 245 -29.59 -40.96 -37.08
N GLU B 246 -29.94 -42.19 -37.48
CA GLU B 246 -31.31 -42.48 -37.90
C GLU B 246 -32.24 -42.68 -36.70
N ASN B 247 -31.96 -43.69 -35.89
CA ASN B 247 -32.87 -44.11 -34.84
C ASN B 247 -33.08 -43.01 -33.80
N ASP B 248 -34.28 -42.98 -33.24
CA ASP B 248 -34.60 -42.19 -32.06
C ASP B 248 -34.78 -43.13 -30.87
N GLY B 249 -34.64 -42.57 -29.68
CA GLY B 249 -34.65 -43.39 -28.48
C GLY B 249 -33.24 -43.81 -28.10
N PHE B 250 -33.09 -45.03 -27.58
CA PHE B 250 -31.80 -45.49 -27.09
C PHE B 250 -31.02 -46.21 -28.17
N THR B 251 -29.76 -45.80 -28.36
CA THR B 251 -28.82 -46.50 -29.23
C THR B 251 -27.61 -46.90 -28.42
N LEU B 252 -27.36 -48.21 -28.31
CA LEU B 252 -26.25 -48.73 -27.52
C LEU B 252 -25.07 -49.04 -28.42
N ILE B 253 -23.89 -48.59 -28.01
CA ILE B 253 -22.63 -48.86 -28.71
C ILE B 253 -21.66 -49.45 -27.70
N GLN B 254 -21.28 -50.71 -27.91
CA GLN B 254 -20.32 -51.38 -27.05
C GLN B 254 -18.92 -51.22 -27.64
N GLY B 255 -18.01 -50.63 -26.87
CA GLY B 255 -16.66 -50.41 -27.29
C GLY B 255 -15.64 -51.09 -26.40
N PRO B 256 -15.16 -52.26 -26.83
CA PRO B 256 -14.06 -52.92 -26.12
C PRO B 256 -12.81 -52.06 -26.12
N PRO B 257 -11.79 -52.43 -25.35
CA PRO B 257 -10.57 -51.62 -25.30
C PRO B 257 -9.96 -51.41 -26.68
N GLY B 258 -9.61 -50.16 -26.96
CA GLY B 258 -8.92 -49.82 -28.20
C GLY B 258 -9.77 -49.82 -29.44
N THR B 259 -11.09 -49.85 -29.32
CA THR B 259 -11.97 -49.91 -30.48
C THR B 259 -12.31 -48.54 -31.04
N GLY B 260 -11.95 -47.46 -30.36
CA GLY B 260 -12.15 -46.13 -30.91
C GLY B 260 -13.39 -45.42 -30.44
N LYS B 261 -13.70 -45.49 -29.15
CA LYS B 261 -14.94 -44.90 -28.64
C LYS B 261 -14.94 -43.39 -28.79
N THR B 262 -13.84 -42.73 -28.41
CA THR B 262 -13.80 -41.26 -28.47
C THR B 262 -13.84 -40.77 -29.91
N LYS B 263 -13.15 -41.45 -30.82
CA LYS B 263 -13.19 -41.11 -32.24
C LYS B 263 -14.60 -41.26 -32.79
N THR B 264 -15.25 -42.38 -32.47
CA THR B 264 -16.64 -42.58 -32.87
C THR B 264 -17.54 -41.49 -32.32
N ILE B 265 -17.33 -41.08 -31.06
CA ILE B 265 -18.20 -40.08 -30.45
C ILE B 265 -18.01 -38.72 -31.09
N VAL B 266 -16.76 -38.36 -31.43
CA VAL B 266 -16.51 -37.08 -32.09
C VAL B 266 -17.16 -37.06 -33.47
N ALA B 267 -16.94 -38.11 -34.26
CA ALA B 267 -17.58 -38.19 -35.57
C ALA B 267 -19.09 -38.18 -35.45
N MET B 268 -19.63 -38.80 -34.40
CA MET B 268 -21.06 -38.85 -34.18
C MET B 268 -21.62 -37.47 -33.82
N VAL B 269 -20.86 -36.69 -33.04
CA VAL B 269 -21.28 -35.33 -32.73
C VAL B 269 -21.33 -34.50 -34.00
N GLY B 270 -20.30 -34.62 -34.84
CA GLY B 270 -20.35 -33.94 -36.14
C GLY B 270 -21.54 -34.37 -36.99
N CYS B 271 -21.83 -35.67 -37.00
CA CYS B 271 -22.94 -36.18 -37.79
C CYS B 271 -24.28 -35.65 -37.29
N LEU B 272 -24.47 -35.61 -35.97
CA LEU B 272 -25.72 -35.10 -35.42
C LEU B 272 -25.85 -33.59 -35.60
N LEU B 273 -24.73 -32.86 -35.56
CA LEU B 273 -24.77 -31.41 -35.75
C LEU B 273 -24.74 -31.00 -37.22
N THR B 274 -24.65 -31.98 -38.14
CA THR B 274 -24.76 -31.66 -39.56
C THR B 274 -25.93 -30.72 -39.84
N GLY B 275 -27.10 -31.01 -39.25
CA GLY B 275 -28.26 -30.18 -39.51
C GLY B 275 -28.16 -28.79 -38.89
N VAL B 276 -27.73 -28.73 -37.63
CA VAL B 276 -27.68 -27.44 -36.92
C VAL B 276 -26.64 -26.52 -37.53
N LEU B 277 -25.56 -27.07 -38.08
CA LEU B 277 -24.48 -26.28 -38.63
C LEU B 277 -24.77 -25.88 -40.08
N PRO B 300 -37.84 -24.79 -29.71
CA PRO B 300 -36.82 -24.08 -28.92
C PRO B 300 -35.41 -24.40 -29.39
N SER B 301 -34.53 -24.77 -28.45
CA SER B 301 -33.12 -25.00 -28.73
C SER B 301 -32.86 -26.48 -28.93
N LYS B 302 -32.17 -26.81 -30.02
CA LYS B 302 -31.74 -28.18 -30.31
C LYS B 302 -30.26 -28.27 -29.98
N LYS B 303 -29.92 -28.87 -28.85
CA LYS B 303 -28.55 -28.89 -28.38
C LYS B 303 -28.17 -30.28 -27.91
N LEU B 304 -26.87 -30.49 -27.76
CA LEU B 304 -26.27 -31.81 -27.58
C LEU B 304 -25.61 -31.89 -26.23
N LEU B 305 -26.08 -32.80 -25.37
CA LEU B 305 -25.55 -32.95 -24.02
C LEU B 305 -24.65 -34.19 -23.98
N VAL B 306 -23.35 -33.97 -23.85
CA VAL B 306 -22.38 -35.04 -23.68
C VAL B 306 -22.09 -35.20 -22.19
N CYS B 307 -22.22 -36.41 -21.69
CA CYS B 307 -22.08 -36.67 -20.26
C CYS B 307 -21.13 -37.84 -20.04
N ALA B 308 -20.49 -37.84 -18.87
CA ALA B 308 -19.66 -38.97 -18.48
C ALA B 308 -19.64 -39.07 -16.97
N PRO B 309 -19.45 -40.28 -16.41
CA PRO B 309 -19.53 -40.43 -14.96
C PRO B 309 -18.40 -39.75 -14.21
N SER B 310 -17.21 -39.67 -14.78
CA SER B 310 -16.06 -39.08 -14.14
C SER B 310 -15.70 -37.76 -14.81
N ASN B 311 -14.99 -36.90 -14.06
CA ASN B 311 -14.55 -35.63 -14.63
C ASN B 311 -13.45 -35.84 -15.68
N ALA B 312 -12.65 -36.89 -15.54
CA ALA B 312 -11.57 -37.14 -16.49
C ALA B 312 -12.11 -37.45 -17.87
N ALA B 313 -13.13 -38.32 -17.95
CA ALA B 313 -13.74 -38.64 -19.24
C ALA B 313 -14.39 -37.41 -19.86
N VAL B 314 -15.10 -36.62 -19.05
CA VAL B 314 -15.71 -35.38 -19.55
C VAL B 314 -14.65 -34.46 -20.10
N ASP B 315 -13.53 -34.31 -19.39
CA ASP B 315 -12.47 -33.41 -19.83
C ASP B 315 -11.83 -33.91 -21.13
N GLU B 316 -11.62 -35.22 -21.24
CA GLU B 316 -11.06 -35.76 -22.48
C GLU B 316 -12.01 -35.54 -23.65
N LEU B 317 -13.30 -35.74 -23.43
CA LEU B 317 -14.28 -35.50 -24.49
C LEU B 317 -14.31 -34.03 -24.89
N VAL B 318 -14.22 -33.12 -23.91
CA VAL B 318 -14.19 -31.69 -24.23
C VAL B 318 -12.94 -31.36 -25.03
N LEU B 319 -11.79 -31.87 -24.61
CA LEU B 319 -10.54 -31.59 -25.31
C LEU B 319 -10.58 -32.11 -26.74
N ARG B 320 -11.19 -33.28 -26.95
CA ARG B 320 -11.26 -33.81 -28.31
C ARG B 320 -12.27 -33.05 -29.16
N LEU B 321 -13.41 -32.67 -28.58
CA LEU B 321 -14.41 -31.90 -29.31
C LEU B 321 -14.00 -30.44 -29.52
N LYS B 322 -13.15 -29.89 -28.65
CA LYS B 322 -12.71 -28.51 -28.85
C LYS B 322 -11.85 -28.38 -30.10
N ALA B 323 -11.18 -29.45 -30.51
CA ALA B 323 -10.42 -29.43 -31.76
C ALA B 323 -11.33 -29.19 -32.95
N GLY B 324 -12.59 -29.62 -32.85
CA GLY B 324 -13.55 -29.41 -33.92
C GLY B 324 -14.16 -30.70 -34.43
N VAL B 325 -15.39 -30.62 -34.92
CA VAL B 325 -16.08 -31.77 -35.50
C VAL B 325 -16.18 -31.57 -37.00
N LYS B 326 -16.79 -32.52 -37.70
CA LYS B 326 -16.98 -32.40 -39.14
C LYS B 326 -18.35 -32.92 -39.52
N THR B 327 -19.08 -32.13 -40.31
CA THR B 327 -20.39 -32.53 -40.78
C THR B 327 -20.25 -33.62 -41.86
N MET B 328 -21.39 -34.21 -42.22
CA MET B 328 -21.38 -35.19 -43.31
C MET B 328 -21.08 -34.53 -44.65
N ASN B 329 -21.28 -33.22 -44.77
CA ASN B 329 -20.87 -32.49 -45.97
C ASN B 329 -19.36 -32.54 -46.16
N GLY B 330 -18.61 -32.71 -45.09
CA GLY B 330 -17.16 -32.62 -45.14
C GLY B 330 -16.58 -31.34 -44.63
N THR B 331 -17.39 -30.48 -44.02
CA THR B 331 -16.94 -29.17 -43.54
C THR B 331 -16.43 -29.27 -42.11
N PHE B 332 -15.32 -28.58 -41.84
CA PHE B 332 -14.73 -28.53 -40.51
C PHE B 332 -15.31 -27.34 -39.75
N HIS B 333 -15.92 -27.61 -38.60
CA HIS B 333 -16.52 -26.58 -37.76
C HIS B 333 -15.91 -26.61 -36.38
N LYS B 334 -15.49 -25.44 -35.89
CA LYS B 334 -15.07 -25.28 -34.51
C LYS B 334 -16.31 -24.93 -33.69
N ILE B 335 -17.04 -25.96 -33.26
CA ILE B 335 -18.31 -25.77 -32.59
C ILE B 335 -18.08 -25.20 -31.20
N GLU B 336 -19.16 -24.79 -30.53
CA GLU B 336 -19.09 -24.20 -29.20
C GLU B 336 -19.26 -25.30 -28.17
N VAL B 337 -18.16 -25.72 -27.56
CA VAL B 337 -18.17 -26.73 -26.51
C VAL B 337 -18.13 -26.02 -25.17
N LEU B 338 -19.05 -26.36 -24.27
CA LEU B 338 -19.18 -25.69 -22.99
C LEU B 338 -19.08 -26.72 -21.88
N ARG B 339 -18.07 -26.58 -21.02
CA ARG B 339 -17.83 -27.49 -19.92
C ARG B 339 -18.58 -27.01 -18.68
N LEU B 340 -19.22 -27.93 -17.97
CA LEU B 340 -20.01 -27.60 -16.79
C LEU B 340 -19.39 -28.21 -15.56
N GLY B 341 -18.99 -27.38 -14.60
CA GLY B 341 -18.41 -27.87 -13.37
C GLY B 341 -17.56 -26.83 -12.69
N ARG B 342 -17.16 -27.16 -11.46
CA ARG B 342 -16.33 -26.27 -10.68
C ARG B 342 -14.92 -26.21 -11.25
N SER B 343 -14.27 -25.05 -11.05
CA SER B 343 -12.92 -24.86 -11.59
C SER B 343 -11.86 -25.62 -10.81
N ASP B 344 -12.20 -26.31 -9.72
CA ASP B 344 -11.21 -27.06 -8.96
C ASP B 344 -11.12 -28.51 -9.38
N VAL B 345 -12.22 -29.11 -9.81
CA VAL B 345 -12.23 -30.50 -10.26
C VAL B 345 -12.22 -30.57 -11.79
N ILE B 346 -11.78 -29.51 -12.45
CA ILE B 346 -11.83 -29.39 -13.91
C ILE B 346 -10.41 -29.18 -14.41
N ASN B 347 -10.07 -29.88 -15.50
CA ASN B 347 -8.72 -29.83 -16.04
C ASN B 347 -8.33 -28.40 -16.37
N ALA B 348 -7.03 -28.10 -16.20
CA ALA B 348 -6.51 -26.79 -16.52
C ALA B 348 -6.61 -26.47 -18.00
N ALA B 349 -6.73 -27.49 -18.85
CA ALA B 349 -6.80 -27.26 -20.30
C ALA B 349 -8.20 -26.89 -20.76
N VAL B 350 -9.24 -27.23 -20.01
CA VAL B 350 -10.61 -26.94 -20.40
C VAL B 350 -11.22 -25.79 -19.61
N LYS B 351 -10.45 -25.15 -18.72
CA LYS B 351 -10.97 -23.98 -18.01
C LYS B 351 -11.27 -22.83 -18.97
N ASP B 352 -10.73 -22.87 -20.19
CA ASP B 352 -11.07 -21.86 -21.19
C ASP B 352 -12.51 -21.97 -21.64
N VAL B 353 -13.18 -23.10 -21.41
CA VAL B 353 -14.55 -23.28 -21.86
C VAL B 353 -15.48 -23.65 -20.71
N THR B 354 -15.02 -23.46 -19.47
CA THR B 354 -15.85 -23.71 -18.31
C THR B 354 -16.83 -22.56 -18.11
N LEU B 355 -18.10 -22.91 -17.88
CA LEU B 355 -19.14 -21.89 -17.77
C LEU B 355 -18.84 -20.89 -16.65
N ASP B 356 -18.39 -21.38 -15.50
CA ASP B 356 -18.06 -20.50 -14.38
C ASP B 356 -17.01 -19.46 -14.79
N GLU B 357 -15.95 -19.90 -15.44
CA GLU B 357 -14.87 -18.99 -15.82
C GLU B 357 -15.33 -18.01 -16.89
N LEU B 358 -16.17 -18.45 -17.82
CA LEU B 358 -16.69 -17.54 -18.85
C LEU B 358 -17.57 -16.47 -18.23
N VAL B 359 -18.47 -16.85 -17.31
CA VAL B 359 -19.30 -15.87 -16.64
C VAL B 359 -18.45 -14.93 -15.79
N LYS B 360 -17.40 -15.46 -15.15
CA LYS B 360 -16.52 -14.62 -14.36
C LYS B 360 -15.82 -13.59 -15.23
N ALA B 361 -15.30 -14.00 -16.39
CA ALA B 361 -14.64 -13.07 -17.29
C ALA B 361 -15.62 -12.03 -17.81
N ARG B 362 -16.84 -12.45 -18.14
CA ARG B 362 -17.81 -11.50 -18.68
C ARG B 362 -18.22 -10.49 -17.62
N MET B 363 -18.36 -10.91 -16.36
CA MET B 363 -18.71 -9.96 -15.31
C MET B 363 -17.53 -9.06 -14.96
N ASP B 364 -16.30 -9.59 -15.07
CA ASP B 364 -15.12 -8.74 -14.85
C ASP B 364 -14.95 -7.73 -15.97
N ALA B 365 -15.50 -8.02 -17.15
CA ALA B 365 -15.50 -7.03 -18.23
C ALA B 365 -16.64 -6.03 -18.03
N GLU B 366 -17.78 -6.50 -17.50
CA GLU B 366 -18.90 -5.62 -17.25
C GLU B 366 -18.59 -4.62 -16.15
N LEU B 367 -17.76 -5.03 -15.18
CA LEU B 367 -17.34 -4.10 -14.13
C LEU B 367 -16.52 -2.96 -14.70
N SER B 368 -15.70 -3.24 -15.72
CA SER B 368 -14.87 -2.19 -16.32
C SER B 368 -15.65 -1.36 -17.35
N LYS B 369 -16.67 -1.95 -17.97
CA LYS B 369 -17.51 -1.19 -18.88
C LYS B 369 -18.37 -0.15 -18.17
N ASN B 370 -18.49 -0.22 -16.84
CA ASN B 370 -19.32 0.72 -16.10
C ASN B 370 -18.85 2.15 -16.29
N SER B 371 -17.53 2.38 -16.21
CA SER B 371 -16.90 3.68 -16.40
C SER B 371 -17.32 4.71 -15.36
N SER B 372 -18.61 4.82 -15.10
CA SER B 372 -19.12 5.82 -14.15
C SER B 372 -18.63 5.51 -12.74
N PRO B 373 -17.94 6.44 -12.08
CA PRO B 373 -17.49 6.19 -10.70
C PRO B 373 -18.65 6.10 -9.72
N SER B 374 -18.89 4.91 -9.17
CA SER B 374 -20.01 4.69 -8.26
C SER B 374 -19.81 5.49 -6.97
N GLU B 375 -20.88 5.58 -6.18
CA GLU B 375 -20.81 6.34 -4.94
C GLU B 375 -19.96 5.67 -3.89
N ARG B 376 -19.96 4.33 -3.85
CA ARG B 376 -19.20 3.63 -2.82
C ARG B 376 -17.71 3.76 -3.05
N ASP B 377 -17.28 3.69 -4.31
CA ASP B 377 -15.86 3.81 -4.62
C ASP B 377 -15.40 5.26 -4.48
N GLN B 378 -16.28 6.21 -4.81
CA GLN B 378 -15.96 7.61 -4.60
C GLN B 378 -15.84 7.93 -3.11
N LEU B 379 -16.69 7.31 -2.29
CA LEU B 379 -16.55 7.44 -0.84
C LEU B 379 -15.23 6.86 -0.36
N HIS B 380 -14.84 5.71 -0.90
CA HIS B 380 -13.56 5.12 -0.50
C HIS B 380 -12.39 6.03 -0.88
N LYS B 381 -12.42 6.61 -2.08
CA LYS B 381 -11.35 7.51 -2.51
C LYS B 381 -11.26 8.74 -1.63
N GLU B 382 -12.40 9.41 -1.39
CA GLU B 382 -12.38 10.62 -0.58
C GLU B 382 -11.99 10.32 0.87
N ALA B 383 -12.44 9.19 1.41
CA ALA B 383 -12.07 8.80 2.76
C ALA B 383 -10.57 8.52 2.87
N GLY B 384 -10.02 7.80 1.90
CA GLY B 384 -8.58 7.56 1.90
C GLY B 384 -7.78 8.85 1.84
N GLU B 385 -8.24 9.82 1.04
CA GLU B 385 -7.46 11.05 0.92
C GLU B 385 -7.57 11.92 2.16
N ILE B 386 -8.76 12.01 2.76
CA ILE B 386 -8.86 12.76 4.02
C ILE B 386 -8.06 12.06 5.11
N LYS B 387 -7.96 10.73 5.06
CA LYS B 387 -7.14 10.00 6.01
C LYS B 387 -5.66 10.28 5.80
N ALA B 388 -5.24 10.43 4.53
CA ALA B 388 -3.87 10.84 4.26
C ALA B 388 -3.59 12.23 4.80
N LYS B 389 -4.55 13.15 4.66
CA LYS B 389 -4.39 14.48 5.23
C LYS B 389 -4.26 14.42 6.75
N LEU B 390 -5.07 13.57 7.39
CA LEU B 390 -4.95 13.37 8.83
C LEU B 390 -3.58 12.81 9.20
N ALA B 391 -3.08 11.86 8.42
CA ALA B 391 -1.76 11.28 8.67
C ALA B 391 -0.67 12.34 8.55
N GLU B 392 -0.83 13.31 7.65
CA GLU B 392 0.12 14.41 7.60
C GLU B 392 -0.01 15.31 8.82
N ILE B 393 -1.25 15.64 9.22
CA ILE B 393 -1.46 16.64 10.27
C ILE B 393 -1.02 16.12 11.64
N ARG B 394 -1.18 14.82 11.89
CA ARG B 394 -0.97 14.30 13.25
C ARG B 394 0.43 14.52 13.81
N PRO B 395 1.53 14.15 13.13
CA PRO B 395 2.86 14.37 13.74
C PRO B 395 3.18 15.83 13.95
N GLN B 396 2.81 16.69 13.00
CA GLN B 396 3.01 18.13 13.17
C GLN B 396 2.30 18.63 14.42
N LEU B 397 1.06 18.18 14.64
CA LEU B 397 0.30 18.59 15.81
C LEU B 397 0.95 18.10 17.09
N ASP B 398 1.39 16.83 17.11
CA ASP B 398 2.06 16.30 18.30
C ASP B 398 3.33 17.07 18.62
N ALA B 399 4.11 17.44 17.60
CA ALA B 399 5.33 18.19 17.85
C ALA B 399 5.01 19.59 18.35
N ALA B 400 4.02 20.25 17.74
CA ALA B 400 3.65 21.60 18.17
C ALA B 400 3.12 21.60 19.59
N ARG B 401 2.51 20.50 20.03
CA ARG B 401 2.08 20.45 21.43
C ARG B 401 3.24 20.09 22.36
N LEU B 402 4.15 19.24 21.90
CA LEU B 402 5.33 18.93 22.71
C LEU B 402 6.33 20.07 22.73
N SER B 403 6.05 21.17 22.04
CA SER B 403 6.98 22.30 22.00
C SER B 403 6.32 23.62 22.41
N ASP B 404 5.13 23.59 22.97
CA ASP B 404 4.44 24.79 23.47
C ASP B 404 4.34 25.87 22.38
N ASP B 405 3.68 25.50 21.28
CA ASP B 405 3.49 26.39 20.14
C ASP B 405 2.00 26.71 20.07
N ARG B 406 1.61 27.86 20.63
CA ARG B 406 0.20 28.18 20.79
C ARG B 406 -0.52 28.25 19.44
N ALA B 407 -0.11 29.19 18.59
CA ALA B 407 -0.82 29.44 17.33
C ALA B 407 -0.76 28.22 16.41
N SER B 408 0.42 27.58 16.33
CA SER B 408 0.58 26.45 15.42
C SER B 408 -0.26 25.27 15.88
N ALA B 409 -0.23 24.96 17.18
CA ALA B 409 -1.06 23.89 17.70
C ALA B 409 -2.54 24.18 17.49
N MET B 410 -2.94 25.44 17.67
CA MET B 410 -4.35 25.80 17.50
C MET B 410 -4.80 25.59 16.05
N LYS B 411 -4.02 26.10 15.09
CA LYS B 411 -4.36 25.94 13.68
C LYS B 411 -4.37 24.47 13.27
N LEU B 412 -3.35 23.71 13.68
CA LEU B 412 -3.28 22.31 13.31
C LEU B 412 -4.41 21.51 13.95
N GLN B 413 -4.81 21.87 15.18
CA GLN B 413 -5.93 21.20 15.81
C GLN B 413 -7.24 21.52 15.12
N ARG B 414 -7.43 22.76 14.66
CA ARG B 414 -8.65 23.07 13.93
C ARG B 414 -8.71 22.29 12.62
N GLU B 415 -7.61 22.23 11.87
CA GLU B 415 -7.61 21.44 10.65
C GLU B 415 -7.85 19.96 10.94
N PHE B 416 -7.24 19.44 12.01
CA PHE B 416 -7.44 18.06 12.41
C PHE B 416 -8.91 17.79 12.73
N ASP B 417 -9.55 18.72 13.44
CA ASP B 417 -10.95 18.53 13.80
C ASP B 417 -11.87 18.60 12.58
N GLU B 418 -11.57 19.50 11.64
CA GLU B 418 -12.36 19.55 10.42
C GLU B 418 -12.25 18.24 9.64
N LEU B 419 -11.02 17.71 9.54
CA LEU B 419 -10.84 16.43 8.84
C LEU B 419 -11.53 15.29 9.59
N LYS B 420 -11.53 15.34 10.92
CA LYS B 420 -12.24 14.30 11.69
C LYS B 420 -13.75 14.40 11.49
N ARG B 421 -14.28 15.63 11.37
CA ARG B 421 -15.69 15.79 11.07
C ARG B 421 -16.03 15.18 9.71
N ARG B 422 -15.22 15.48 8.70
CA ARG B 422 -15.44 14.88 7.38
C ARG B 422 -15.33 13.36 7.43
N GLN B 423 -14.38 12.85 8.21
CA GLN B 423 -14.22 11.40 8.35
C GLN B 423 -15.43 10.78 9.00
N ALA B 424 -15.97 11.42 10.04
CA ALA B 424 -17.15 10.87 10.71
C ALA B 424 -18.36 10.89 9.77
N HIS B 425 -18.53 11.95 8.99
CA HIS B 425 -19.64 12.01 8.05
C HIS B 425 -19.52 10.91 6.99
N ILE B 426 -18.33 10.77 6.40
CA ILE B 426 -18.15 9.78 5.35
C ILE B 426 -18.27 8.36 5.91
N GLY B 427 -17.76 8.12 7.12
CA GLY B 427 -17.90 6.83 7.74
C GLY B 427 -19.33 6.50 8.11
N ALA B 428 -20.12 7.51 8.50
CA ALA B 428 -21.53 7.29 8.75
C ALA B 428 -22.26 6.93 7.46
N LYS B 429 -21.89 7.58 6.35
CA LYS B 429 -22.51 7.23 5.07
C LYS B 429 -22.11 5.82 4.64
N ILE B 430 -20.85 5.44 4.88
CA ILE B 430 -20.40 4.10 4.53
C ILE B 430 -21.11 3.05 5.39
N ASP B 431 -21.32 3.35 6.67
CA ASP B 431 -22.04 2.42 7.54
C ASP B 431 -23.53 2.40 7.25
N ALA B 432 -24.07 3.44 6.62
CA ALA B 432 -25.46 3.42 6.22
C ALA B 432 -25.67 2.67 4.92
N ASP B 433 -24.65 2.65 4.05
CA ASP B 433 -24.71 1.89 2.81
C ASP B 433 -24.00 0.54 2.89
N LYS B 434 -23.52 0.16 4.07
CA LYS B 434 -22.81 -1.11 4.24
C LYS B 434 -23.77 -2.25 4.61
N ALA B 435 -24.48 -2.10 5.73
CA ALA B 435 -25.38 -3.15 6.17
C ALA B 435 -26.61 -3.25 5.27
N SER B 436 -27.12 -2.11 4.80
CA SER B 436 -28.28 -2.08 3.93
C SER B 436 -27.93 -2.24 2.46
N GLY B 437 -26.65 -2.41 2.13
CA GLY B 437 -26.21 -2.61 0.77
C GLY B 437 -26.24 -4.04 0.28
N ASN B 438 -26.57 -4.99 1.16
CA ASN B 438 -26.60 -6.39 0.75
C ASN B 438 -27.62 -6.64 -0.34
N THR B 439 -28.71 -5.87 -0.33
CA THR B 439 -29.70 -5.98 -1.41
C THR B 439 -29.07 -5.72 -2.77
N TYR B 440 -28.12 -4.78 -2.83
CA TYR B 440 -27.42 -4.52 -4.08
C TYR B 440 -26.71 -5.77 -4.58
N ALA B 441 -26.16 -6.57 -3.66
CA ALA B 441 -25.52 -7.82 -4.07
C ALA B 441 -26.50 -8.72 -4.82
N ARG B 442 -27.74 -8.78 -4.35
CA ARG B 442 -28.74 -9.59 -5.06
C ARG B 442 -28.93 -9.09 -6.47
N GLU B 443 -28.96 -7.76 -6.65
CA GLU B 443 -29.12 -7.21 -8.00
C GLU B 443 -27.97 -7.64 -8.90
N THR B 444 -26.77 -7.84 -8.34
CA THR B 444 -25.68 -8.36 -9.15
C THR B 444 -25.88 -9.84 -9.45
N GLU B 445 -26.30 -10.62 -8.45
CA GLU B 445 -26.36 -12.07 -8.63
C GLU B 445 -27.38 -12.46 -9.69
N ILE B 446 -28.55 -11.83 -9.68
CA ILE B 446 -29.53 -12.12 -10.72
C ILE B 446 -28.95 -11.76 -12.09
N LYS B 447 -28.22 -10.65 -12.17
CA LYS B 447 -27.58 -10.30 -13.43
C LYS B 447 -26.53 -11.35 -13.80
N ARG B 448 -25.83 -11.87 -12.80
CA ARG B 448 -24.95 -13.01 -13.04
C ARG B 448 -25.70 -14.13 -13.74
N ARG B 449 -26.89 -14.45 -13.23
CA ARG B 449 -27.71 -15.48 -13.85
C ARG B 449 -27.98 -15.14 -15.30
N GLN B 450 -28.28 -13.86 -15.58
CA GLN B 450 -28.50 -13.44 -16.96
C GLN B 450 -27.31 -13.79 -17.83
N ILE B 451 -26.10 -13.49 -17.36
CA ILE B 451 -24.91 -13.78 -18.15
C ILE B 451 -24.84 -15.27 -18.45
N GLN B 452 -25.16 -16.10 -17.45
CA GLN B 452 -25.17 -17.54 -17.66
C GLN B 452 -26.03 -17.90 -18.86
N GLN B 453 -27.27 -17.39 -18.88
CA GLN B 453 -28.15 -17.70 -19.99
C GLN B 453 -27.53 -17.29 -21.31
N GLU B 454 -26.92 -16.10 -21.35
CA GLU B 454 -26.36 -15.60 -22.60
C GLU B 454 -25.29 -16.54 -23.14
N ILE B 455 -24.55 -17.20 -22.25
CA ILE B 455 -23.54 -18.14 -22.72
C ILE B 455 -24.18 -19.44 -23.18
N LEU B 456 -25.18 -19.93 -22.44
CA LEU B 456 -25.80 -21.21 -22.78
C LEU B 456 -26.41 -21.17 -24.17
N ASP B 457 -26.99 -20.01 -24.55
CA ASP B 457 -27.62 -19.91 -25.85
C ASP B 457 -26.60 -19.93 -26.98
N LYS B 458 -25.36 -19.52 -26.70
CA LYS B 458 -24.32 -19.54 -27.73
C LYS B 458 -23.65 -20.89 -27.86
N ALA B 459 -23.76 -21.75 -26.84
CA ALA B 459 -23.13 -23.06 -26.87
C ALA B 459 -23.96 -24.05 -27.66
N GLN B 460 -23.28 -24.84 -28.50
CA GLN B 460 -23.94 -25.88 -29.29
C GLN B 460 -23.86 -27.25 -28.65
N VAL B 461 -22.82 -27.51 -27.85
CA VAL B 461 -22.63 -28.77 -27.15
C VAL B 461 -22.26 -28.47 -25.71
N LEU B 462 -22.95 -29.10 -24.77
CA LEU B 462 -22.68 -28.95 -23.35
C LEU B 462 -22.18 -30.27 -22.79
N CYS B 463 -21.02 -30.24 -22.15
CA CYS B 463 -20.40 -31.42 -21.58
C CYS B 463 -20.44 -31.34 -20.06
N ALA B 464 -20.74 -32.48 -19.43
CA ALA B 464 -20.89 -32.51 -17.97
C ALA B 464 -20.75 -33.94 -17.46
N THR B 465 -20.59 -34.03 -16.14
CA THR B 465 -20.78 -35.29 -15.46
C THR B 465 -22.27 -35.59 -15.34
N LEU B 466 -22.59 -36.84 -15.04
CA LEU B 466 -24.00 -37.21 -14.91
C LEU B 466 -24.66 -36.47 -13.77
N SER B 467 -24.02 -36.46 -12.59
CA SER B 467 -24.57 -35.72 -11.47
C SER B 467 -24.50 -34.22 -11.70
N GLY B 468 -23.42 -33.75 -12.35
CA GLY B 468 -23.29 -32.34 -12.64
C GLY B 468 -24.41 -31.78 -13.51
N SER B 469 -25.00 -32.62 -14.36
CA SER B 469 -26.07 -32.19 -15.25
C SER B 469 -27.40 -31.99 -14.52
N GLY B 470 -27.45 -32.19 -13.21
CA GLY B 470 -28.66 -31.93 -12.45
C GLY B 470 -28.49 -30.79 -11.46
N HIS B 471 -27.60 -29.86 -11.79
CA HIS B 471 -27.24 -28.78 -10.89
C HIS B 471 -28.40 -27.80 -10.72
N GLU B 472 -28.29 -26.97 -9.67
CA GLU B 472 -29.32 -26.00 -9.35
C GLU B 472 -29.52 -24.96 -10.45
N MET B 473 -28.47 -24.66 -11.22
CA MET B 473 -28.57 -23.67 -12.28
C MET B 473 -29.75 -23.94 -13.20
N PHE B 474 -29.81 -25.16 -13.73
CA PHE B 474 -30.83 -25.53 -14.70
C PHE B 474 -32.23 -25.49 -14.10
N LYS B 475 -32.35 -25.30 -12.78
CA LYS B 475 -33.66 -25.15 -12.15
C LYS B 475 -34.27 -23.78 -12.38
N ASN B 476 -33.46 -22.76 -12.67
CA ASN B 476 -33.97 -21.44 -13.01
C ASN B 476 -33.43 -20.96 -14.35
N LEU B 477 -33.17 -21.90 -15.26
CA LEU B 477 -32.66 -21.58 -16.59
C LEU B 477 -33.43 -22.40 -17.61
N ASN B 478 -33.98 -21.71 -18.62
CA ASN B 478 -34.81 -22.37 -19.63
C ASN B 478 -33.88 -23.07 -20.62
N VAL B 479 -33.83 -24.40 -20.52
CA VAL B 479 -32.93 -25.21 -21.34
C VAL B 479 -33.56 -26.59 -21.54
N GLU B 480 -33.39 -27.15 -22.74
CA GLU B 480 -33.75 -28.53 -23.01
C GLU B 480 -32.68 -29.17 -23.87
N PHE B 481 -32.42 -30.46 -23.63
CA PHE B 481 -31.39 -31.22 -24.33
C PHE B 481 -32.06 -32.34 -25.12
N GLU B 482 -32.25 -32.10 -26.42
CA GLU B 482 -32.93 -33.09 -27.27
C GLU B 482 -32.17 -34.40 -27.32
N THR B 483 -30.84 -34.35 -27.44
CA THR B 483 -30.03 -35.56 -27.59
C THR B 483 -28.93 -35.58 -26.53
N VAL B 484 -28.81 -36.71 -25.85
CA VAL B 484 -27.80 -36.93 -24.81
C VAL B 484 -26.94 -38.11 -25.21
N ILE B 485 -25.62 -37.92 -25.14
CA ILE B 485 -24.63 -38.98 -25.35
C ILE B 485 -23.97 -39.26 -24.01
N ILE B 486 -24.19 -40.45 -23.46
CA ILE B 486 -23.57 -40.88 -22.22
C ILE B 486 -22.39 -41.77 -22.56
N ASP B 487 -21.18 -41.30 -22.25
CA ASP B 487 -19.98 -42.11 -22.43
C ASP B 487 -19.70 -42.90 -21.15
N GLU B 488 -18.98 -44.01 -21.31
CA GLU B 488 -18.69 -44.93 -20.21
C GLU B 488 -19.99 -45.36 -19.53
N ALA B 489 -20.98 -45.71 -20.36
CA ALA B 489 -22.34 -45.92 -19.88
C ALA B 489 -22.46 -47.10 -18.92
N ALA B 490 -21.54 -48.06 -18.99
CA ALA B 490 -21.60 -49.24 -18.12
C ALA B 490 -20.91 -49.04 -16.78
N GLN B 491 -20.37 -47.85 -16.52
CA GLN B 491 -19.65 -47.56 -15.28
C GLN B 491 -20.44 -46.65 -14.36
N CYS B 492 -21.74 -46.50 -14.61
CA CYS B 492 -22.61 -45.64 -13.81
C CYS B 492 -23.93 -46.34 -13.56
N VAL B 493 -24.50 -46.11 -12.38
CA VAL B 493 -25.79 -46.70 -12.01
C VAL B 493 -26.90 -46.12 -12.87
N GLU B 494 -28.07 -46.76 -12.83
CA GLU B 494 -29.16 -46.41 -13.73
C GLU B 494 -29.66 -44.99 -13.49
N LEU B 495 -29.86 -44.62 -12.22
CA LEU B 495 -30.38 -43.29 -11.91
C LEU B 495 -29.42 -42.20 -12.36
N SER B 496 -28.11 -42.47 -12.34
CA SER B 496 -27.16 -41.48 -12.83
C SER B 496 -27.33 -41.26 -14.33
N ALA B 497 -27.59 -42.33 -15.07
CA ALA B 497 -27.91 -42.17 -16.49
C ALA B 497 -29.23 -41.46 -16.70
N LEU B 498 -30.19 -41.65 -15.78
CA LEU B 498 -31.48 -40.99 -15.90
C LEU B 498 -31.41 -39.50 -15.59
N ILE B 499 -30.41 -39.07 -14.83
CA ILE B 499 -30.32 -37.66 -14.42
C ILE B 499 -30.33 -36.72 -15.62
N PRO B 500 -29.44 -36.86 -16.62
CA PRO B 500 -29.42 -35.89 -17.72
C PRO B 500 -30.59 -36.01 -18.68
N LEU B 501 -31.50 -36.95 -18.47
CA LEU B 501 -32.59 -37.20 -19.41
C LEU B 501 -33.88 -36.47 -19.05
N LYS B 502 -33.88 -35.66 -18.00
CA LYS B 502 -35.09 -34.96 -17.57
C LYS B 502 -35.29 -33.63 -18.29
N TYR B 503 -34.46 -33.30 -19.27
CA TYR B 503 -34.55 -32.04 -20.00
C TYR B 503 -35.09 -32.24 -21.42
N GLY B 504 -36.12 -33.08 -21.55
CA GLY B 504 -36.76 -33.28 -22.83
C GLY B 504 -35.98 -34.15 -23.79
N CYS B 505 -35.20 -35.09 -23.28
CA CYS B 505 -34.40 -35.95 -24.14
C CYS B 505 -35.27 -37.02 -24.79
N ASN B 506 -35.18 -37.13 -26.11
CA ASN B 506 -35.82 -38.18 -26.86
C ASN B 506 -34.83 -39.02 -27.66
N LYS B 507 -33.53 -38.76 -27.53
CA LYS B 507 -32.49 -39.52 -28.19
C LYS B 507 -31.32 -39.66 -27.23
N CYS B 508 -30.95 -40.90 -26.91
CA CYS B 508 -29.91 -41.20 -25.93
C CYS B 508 -28.96 -42.23 -26.52
N ILE B 509 -27.71 -41.85 -26.71
CA ILE B 509 -26.67 -42.74 -27.23
C ILE B 509 -25.78 -43.15 -26.06
N LEU B 510 -25.77 -44.45 -25.76
CA LEU B 510 -25.01 -44.98 -24.63
C LEU B 510 -23.78 -45.71 -25.18
N VAL B 511 -22.60 -45.12 -24.97
CA VAL B 511 -21.34 -45.74 -25.36
C VAL B 511 -20.71 -46.35 -24.12
N GLY B 512 -20.55 -47.67 -24.11
CA GLY B 512 -20.02 -48.33 -22.94
C GLY B 512 -19.49 -49.72 -23.24
N ASP B 513 -19.16 -50.44 -22.18
CA ASP B 513 -18.67 -51.81 -22.28
C ASP B 513 -18.89 -52.53 -20.95
N PRO B 514 -19.97 -53.31 -20.83
CA PRO B 514 -20.20 -54.04 -19.57
C PRO B 514 -19.16 -55.11 -19.30
N LYS B 515 -18.37 -55.52 -20.29
CA LYS B 515 -17.30 -56.48 -20.04
C LYS B 515 -16.13 -55.86 -19.31
N GLN B 516 -16.04 -54.53 -19.23
CA GLN B 516 -15.01 -53.87 -18.45
C GLN B 516 -15.58 -53.52 -17.08
N LEU B 517 -15.11 -52.46 -16.45
CA LEU B 517 -15.40 -52.25 -15.04
C LEU B 517 -16.86 -51.86 -14.84
N PRO B 518 -17.49 -52.31 -13.76
CA PRO B 518 -18.85 -51.89 -13.44
C PRO B 518 -18.81 -50.58 -12.68
N PRO B 519 -19.97 -50.01 -12.34
CA PRO B 519 -19.96 -48.81 -11.49
C PRO B 519 -19.46 -49.16 -10.09
N THR B 520 -18.85 -48.18 -9.44
CA THR B 520 -18.43 -48.37 -8.06
C THR B 520 -19.67 -48.52 -7.19
N VAL B 521 -19.88 -49.72 -6.68
CA VAL B 521 -21.02 -50.01 -5.80
C VAL B 521 -20.43 -50.52 -4.49
N LEU B 522 -20.26 -49.61 -3.54
CA LEU B 522 -19.74 -49.97 -2.23
C LEU B 522 -20.70 -50.90 -1.49
N SER B 523 -21.97 -50.89 -1.86
CA SER B 523 -22.96 -51.74 -1.20
C SER B 523 -22.82 -53.16 -1.71
N GLN B 524 -22.28 -54.04 -0.86
CA GLN B 524 -22.15 -55.45 -1.22
C GLN B 524 -23.49 -56.14 -1.28
N SER B 525 -24.45 -55.71 -0.45
CA SER B 525 -25.79 -56.29 -0.49
C SER B 525 -26.53 -55.87 -1.76
N ALA B 526 -26.51 -54.56 -2.07
CA ALA B 526 -27.17 -54.08 -3.27
C ALA B 526 -26.55 -54.66 -4.54
N ALA B 527 -25.25 -54.94 -4.51
CA ALA B 527 -24.61 -55.59 -5.66
C ALA B 527 -25.18 -56.99 -5.85
N LYS B 528 -25.51 -57.68 -4.75
CA LYS B 528 -26.17 -58.97 -4.86
C LYS B 528 -27.60 -58.83 -5.38
N TYR B 529 -28.28 -57.73 -5.02
CA TYR B 529 -29.62 -57.51 -5.54
C TYR B 529 -29.61 -57.07 -7.00
N GLY B 530 -28.47 -56.65 -7.52
CA GLY B 530 -28.35 -56.21 -8.89
C GLY B 530 -28.21 -54.70 -9.09
N TYR B 531 -27.88 -53.94 -8.03
CA TYR B 531 -27.73 -52.50 -8.19
C TYR B 531 -26.47 -52.12 -8.93
N ASP B 532 -25.51 -53.02 -9.06
CA ASP B 532 -24.32 -52.77 -9.87
C ASP B 532 -24.60 -52.92 -11.36
N GLN B 533 -25.86 -53.09 -11.73
CA GLN B 533 -26.27 -53.22 -13.12
C GLN B 533 -26.67 -51.86 -13.66
N SER B 534 -25.97 -51.41 -14.70
CA SER B 534 -26.30 -50.16 -15.36
C SER B 534 -27.52 -50.33 -16.26
N LEU B 535 -28.09 -49.20 -16.67
CA LEU B 535 -29.19 -49.23 -17.64
C LEU B 535 -28.74 -49.87 -18.96
N PHE B 536 -27.50 -49.59 -19.37
CA PHE B 536 -26.92 -50.26 -20.53
C PHE B 536 -27.02 -51.77 -20.40
N VAL B 537 -26.65 -52.30 -19.24
CA VAL B 537 -26.64 -53.75 -19.03
C VAL B 537 -28.05 -54.31 -19.12
N ARG B 538 -29.03 -53.61 -18.55
CA ARG B 538 -30.41 -54.08 -18.60
C ARG B 538 -30.94 -54.09 -20.03
N MET B 539 -30.67 -53.02 -20.79
CA MET B 539 -31.13 -52.95 -22.17
C MET B 539 -30.49 -54.02 -23.04
N GLN B 540 -29.18 -54.27 -22.84
CA GLN B 540 -28.53 -55.34 -23.58
C GLN B 540 -29.00 -56.71 -23.12
N LYS B 541 -29.40 -56.83 -21.85
CA LYS B 541 -29.93 -58.08 -21.33
C LYS B 541 -31.28 -58.40 -21.96
N ASN B 542 -32.09 -57.38 -22.22
CA ASN B 542 -33.41 -57.63 -22.81
C ASN B 542 -33.35 -57.72 -24.33
N HIS B 543 -32.59 -56.84 -24.98
CA HIS B 543 -32.50 -56.79 -26.44
C HIS B 543 -31.03 -56.81 -26.86
N PRO B 544 -30.38 -57.97 -26.77
CA PRO B 544 -28.95 -58.03 -27.13
C PRO B 544 -28.69 -57.80 -28.61
N LYS B 545 -29.62 -58.19 -29.49
CA LYS B 545 -29.40 -58.05 -30.92
C LYS B 545 -29.40 -56.60 -31.38
N ASP B 546 -29.86 -55.66 -30.56
CA ASP B 546 -29.91 -54.25 -30.92
C ASP B 546 -28.68 -53.48 -30.48
N VAL B 547 -27.68 -54.14 -29.90
CA VAL B 547 -26.47 -53.47 -29.43
C VAL B 547 -25.44 -53.47 -30.54
N HIS B 548 -24.85 -52.30 -30.80
CA HIS B 548 -23.83 -52.15 -31.83
C HIS B 548 -22.46 -52.35 -31.22
N LEU B 549 -21.78 -53.42 -31.61
CA LEU B 549 -20.47 -53.77 -31.08
C LEU B 549 -19.37 -53.26 -31.99
N LEU B 550 -18.40 -52.54 -31.42
CA LEU B 550 -17.19 -52.18 -32.14
C LEU B 550 -16.22 -53.36 -32.06
N ASP B 551 -15.91 -53.96 -33.20
CA ASP B 551 -15.29 -55.27 -33.22
C ASP B 551 -13.79 -55.26 -33.53
N MET B 552 -13.22 -54.13 -33.88
CA MET B 552 -11.80 -54.06 -34.24
C MET B 552 -11.06 -53.12 -33.27
N GLN B 553 -10.09 -53.67 -32.55
CA GLN B 553 -9.24 -52.92 -31.64
C GLN B 553 -7.92 -52.57 -32.31
N TYR B 554 -7.33 -51.45 -31.89
CA TYR B 554 -6.10 -50.95 -32.49
C TYR B 554 -5.06 -50.59 -31.44
N ARG B 555 -5.14 -51.20 -30.25
CA ARG B 555 -4.24 -50.89 -29.15
C ARG B 555 -3.24 -52.02 -28.90
N MET B 556 -3.71 -53.23 -28.67
CA MET B 556 -2.88 -54.32 -28.17
C MET B 556 -2.19 -55.04 -29.32
N HIS B 557 -0.95 -55.48 -29.05
CA HIS B 557 -0.31 -56.46 -29.91
C HIS B 557 -1.17 -57.72 -29.96
N PRO B 558 -1.22 -58.41 -31.10
CA PRO B 558 -2.09 -59.60 -31.21
C PRO B 558 -1.89 -60.63 -30.11
N GLU B 559 -0.68 -60.79 -29.58
CA GLU B 559 -0.49 -61.72 -28.47
C GLU B 559 -1.18 -61.23 -27.21
N ILE B 560 -1.20 -59.91 -26.99
CA ILE B 560 -1.85 -59.36 -25.80
C ILE B 560 -3.36 -59.46 -25.92
N SER B 561 -3.90 -59.22 -27.12
CA SER B 561 -5.34 -59.22 -27.32
C SER B 561 -5.91 -60.62 -27.52
N ARG B 562 -5.06 -61.59 -27.84
CA ARG B 562 -5.49 -62.96 -28.13
C ARG B 562 -6.38 -63.52 -27.03
N PHE B 563 -5.88 -63.56 -25.79
CA PHE B 563 -6.63 -64.19 -24.71
C PHE B 563 -7.88 -63.38 -24.32
N PRO B 564 -7.81 -62.06 -24.10
CA PRO B 564 -9.05 -61.34 -23.72
C PRO B 564 -10.13 -61.44 -24.78
N SER B 565 -9.78 -61.32 -26.07
CA SER B 565 -10.80 -61.42 -27.11
C SER B 565 -11.56 -62.74 -27.02
N LYS B 566 -10.82 -63.85 -26.97
CA LYS B 566 -11.45 -65.16 -26.94
C LYS B 566 -12.25 -65.37 -25.66
N GLU B 567 -11.66 -65.07 -24.51
CA GLU B 567 -12.25 -65.47 -23.24
C GLU B 567 -13.26 -64.47 -22.69
N PHE B 568 -13.33 -63.25 -23.21
CA PHE B 568 -14.25 -62.25 -22.72
C PHE B 568 -15.17 -61.68 -23.78
N TYR B 569 -14.75 -61.65 -25.05
CA TYR B 569 -15.56 -61.07 -26.11
C TYR B 569 -15.96 -62.12 -27.14
N GLU B 570 -16.01 -63.38 -26.71
CA GLU B 570 -16.56 -64.48 -27.51
C GLU B 570 -15.91 -64.58 -28.88
N GLY B 571 -14.62 -64.25 -28.95
CA GLY B 571 -13.92 -64.24 -30.23
C GLY B 571 -14.45 -63.23 -31.22
N LEU B 572 -15.20 -62.23 -30.76
CA LEU B 572 -15.75 -61.20 -31.64
C LEU B 572 -14.84 -59.99 -31.76
N LEU B 573 -13.91 -59.80 -30.82
CA LEU B 573 -13.00 -58.66 -30.86
C LEU B 573 -11.84 -58.99 -31.78
N GLN B 574 -11.83 -58.40 -32.96
CA GLN B 574 -10.79 -58.65 -33.94
C GLN B 574 -9.68 -57.62 -33.81
N ASP B 575 -8.47 -58.01 -34.22
CA ASP B 575 -7.34 -57.10 -34.22
C ASP B 575 -7.34 -56.29 -35.51
N GLY B 576 -6.83 -55.07 -35.41
CA GLY B 576 -6.70 -54.24 -36.60
C GLY B 576 -5.70 -54.80 -37.58
N ALA B 577 -5.62 -54.15 -38.73
CA ALA B 577 -4.68 -54.58 -39.76
C ALA B 577 -3.27 -54.24 -39.34
N ASP B 578 -2.36 -55.20 -39.49
CA ASP B 578 -0.93 -55.00 -39.24
C ASP B 578 -0.68 -54.59 -37.78
N MET B 579 -1.42 -55.20 -36.85
CA MET B 579 -1.26 -54.84 -35.44
C MET B 579 0.06 -55.36 -34.90
N ALA B 580 0.45 -56.58 -35.27
CA ALA B 580 1.75 -57.10 -34.88
C ALA B 580 2.87 -56.27 -35.49
N ARG B 581 2.67 -55.81 -36.73
CA ARG B 581 3.69 -54.98 -37.38
C ARG B 581 3.77 -53.60 -36.74
N LEU B 582 2.66 -53.06 -36.25
CA LEU B 582 2.67 -51.74 -35.63
C LEU B 582 3.22 -51.75 -34.22
N ARG B 583 3.00 -52.84 -33.47
CA ARG B 583 3.50 -52.95 -32.11
C ARG B 583 4.87 -53.62 -32.03
N LEU B 584 5.57 -53.77 -33.16
CA LEU B 584 6.90 -54.38 -33.14
C LEU B 584 7.89 -53.44 -32.46
N GLN B 585 8.50 -53.89 -31.38
CA GLN B 585 9.45 -53.11 -30.61
C GLN B 585 10.80 -53.79 -30.54
N PRO B 586 11.89 -53.03 -30.40
CA PRO B 586 13.22 -53.64 -30.36
C PRO B 586 13.41 -54.64 -29.22
N TRP B 587 12.92 -54.32 -28.02
CA TRP B 587 13.14 -55.21 -26.88
C TRP B 587 12.43 -56.55 -27.02
N HIS B 588 11.52 -56.69 -27.99
CA HIS B 588 10.94 -57.99 -28.27
C HIS B 588 11.98 -58.97 -28.82
N GLN B 589 13.17 -58.49 -29.18
CA GLN B 589 14.25 -59.37 -29.60
C GLN B 589 14.69 -60.28 -28.46
N SER B 590 14.50 -59.85 -27.22
CA SER B 590 14.78 -60.68 -26.05
C SER B 590 13.61 -61.63 -25.81
N VAL B 591 13.93 -62.90 -25.60
CA VAL B 591 12.90 -63.92 -25.44
C VAL B 591 11.95 -63.57 -24.30
N LEU B 592 12.52 -63.15 -23.16
CA LEU B 592 11.72 -62.86 -21.97
C LEU B 592 11.12 -61.46 -21.98
N LEU B 593 11.37 -60.65 -23.00
CA LEU B 593 10.83 -59.30 -23.10
C LEU B 593 9.94 -59.17 -24.33
N GLY B 594 9.17 -60.21 -24.63
CA GLY B 594 8.31 -60.22 -25.79
C GLY B 594 7.03 -59.44 -25.59
N PRO B 595 6.06 -59.66 -26.48
CA PRO B 595 4.79 -58.92 -26.36
C PRO B 595 3.95 -59.35 -25.18
N TYR B 596 4.05 -60.61 -24.74
CA TYR B 596 3.18 -61.13 -23.69
C TYR B 596 3.89 -62.30 -23.02
N ARG B 597 3.83 -62.34 -21.68
CA ARG B 597 4.50 -63.37 -20.92
C ARG B 597 3.97 -63.38 -19.50
N PHE B 598 3.94 -64.57 -18.90
CA PHE B 598 3.52 -64.76 -17.51
C PHE B 598 4.71 -65.29 -16.72
N PHE B 599 5.14 -64.52 -15.72
CA PHE B 599 6.23 -64.93 -14.83
C PHE B 599 5.61 -65.48 -13.54
N ASP B 600 5.82 -66.77 -13.29
CA ASP B 600 5.27 -67.42 -12.10
C ASP B 600 6.17 -67.09 -10.91
N VAL B 601 5.92 -65.92 -10.33
CA VAL B 601 6.68 -65.43 -9.18
C VAL B 601 6.09 -66.06 -7.93
N LYS B 602 6.70 -67.15 -7.46
CA LYS B 602 6.27 -67.81 -6.23
C LYS B 602 6.70 -66.98 -5.03
N GLY B 603 5.74 -66.34 -4.37
CA GLY B 603 6.03 -65.49 -3.23
C GLY B 603 5.06 -65.66 -2.08
N SER B 604 4.92 -64.63 -1.24
CA SER B 604 4.03 -64.69 -0.09
C SER B 604 3.32 -63.36 0.08
N GLN B 605 2.02 -63.42 0.34
CA GLN B 605 1.19 -62.24 0.56
C GLN B 605 1.08 -61.91 2.04
N GLU B 606 0.84 -60.64 2.33
CA GLU B 606 0.73 -60.16 3.70
C GLU B 606 -0.12 -58.90 3.72
N ARG B 607 -0.92 -58.73 4.77
CA ARG B 607 -1.75 -57.55 4.89
C ARG B 607 -0.89 -56.28 4.93
N GLY B 608 -1.37 -55.25 4.25
CA GLY B 608 -0.69 -53.98 4.23
C GLY B 608 -0.80 -53.25 5.56
N PRO B 609 -0.22 -52.05 5.61
CA PRO B 609 -0.30 -51.23 6.82
C PRO B 609 -1.75 -50.90 7.15
N LYS B 610 -2.05 -50.81 8.45
CA LYS B 610 -3.41 -50.57 8.95
C LYS B 610 -4.35 -51.71 8.59
N ASN B 611 -3.80 -52.90 8.36
CA ASN B 611 -4.58 -54.06 7.93
C ASN B 611 -5.47 -53.72 6.74
N GLN B 612 -4.87 -53.09 5.73
CA GLN B 612 -5.63 -52.59 4.60
C GLN B 612 -5.89 -53.69 3.57
N SER B 613 -4.98 -53.86 2.62
CA SER B 613 -5.20 -54.86 1.58
C SER B 613 -4.09 -55.90 1.58
N LEU B 614 -3.28 -55.94 0.52
CA LEU B 614 -2.24 -56.96 0.40
C LEU B 614 -0.97 -56.38 -0.20
N VAL B 615 0.15 -56.97 0.21
CA VAL B 615 1.46 -56.66 -0.34
C VAL B 615 2.14 -57.98 -0.69
N ASN B 616 2.91 -57.99 -1.78
CA ASN B 616 3.73 -59.14 -2.16
C ASN B 616 5.13 -58.60 -2.45
N GLU B 617 6.01 -58.67 -1.45
CA GLU B 617 7.34 -58.09 -1.60
C GLU B 617 8.15 -58.80 -2.67
N GLU B 618 7.96 -60.11 -2.83
CA GLU B 618 8.69 -60.85 -3.86
C GLU B 618 8.30 -60.37 -5.25
N GLU B 619 7.01 -60.07 -5.46
CA GLU B 619 6.60 -59.54 -6.75
C GLU B 619 7.15 -58.14 -6.97
N VAL B 620 7.30 -57.35 -5.91
CA VAL B 620 7.95 -56.05 -6.04
C VAL B 620 9.40 -56.21 -6.46
N LYS B 621 10.11 -57.15 -5.82
CA LYS B 621 11.49 -57.42 -6.20
C LYS B 621 11.59 -57.84 -7.66
N VAL B 622 10.68 -58.73 -8.10
CA VAL B 622 10.72 -59.20 -9.48
C VAL B 622 10.38 -58.08 -10.45
N ALA B 623 9.45 -57.19 -10.08
CA ALA B 623 9.12 -56.07 -10.95
C ALA B 623 10.30 -55.13 -11.10
N MET B 624 11.00 -54.84 -9.99
CA MET B 624 12.19 -54.00 -10.07
C MET B 624 13.27 -54.67 -10.90
N GLN B 625 13.43 -55.99 -10.74
CA GLN B 625 14.44 -56.71 -11.51
C GLN B 625 14.12 -56.70 -13.00
N LEU B 626 12.84 -56.83 -13.35
CA LEU B 626 12.43 -56.82 -14.75
C LEU B 626 12.63 -55.45 -15.37
N TYR B 627 12.22 -54.39 -14.66
CA TYR B 627 12.47 -53.04 -15.15
C TYR B 627 13.95 -52.77 -15.30
N MET B 628 14.77 -53.25 -14.36
CA MET B 628 16.20 -53.03 -14.44
C MET B 628 16.80 -53.76 -15.64
N ARG B 629 16.39 -55.01 -15.85
CA ARG B 629 16.87 -55.76 -17.01
C ARG B 629 16.52 -55.04 -18.31
N PHE B 630 15.26 -54.62 -18.43
CA PHE B 630 14.81 -53.95 -19.66
C PHE B 630 15.55 -52.64 -19.88
N ARG B 631 15.67 -51.83 -18.83
CA ARG B 631 16.33 -50.52 -18.97
C ARG B 631 17.81 -50.67 -19.27
N SER B 632 18.48 -51.66 -18.67
CA SER B 632 19.90 -51.83 -18.89
C SER B 632 20.20 -52.41 -20.26
N ASP B 633 19.41 -53.38 -20.70
CA ASP B 633 19.67 -54.01 -21.99
C ASP B 633 19.21 -53.16 -23.17
N TYR B 634 18.35 -52.16 -22.93
CA TYR B 634 17.87 -51.26 -23.97
C TYR B 634 17.87 -49.84 -23.39
N ARG B 635 19.07 -49.26 -23.29
CA ARG B 635 19.23 -47.97 -22.63
C ARG B 635 18.84 -46.80 -23.54
N ASP B 636 18.95 -46.95 -24.85
CA ASP B 636 18.82 -45.84 -25.78
C ASP B 636 17.39 -45.62 -26.26
N ILE B 637 16.40 -46.08 -25.51
CA ILE B 637 14.99 -45.89 -25.85
C ILE B 637 14.38 -44.95 -24.82
N ASP B 638 13.87 -43.81 -25.29
CA ASP B 638 13.17 -42.88 -24.41
C ASP B 638 11.89 -43.54 -23.90
N LEU B 639 11.81 -43.73 -22.58
CA LEU B 639 10.71 -44.45 -21.96
C LEU B 639 9.77 -43.54 -21.18
N THR B 640 9.98 -42.22 -21.25
CA THR B 640 9.16 -41.28 -20.49
C THR B 640 7.69 -41.40 -20.87
N GLY B 641 6.87 -41.88 -19.94
CA GLY B 641 5.46 -42.06 -20.20
C GLY B 641 5.11 -43.28 -21.02
N LYS B 642 6.02 -44.26 -21.10
CA LYS B 642 5.79 -45.47 -21.89
C LYS B 642 5.60 -46.72 -21.04
N ILE B 643 5.85 -46.65 -19.73
CA ILE B 643 5.77 -47.81 -18.86
C ILE B 643 4.71 -47.57 -17.80
N GLY B 644 3.92 -48.60 -17.53
CA GLY B 644 2.96 -48.57 -16.44
C GLY B 644 3.07 -49.82 -15.59
N ILE B 645 2.88 -49.65 -14.30
CA ILE B 645 2.89 -50.74 -13.33
C ILE B 645 1.54 -50.73 -12.62
N ILE B 646 0.75 -51.77 -12.86
CA ILE B 646 -0.60 -51.85 -12.31
C ILE B 646 -0.69 -53.04 -11.38
N THR B 647 -1.46 -52.86 -10.30
CA THR B 647 -1.70 -53.94 -9.34
C THR B 647 -3.06 -53.74 -8.69
N PRO B 648 -3.85 -54.82 -8.52
CA PRO B 648 -5.23 -54.66 -8.03
C PRO B 648 -5.34 -54.27 -6.56
N TYR B 649 -4.25 -54.18 -5.82
CA TYR B 649 -4.29 -53.85 -4.40
C TYR B 649 -3.54 -52.55 -4.15
N LYS B 650 -4.16 -51.66 -3.36
CA LYS B 650 -3.60 -50.32 -3.15
C LYS B 650 -2.32 -50.38 -2.33
N ALA B 651 -2.25 -51.29 -1.35
CA ALA B 651 -1.03 -51.43 -0.55
C ALA B 651 0.14 -51.88 -1.41
N GLN B 652 -0.11 -52.84 -2.32
CA GLN B 652 0.94 -53.26 -3.24
C GLN B 652 1.37 -52.11 -4.14
N LEU B 653 0.42 -51.27 -4.55
CA LEU B 653 0.75 -50.09 -5.34
C LEU B 653 1.68 -49.17 -4.57
N GLN B 654 1.34 -48.87 -3.32
CA GLN B 654 2.18 -47.99 -2.51
C GLN B 654 3.55 -48.60 -2.28
N ARG B 655 3.62 -49.92 -2.09
CA ARG B 655 4.91 -50.58 -1.88
C ARG B 655 5.77 -50.51 -3.14
N LEU B 656 5.16 -50.73 -4.31
CA LEU B 656 5.89 -50.62 -5.57
C LEU B 656 6.43 -49.21 -5.77
N ARG B 657 5.58 -48.21 -5.54
CA ARG B 657 6.04 -46.82 -5.64
C ARG B 657 7.19 -46.56 -4.67
N GLN B 658 7.07 -47.06 -3.44
CA GLN B 658 8.10 -46.85 -2.43
C GLN B 658 9.43 -47.42 -2.88
N LYS B 659 9.45 -48.68 -3.31
CA LYS B 659 10.70 -49.31 -3.70
C LYS B 659 11.30 -48.66 -4.95
N PHE B 660 10.46 -48.37 -5.95
CA PHE B 660 10.97 -47.77 -7.17
C PHE B 660 11.52 -46.37 -6.91
N VAL B 661 10.93 -45.62 -5.98
CA VAL B 661 11.47 -44.30 -5.66
C VAL B 661 12.73 -44.43 -4.80
N GLU B 662 12.80 -45.44 -3.92
CA GLU B 662 14.03 -45.67 -3.16
C GLU B 662 15.20 -45.92 -4.10
N ARG B 663 14.98 -46.70 -5.16
CA ARG B 663 16.11 -47.01 -6.03
C ARG B 663 16.36 -45.94 -7.10
N TYR B 664 15.31 -45.38 -7.70
CA TYR B 664 15.44 -44.49 -8.84
C TYR B 664 15.08 -43.05 -8.55
N GLY B 665 14.67 -42.72 -7.32
CA GLY B 665 14.28 -41.37 -6.99
C GLY B 665 12.83 -41.09 -7.34
N GLU B 666 12.36 -39.92 -6.92
CA GLU B 666 10.98 -39.54 -7.18
C GLU B 666 10.71 -39.34 -8.66
N SER B 667 11.74 -39.02 -9.44
CA SER B 667 11.57 -38.81 -10.87
C SER B 667 11.02 -40.03 -11.58
N ILE B 668 11.07 -41.20 -10.94
CA ILE B 668 10.57 -42.41 -11.59
C ILE B 668 9.07 -42.31 -11.79
N THR B 669 8.38 -41.56 -10.92
CA THR B 669 6.95 -41.40 -11.09
C THR B 669 6.60 -40.61 -12.34
N GLU B 670 7.59 -39.94 -12.95
CA GLU B 670 7.38 -39.30 -14.24
C GLU B 670 7.52 -40.28 -15.39
N GLN B 671 8.33 -41.33 -15.22
CA GLN B 671 8.57 -42.28 -16.29
C GLN B 671 7.72 -43.55 -16.19
N ILE B 672 7.19 -43.85 -15.01
CA ILE B 672 6.37 -45.04 -14.81
C ILE B 672 5.04 -44.60 -14.21
N GLU B 673 3.94 -45.04 -14.81
CA GLU B 673 2.60 -44.81 -14.26
C GLU B 673 2.27 -45.91 -13.27
N PHE B 674 2.33 -45.62 -11.98
CA PHE B 674 1.95 -46.58 -10.95
C PHE B 674 0.47 -46.42 -10.64
N ASN B 675 -0.28 -47.53 -10.71
CA ASN B 675 -1.68 -47.44 -10.35
C ASN B 675 -2.28 -48.83 -10.11
N THR B 676 -3.52 -48.82 -9.67
CA THR B 676 -4.35 -50.00 -9.51
C THR B 676 -5.13 -50.29 -10.78
N THR B 677 -5.66 -51.51 -10.88
CA THR B 677 -6.42 -51.90 -12.05
C THR B 677 -7.63 -51.01 -12.26
N ASP B 678 -8.30 -50.63 -11.16
CA ASP B 678 -9.51 -49.81 -11.29
C ASP B 678 -9.18 -48.38 -11.69
N ALA B 679 -8.07 -47.84 -11.19
CA ALA B 679 -7.69 -46.46 -11.46
C ALA B 679 -6.96 -46.28 -12.80
N PHE B 680 -6.95 -47.29 -13.67
CA PHE B 680 -6.20 -47.23 -14.91
C PHE B 680 -7.05 -47.29 -16.17
N GLN B 681 -8.36 -47.51 -16.05
CA GLN B 681 -9.20 -47.66 -17.23
C GLN B 681 -9.24 -46.39 -18.04
N GLY B 682 -9.32 -46.54 -19.37
CA GLY B 682 -9.22 -45.43 -20.29
C GLY B 682 -7.81 -45.03 -20.64
N ARG B 683 -6.83 -45.39 -19.82
CA ARG B 683 -5.43 -45.06 -20.01
C ARG B 683 -4.70 -46.28 -20.58
N GLU B 684 -3.45 -46.05 -20.98
CA GLU B 684 -2.68 -47.10 -21.63
C GLU B 684 -1.20 -46.74 -21.60
N CYS B 685 -0.37 -47.76 -21.78
CA CYS B 685 1.08 -47.57 -21.85
C CYS B 685 1.64 -48.53 -22.89
N GLU B 686 2.85 -48.23 -23.34
CA GLU B 686 3.54 -49.12 -24.27
C GLU B 686 3.86 -50.46 -23.60
N ILE B 687 4.31 -50.42 -22.35
CA ILE B 687 4.69 -51.60 -21.60
C ILE B 687 3.93 -51.57 -20.28
N ILE B 688 3.42 -52.74 -19.86
CA ILE B 688 2.64 -52.84 -18.63
C ILE B 688 3.15 -54.01 -17.81
N ILE B 689 3.63 -53.73 -16.61
CA ILE B 689 3.95 -54.75 -15.61
C ILE B 689 2.75 -54.88 -14.67
N PHE B 690 2.20 -56.09 -14.60
CA PHE B 690 0.96 -56.34 -13.87
C PHE B 690 1.28 -57.28 -12.71
N SER B 691 1.16 -56.78 -11.48
CA SER B 691 1.47 -57.56 -10.29
C SER B 691 0.18 -58.15 -9.72
N CYS B 692 0.13 -59.48 -9.60
CA CYS B 692 -1.08 -60.18 -9.17
C CYS B 692 -1.20 -60.30 -7.65
N VAL B 693 -0.09 -60.16 -6.91
CA VAL B 693 -0.08 -60.04 -5.45
C VAL B 693 -0.51 -61.33 -4.75
N ARG B 694 -1.62 -61.92 -5.18
CA ARG B 694 -2.18 -63.08 -4.49
C ARG B 694 -1.17 -64.20 -4.38
N ALA B 695 -1.01 -64.73 -3.16
CA ALA B 695 -0.04 -65.79 -2.90
C ALA B 695 -0.54 -66.87 -1.95
N SER B 696 -1.64 -66.66 -1.24
CA SER B 696 -2.16 -67.70 -0.35
C SER B 696 -2.86 -68.76 -1.19
N PRO B 697 -2.46 -70.03 -1.12
CA PRO B 697 -3.07 -71.06 -1.95
C PRO B 697 -4.44 -71.51 -1.47
N THR B 698 -4.89 -71.02 -0.32
CA THR B 698 -6.22 -71.30 0.20
C THR B 698 -6.96 -70.00 0.43
N GLY B 699 -8.28 -70.11 0.62
CA GLY B 699 -9.09 -68.94 0.87
C GLY B 699 -9.41 -68.12 -0.35
N GLY B 700 -9.28 -68.68 -1.54
CA GLY B 700 -9.60 -67.97 -2.76
C GLY B 700 -8.58 -66.88 -3.07
N ILE B 701 -8.93 -66.07 -4.06
CA ILE B 701 -8.10 -64.97 -4.51
C ILE B 701 -8.78 -63.62 -4.31
N GLY B 702 -9.82 -63.58 -3.48
CA GLY B 702 -10.54 -62.34 -3.26
C GLY B 702 -11.30 -61.91 -4.51
N PHE B 703 -11.37 -60.59 -4.71
CA PHE B 703 -12.09 -60.02 -5.85
C PHE B 703 -11.34 -60.21 -7.18
N MET B 704 -10.25 -60.95 -7.17
CA MET B 704 -9.55 -61.32 -8.40
C MET B 704 -10.39 -62.22 -9.30
N THR B 705 -11.46 -62.83 -8.77
CA THR B 705 -12.26 -63.76 -9.55
C THR B 705 -13.20 -63.08 -10.55
N ASP B 706 -13.51 -61.80 -10.36
CA ASP B 706 -14.43 -61.12 -11.27
C ASP B 706 -13.69 -60.78 -12.57
N ILE B 707 -14.22 -61.27 -13.69
CA ILE B 707 -13.52 -61.19 -14.96
C ILE B 707 -13.42 -59.77 -15.50
N ARG B 708 -14.25 -58.85 -15.02
CA ARG B 708 -14.21 -57.47 -15.53
C ARG B 708 -12.90 -56.78 -15.15
N ARG B 709 -12.52 -56.86 -13.87
CA ARG B 709 -11.24 -56.31 -13.43
C ARG B 709 -10.08 -56.99 -14.15
N MET B 710 -10.16 -58.32 -14.32
CA MET B 710 -9.09 -59.05 -15.00
C MET B 710 -8.94 -58.58 -16.43
N ASN B 711 -10.06 -58.38 -17.14
CA ASN B 711 -10.00 -57.90 -18.51
C ASN B 711 -9.41 -56.49 -18.58
N VAL B 712 -9.84 -55.60 -17.68
CA VAL B 712 -9.30 -54.25 -17.65
C VAL B 712 -7.79 -54.29 -17.43
N GLY B 713 -7.34 -55.09 -16.46
CA GLY B 713 -5.92 -55.19 -16.18
C GLY B 713 -5.12 -55.79 -17.33
N LEU B 714 -5.70 -56.73 -18.06
CA LEU B 714 -4.97 -57.36 -19.16
C LEU B 714 -4.92 -56.49 -20.41
N THR B 715 -5.90 -55.61 -20.62
CA THR B 715 -6.03 -54.89 -21.88
C THR B 715 -5.52 -53.46 -21.81
N ARG B 716 -4.54 -53.18 -20.94
CA ARG B 716 -3.96 -51.85 -20.86
C ARG B 716 -2.72 -51.69 -21.73
N ALA B 717 -2.03 -52.76 -22.07
CA ALA B 717 -0.73 -52.66 -22.73
C ALA B 717 -0.88 -52.62 -24.24
N ARG B 718 0.03 -51.90 -24.90
CA ARG B 718 0.11 -51.83 -26.35
C ARG B 718 1.13 -52.81 -26.91
N SER B 719 2.37 -52.73 -26.46
CA SER B 719 3.47 -53.51 -27.01
C SER B 719 3.85 -54.71 -26.15
N SER B 720 3.92 -54.55 -24.83
CA SER B 720 4.37 -55.61 -23.96
C SER B 720 3.53 -55.66 -22.70
N LEU B 721 3.05 -56.84 -22.35
CA LEU B 721 2.37 -57.09 -21.08
C LEU B 721 3.13 -58.18 -20.35
N TRP B 722 3.72 -57.84 -19.21
CA TRP B 722 4.47 -58.78 -18.39
C TRP B 722 3.72 -58.96 -17.08
N ILE B 723 3.18 -60.15 -16.86
CA ILE B 723 2.36 -60.47 -15.70
C ILE B 723 3.22 -61.23 -14.69
N LEU B 724 3.18 -60.79 -13.44
CA LEU B 724 3.87 -61.47 -12.34
C LEU B 724 2.80 -61.96 -11.37
N GLY B 725 2.73 -63.28 -11.19
CA GLY B 725 1.75 -63.86 -10.31
C GLY B 725 2.17 -65.23 -9.85
N ASP B 726 1.79 -65.58 -8.62
CA ASP B 726 2.04 -66.91 -8.08
C ASP B 726 0.92 -67.82 -8.55
N SER B 727 1.22 -68.68 -9.53
CA SER B 727 0.20 -69.55 -10.10
C SER B 727 -0.39 -70.48 -9.05
N ARG B 728 0.41 -70.87 -8.06
CA ARG B 728 -0.06 -71.77 -7.01
C ARG B 728 -1.27 -71.21 -6.28
N ALA B 729 -1.37 -69.88 -6.19
CA ALA B 729 -2.55 -69.23 -5.61
C ALA B 729 -3.57 -68.84 -6.68
N LEU B 730 -3.09 -68.37 -7.84
CA LEU B 730 -3.99 -67.85 -8.86
C LEU B 730 -4.83 -68.93 -9.53
N VAL B 731 -4.43 -70.20 -9.42
CA VAL B 731 -5.24 -71.27 -10.01
C VAL B 731 -6.58 -71.43 -9.32
N GLN B 732 -6.75 -70.87 -8.12
CA GLN B 732 -8.04 -70.95 -7.44
C GLN B 732 -9.15 -70.31 -8.26
N GLY B 733 -8.83 -69.26 -9.00
CA GLY B 733 -9.81 -68.67 -9.91
C GLY B 733 -9.83 -69.40 -11.24
N GLU B 734 -11.04 -69.52 -11.80
CA GLU B 734 -11.20 -70.27 -13.04
C GLU B 734 -10.45 -69.61 -14.19
N PHE B 735 -10.63 -68.29 -14.36
CA PHE B 735 -10.06 -67.63 -15.53
C PHE B 735 -8.57 -67.33 -15.37
N TRP B 736 -8.08 -67.15 -14.14
CA TRP B 736 -6.63 -67.07 -13.97
C TRP B 736 -5.97 -68.41 -14.24
N ALA B 737 -6.61 -69.51 -13.82
CA ALA B 737 -6.12 -70.84 -14.18
C ALA B 737 -6.11 -71.01 -15.70
N LYS B 738 -7.17 -70.59 -16.38
CA LYS B 738 -7.22 -70.72 -17.83
C LYS B 738 -6.15 -69.85 -18.49
N LEU B 739 -5.89 -68.66 -17.95
CA LEU B 739 -4.86 -67.79 -18.53
C LEU B 739 -3.47 -68.38 -18.35
N ILE B 740 -3.20 -68.95 -17.17
CA ILE B 740 -1.91 -69.59 -16.94
C ILE B 740 -1.74 -70.81 -17.85
N GLU B 741 -2.82 -71.58 -18.03
CA GLU B 741 -2.76 -72.72 -18.94
C GLU B 741 -2.52 -72.28 -20.37
N ASP B 742 -3.18 -71.20 -20.80
CA ASP B 742 -2.96 -70.67 -22.14
C ASP B 742 -1.53 -70.20 -22.31
N ALA B 743 -0.97 -69.56 -21.28
CA ALA B 743 0.42 -69.13 -21.33
C ALA B 743 1.35 -70.34 -21.43
N LYS B 744 1.01 -71.44 -20.75
CA LYS B 744 1.83 -72.64 -20.85
C LYS B 744 1.82 -73.20 -22.26
N GLN B 745 0.63 -73.42 -22.82
CA GLN B 745 0.48 -74.06 -24.12
C GLN B 745 0.80 -73.13 -25.28
N ARG B 746 1.20 -71.89 -25.02
CA ARG B 746 1.61 -70.96 -26.07
C ARG B 746 3.07 -70.53 -25.93
N ASP B 747 3.81 -71.15 -25.01
CA ASP B 747 5.23 -70.86 -24.79
C ASP B 747 5.42 -69.39 -24.39
N ARG B 748 4.55 -68.92 -23.50
CA ARG B 748 4.63 -67.58 -22.93
C ARG B 748 4.60 -67.63 -21.41
N TYR B 749 5.03 -68.75 -20.83
CA TYR B 749 5.04 -68.96 -19.39
C TYR B 749 6.47 -69.20 -18.93
N THR B 750 6.86 -68.52 -17.85
CA THR B 750 8.21 -68.66 -17.30
C THR B 750 8.12 -68.81 -15.79
N ASN B 751 8.78 -69.84 -15.26
CA ASN B 751 8.84 -70.04 -13.82
C ASN B 751 10.25 -70.39 -13.37
N GLY B 752 10.41 -70.83 -12.13
CA GLY B 752 11.73 -71.13 -11.60
C GLY B 752 12.31 -69.96 -10.84
N ASN B 753 13.63 -69.81 -10.88
CA ASN B 753 14.29 -68.71 -10.19
C ASN B 753 14.25 -67.50 -11.10
N ILE B 754 13.17 -66.72 -10.99
CA ILE B 754 12.95 -65.60 -11.90
C ILE B 754 13.94 -64.47 -11.62
N MET B 755 14.27 -64.26 -10.34
CA MET B 755 15.29 -63.27 -10.00
C MET B 755 16.62 -63.56 -10.66
N ALA B 756 16.94 -64.84 -10.87
CA ALA B 756 18.20 -65.20 -11.51
C ALA B 756 18.12 -65.08 -13.03
N LEU B 757 16.96 -65.42 -13.61
CA LEU B 757 16.83 -65.34 -15.07
C LEU B 757 16.88 -63.91 -15.58
N LEU B 758 16.55 -62.92 -14.75
CA LEU B 758 16.56 -61.53 -15.15
C LEU B 758 17.78 -60.78 -14.66
N SER B 759 18.67 -61.44 -13.90
CA SER B 759 19.86 -60.77 -13.39
C SER B 759 20.91 -60.57 -14.47
N GLN B 760 20.98 -61.46 -15.43
CA GLN B 760 21.86 -61.36 -16.59
C GLN B 760 21.06 -61.03 -17.84
N PRO B 761 21.70 -60.46 -18.86
CA PRO B 761 21.03 -60.32 -20.16
C PRO B 761 20.61 -61.67 -20.70
N GLY B 762 19.33 -61.77 -21.05
CA GLY B 762 18.74 -63.05 -21.40
C GLY B 762 18.93 -63.41 -22.87
N PRO B 763 18.42 -64.58 -23.26
CA PRO B 763 18.56 -65.01 -24.65
C PRO B 763 17.76 -64.15 -25.59
N ARG B 764 18.22 -64.08 -26.84
CA ARG B 764 17.50 -63.41 -27.90
C ARG B 764 16.66 -64.42 -28.68
N VAL B 765 15.64 -63.90 -29.38
CA VAL B 765 14.86 -64.76 -30.26
C VAL B 765 15.73 -65.20 -31.43
N SER B 766 15.27 -66.26 -32.11
CA SER B 766 16.00 -66.76 -33.26
C SER B 766 16.00 -65.72 -34.38
N LEU B 767 17.01 -65.79 -35.24
CA LEU B 767 17.10 -64.84 -36.35
C LEU B 767 15.99 -65.06 -37.37
N GLU B 768 15.53 -66.30 -37.53
CA GLU B 768 14.50 -66.59 -38.51
C GLU B 768 13.15 -66.02 -38.08
N SER B 769 12.88 -66.01 -36.78
CA SER B 769 11.63 -65.41 -36.30
C SER B 769 11.62 -63.91 -36.56
N LEU B 770 12.76 -63.25 -36.36
CA LEU B 770 12.84 -61.82 -36.67
C LEU B 770 12.77 -61.59 -38.18
N ALA B 771 13.26 -62.55 -38.97
CA ALA B 771 13.11 -62.46 -40.41
C ALA B 771 11.64 -62.48 -40.81
N LYS B 772 10.87 -63.40 -40.23
CA LYS B 772 9.43 -63.45 -40.47
C LYS B 772 8.67 -62.36 -39.71
N GLN B 773 9.35 -61.57 -38.88
CA GLN B 773 8.71 -60.47 -38.18
C GLN B 773 8.97 -59.14 -38.90
N TYR B 774 10.24 -58.81 -39.06
CA TYR B 774 10.62 -57.57 -39.74
PB ADP E . 11.17 23.67 4.35
O1B ADP E . 12.19 22.72 3.78
O2B ADP E . 11.71 24.52 5.48
O3B ADP E . 10.34 24.41 3.33
PA ADP E . 10.07 22.53 6.67
O1A ADP E . 11.45 22.10 7.11
O2A ADP E . 9.45 23.78 7.25
O3A ADP E . 10.11 22.69 5.07
O5' ADP E . 9.04 21.31 6.85
C5' ADP E . 9.13 20.17 6.01
C4' ADP E . 7.81 19.39 6.00
O4' ADP E . 7.86 18.39 4.99
C3' ADP E . 7.54 18.69 7.32
O3' ADP E . 6.56 19.40 8.08
C2' ADP E . 7.00 17.32 6.94
O2' ADP E . 5.60 17.26 7.19
C1' ADP E . 7.25 17.17 5.44
N9 ADP E . 8.20 16.05 5.22
C8 ADP E . 9.54 16.15 5.21
N7 ADP E . 10.12 14.95 4.98
C5 ADP E . 9.13 14.05 4.83
C6 ADP E . 9.04 12.59 4.57
N6 ADP E . 10.17 11.85 4.41
N1 ADP E . 7.81 12.04 4.50
C2 ADP E . 6.69 12.77 4.65
N3 ADP E . 6.70 14.09 4.90
C4 ADP E . 7.86 14.78 5.00
S SO4 F . 11.33 27.51 1.67
O1 SO4 F . 10.22 27.37 0.74
O2 SO4 F . 12.18 26.33 1.59
O3 SO4 F . 10.80 27.64 3.02
O4 SO4 F . 12.10 28.70 1.32
S SO4 G . 16.66 9.50 -4.09
O1 SO4 G . 17.38 9.92 -5.28
O2 SO4 G . 17.11 8.17 -3.69
O3 SO4 G . 15.22 9.47 -4.36
O4 SO4 G . 16.92 10.45 -3.00
S SO4 H . 25.25 52.62 -4.93
O1 SO4 H . 24.90 52.99 -6.30
O2 SO4 H . 24.41 51.50 -4.50
O3 SO4 H . 25.04 53.75 -4.04
O4 SO4 H . 26.65 52.21 -4.88
S SO4 I . -10.87 -48.69 -22.67
O1 SO4 I . -12.20 -48.95 -23.22
O2 SO4 I . -10.21 -49.95 -22.40
O3 SO4 I . -11.00 -47.93 -21.43
O4 SO4 I . -10.09 -47.92 -23.63
S SO4 J . -16.92 -56.04 -39.85
O1 SO4 J . -17.80 -55.76 -40.99
O2 SO4 J . -15.61 -56.46 -40.34
O3 SO4 J . -17.51 -57.11 -39.04
O4 SO4 J . -16.78 -54.84 -39.05
S SO4 K . -10.73 -46.07 -26.89
O1 SO4 K . -11.86 -46.97 -26.69
O2 SO4 K . -9.84 -46.63 -27.92
O3 SO4 K . -10.00 -45.92 -25.64
O4 SO4 K . -11.22 -44.76 -27.33
S SO4 L . -0.66 -44.79 -32.91
O1 SO4 L . -0.52 -46.22 -33.23
O2 SO4 L . -1.69 -44.20 -33.76
O3 SO4 L . 0.62 -44.12 -33.13
O4 SO4 L . -1.05 -44.66 -31.51
S SO4 M . -22.25 -26.73 -43.81
O1 SO4 M . -23.22 -26.52 -44.89
O2 SO4 M . -21.39 -27.86 -44.13
O3 SO4 M . -22.96 -27.00 -42.57
O4 SO4 M . -21.44 -25.53 -43.66
S SO4 N . -19.82 -58.97 -25.60
O1 SO4 N . -19.88 -60.35 -26.09
O2 SO4 N . -20.13 -58.05 -26.70
O3 SO4 N . -20.79 -58.79 -24.53
O4 SO4 N . -18.48 -58.70 -25.10
#